data_7SI2
#
_entry.id   7SI2
#
_cell.length_a   123.785
_cell.length_b   226.677
_cell.length_c   186.247
_cell.angle_alpha   90.000
_cell.angle_beta   90.000
_cell.angle_gamma   90.000
#
_symmetry.space_group_name_H-M   'C 2 2 21'
#
loop_
_entity.id
_entity.type
_entity.pdbx_description
1 polymer '10-28 Light Chain'
2 polymer '10-28 Heavy Chain'
3 polymer 'Spike protein S1'
4 branched 2-acetamido-2-deoxy-beta-D-glucopyranose-(1-4)-2-acetamido-2-deoxy-beta-D-glucopyranose
#
loop_
_entity_poly.entity_id
_entity_poly.type
_entity_poly.pdbx_seq_one_letter_code
_entity_poly.pdbx_strand_id
1 'polypeptide(L)'
;DIQMTQSPSSLSASVGDRVTITCRASQSISSYLNWYQQKPGKAPKLLIYAASSLQSGVPSRFSGSGSGTDFTLTISSLQP
EDFATYYCQQSYSTPGVTFGPGTKVDIKRTVAAPSVFIFPPSDEQLKSGTASVVCLLNNFYPREAKVQWKVDNALQSGNS
QESVTEQDSKDSTYSLSSTLTLSKADYEKHKVYACEVTHQGLSSPVTKSFNRGECS
;
D,F,L
2 'polypeptide(L)'
;QVQLVESGGGVVQPGRSLRLSCAASGFTFSSYDMHWVRQAPGKGLEWVAVISYDGSSKFYAESVKGRFTISRDNSKNTLY
LQMNSLRAEETAVYYCVKDGEQLVPLFDYWGQGTLVTVSSASTKGPSVFPLAPSSKSTSGGTAALGCLVKDYFPEPVTVS
WNSGALTSGVHTFPAVLQSSGLYSLSSVVTVPSSSLGTQTYICNVNHKPSNTKVDKKVEPKSCDKT
;
E,G,H
3 'polypeptide(L)'
;RVQPTESIVRFPNITNLCPFGEVFNATRFASVYAWNRKRISNCVADYSVLYNSASFSTFKCYGVSPTKLNDLCFTNVYAD
SFVIRGDEVRQIAPGQTGKIADYNYKLPDDFTGCVIAWNSNNLDSKVGGNYNYLYRLFRKSNLKPFERDISTEIYQAGST
PCNGVEGFNCYFPLQSYGFQPTNGVGYQPYRVVVLSFELLHAPATVCGPKKSTNLVKNKGSLEVLFQGPGHHHHHH
;
A,B,C
#
# COMPACT_ATOMS: atom_id res chain seq x y z
N ASP A 1 -18.65 -14.05 -7.37
CA ASP A 1 -19.32 -14.14 -6.07
C ASP A 1 -19.01 -12.86 -5.22
N ILE A 2 -20.04 -12.20 -4.69
CA ILE A 2 -19.90 -10.98 -3.89
C ILE A 2 -20.95 -11.08 -2.79
N GLN A 3 -20.52 -11.04 -1.54
CA GLN A 3 -21.37 -11.32 -0.39
C GLN A 3 -21.65 -10.02 0.35
N MET A 4 -22.91 -9.81 0.73
CA MET A 4 -23.34 -8.65 1.51
C MET A 4 -23.65 -9.10 2.92
N THR A 5 -23.14 -8.35 3.89
CA THR A 5 -23.40 -8.62 5.31
C THR A 5 -23.96 -7.33 5.89
N GLN A 6 -24.94 -7.44 6.75
CA GLN A 6 -25.51 -6.24 7.38
C GLN A 6 -25.33 -6.34 8.89
N SER A 7 -25.37 -5.20 9.56
CA SER A 7 -25.23 -5.17 11.03
C SER A 7 -26.06 -4.02 11.58
N PRO A 8 -26.70 -4.12 12.76
CA PRO A 8 -26.88 -5.38 13.51
C PRO A 8 -28.05 -6.21 12.93
N SER A 9 -28.15 -7.52 13.13
CA SER A 9 -29.31 -8.22 12.55
C SER A 9 -30.62 -8.01 13.33
N SER A 10 -30.54 -7.48 14.55
CA SER A 10 -31.68 -7.08 15.37
C SER A 10 -31.49 -5.65 15.81
N LEU A 11 -32.58 -4.89 15.90
CA LEU A 11 -32.50 -3.51 16.38
C LEU A 11 -33.81 -3.15 17.08
N SER A 12 -33.75 -2.70 18.34
CA SER A 12 -34.91 -2.18 19.01
C SER A 12 -34.80 -0.67 19.10
N ALA A 13 -35.84 0.03 18.66
CA ALA A 13 -35.82 1.47 18.76
C ALA A 13 -37.18 1.99 19.17
N SER A 14 -37.17 3.18 19.77
CA SER A 14 -38.35 3.96 20.12
C SER A 14 -38.62 5.00 19.02
N VAL A 15 -39.87 5.45 19.00
CA VAL A 15 -40.26 6.52 18.09
C VAL A 15 -39.55 7.79 18.51
N GLY A 16 -38.99 8.49 17.54
CA GLY A 16 -38.15 9.65 17.79
C GLY A 16 -36.68 9.36 17.90
N ASP A 17 -36.23 8.24 17.35
CA ASP A 17 -34.83 7.81 17.43
C ASP A 17 -34.12 8.03 16.10
N ARG A 18 -32.81 8.28 16.20
CA ARG A 18 -31.89 8.22 15.07
C ARG A 18 -31.49 6.77 14.91
N VAL A 19 -31.77 6.18 13.76
CA VAL A 19 -31.53 4.76 13.54
C VAL A 19 -30.49 4.64 12.44
N THR A 20 -29.60 3.66 12.59
CA THR A 20 -28.51 3.50 11.64
C THR A 20 -28.36 2.01 11.34
N ILE A 21 -28.51 1.60 10.09
CA ILE A 21 -28.22 0.23 9.68
C ILE A 21 -27.04 0.26 8.74
N THR A 22 -26.10 -0.67 8.91
CA THR A 22 -24.93 -0.73 8.04
C THR A 22 -24.94 -2.00 7.18
N CYS A 23 -24.58 -1.83 5.92
CA CYS A 23 -24.37 -2.90 4.97
C CYS A 23 -22.87 -2.94 4.62
N ARG A 24 -22.36 -4.11 4.26
CA ARG A 24 -20.93 -4.23 3.98
C ARG A 24 -20.75 -5.24 2.86
N ALA A 25 -19.95 -4.90 1.86
CA ALA A 25 -19.76 -5.74 0.69
C ALA A 25 -18.41 -6.43 0.68
N SER A 26 -18.37 -7.69 0.20
CA SER A 26 -17.11 -8.42 0.21
C SER A 26 -16.04 -7.70 -0.61
N GLN A 27 -16.44 -6.79 -1.50
CA GLN A 27 -15.52 -6.05 -2.32
C GLN A 27 -16.15 -4.72 -2.74
N SER A 28 -15.31 -3.82 -3.25
CA SER A 28 -15.82 -2.58 -3.81
C SER A 28 -16.89 -2.86 -4.86
N ILE A 29 -18.09 -2.35 -4.61
CA ILE A 29 -19.18 -2.35 -5.58
C ILE A 29 -19.49 -0.92 -5.97
N SER A 30 -18.49 -0.04 -5.84
CA SER A 30 -18.66 1.37 -6.11
C SER A 30 -19.83 1.89 -5.31
N SER A 31 -20.86 2.35 -5.98
CA SER A 31 -22.03 2.81 -5.27
C SER A 31 -23.31 2.34 -5.98
N TYR A 32 -23.26 1.11 -6.52
CA TYR A 32 -24.46 0.44 -7.03
C TYR A 32 -25.16 -0.33 -5.92
N LEU A 33 -25.72 0.40 -4.97
CA LEU A 33 -26.29 -0.23 -3.79
C LEU A 33 -27.69 0.29 -3.48
N ASN A 34 -28.66 -0.63 -3.35
CA ASN A 34 -30.05 -0.27 -3.08
C ASN A 34 -30.55 -0.81 -1.75
N TRP A 35 -31.53 -0.11 -1.14
CA TRP A 35 -32.14 -0.51 0.14
C TRP A 35 -33.63 -0.76 0.01
N TYR A 36 -34.13 -1.81 0.68
CA TYR A 36 -35.54 -2.16 0.63
C TYR A 36 -36.19 -2.23 2.01
N GLN A 37 -37.48 -2.00 2.06
CA GLN A 37 -38.22 -2.18 3.29
C GLN A 37 -39.23 -3.28 3.05
N GLN A 38 -39.37 -4.18 4.02
CA GLN A 38 -40.34 -5.25 3.93
C GLN A 38 -40.99 -5.38 5.29
N LYS A 39 -42.31 -5.50 5.30
CA LYS A 39 -43.09 -5.74 6.51
C LYS A 39 -43.69 -7.12 6.44
N PRO A 40 -44.04 -7.72 7.57
CA PRO A 40 -44.39 -9.15 7.53
C PRO A 40 -45.57 -9.42 6.62
N GLY A 41 -45.42 -10.41 5.74
CA GLY A 41 -46.46 -10.77 4.80
C GLY A 41 -46.63 -9.85 3.60
N LYS A 42 -46.02 -8.68 3.59
CA LYS A 42 -46.06 -7.81 2.42
C LYS A 42 -44.84 -8.05 1.53
N ALA A 43 -44.78 -7.34 0.38
CA ALA A 43 -43.67 -7.40 -0.53
C ALA A 43 -42.64 -6.34 -0.16
N PRO A 44 -41.40 -6.46 -0.65
CA PRO A 44 -40.39 -5.43 -0.39
C PRO A 44 -40.68 -4.17 -1.18
N LYS A 45 -40.42 -3.02 -0.57
CA LYS A 45 -40.63 -1.73 -1.23
C LYS A 45 -39.34 -0.94 -1.18
N LEU A 46 -39.01 -0.35 -2.32
CA LEU A 46 -37.76 0.37 -2.49
C LEU A 46 -37.69 1.69 -1.73
N LEU A 47 -36.60 1.88 -0.99
CA LEU A 47 -36.33 3.12 -0.27
C LEU A 47 -35.23 3.93 -0.92
N ILE A 48 -34.00 3.40 -1.04
CA ILE A 48 -32.85 4.14 -1.56
C ILE A 48 -32.25 3.38 -2.73
N TYR A 49 -31.83 4.10 -3.78
CA TYR A 49 -31.16 3.50 -4.92
C TYR A 49 -29.90 4.27 -5.25
N ALA A 50 -28.98 3.57 -5.91
CA ALA A 50 -27.66 4.09 -6.23
C ALA A 50 -27.03 4.72 -4.99
N ALA A 51 -26.96 3.92 -3.92
CA ALA A 51 -26.30 4.29 -2.68
C ALA A 51 -26.98 5.43 -1.93
N SER A 52 -27.36 6.49 -2.63
CA SER A 52 -27.63 7.73 -1.92
C SER A 52 -28.92 8.45 -2.29
N SER A 53 -29.46 8.24 -3.49
CA SER A 53 -30.62 8.99 -3.95
C SER A 53 -31.90 8.23 -3.64
N LEU A 54 -32.98 8.98 -3.46
CA LEU A 54 -34.20 8.59 -2.78
C LEU A 54 -35.29 8.22 -3.79
N GLN A 55 -36.14 7.26 -3.43
CA GLN A 55 -37.28 6.91 -4.29
C GLN A 55 -38.35 7.97 -4.15
N SER A 56 -39.16 8.13 -5.20
CA SER A 56 -40.29 9.04 -5.14
C SER A 56 -41.38 8.44 -4.27
N GLY A 57 -42.02 9.30 -3.48
CA GLY A 57 -42.99 8.83 -2.51
C GLY A 57 -42.40 8.40 -1.19
N VAL A 58 -41.08 8.29 -1.08
CA VAL A 58 -40.41 7.95 0.17
C VAL A 58 -40.17 9.18 1.02
N PRO A 59 -40.54 9.14 2.30
CA PRO A 59 -40.31 10.30 3.17
C PRO A 59 -38.84 10.63 3.22
N SER A 60 -38.57 11.92 3.48
CA SER A 60 -37.21 12.44 3.51
C SER A 60 -36.46 12.14 4.81
N ARG A 61 -37.07 11.48 5.80
CA ARG A 61 -36.34 11.06 6.98
C ARG A 61 -35.49 9.83 6.72
N PHE A 62 -35.59 9.24 5.53
CA PHE A 62 -34.67 8.21 5.10
C PHE A 62 -33.50 8.84 4.35
N SER A 63 -32.32 8.27 4.55
CA SER A 63 -31.14 8.65 3.80
C SER A 63 -30.15 7.49 3.81
N GLY A 64 -29.42 7.37 2.70
CA GLY A 64 -28.37 6.38 2.59
C GLY A 64 -27.09 7.05 2.15
N SER A 65 -25.98 6.53 2.64
CA SER A 65 -24.70 7.18 2.39
C SER A 65 -23.61 6.14 2.23
N GLY A 66 -22.43 6.60 1.84
CA GLY A 66 -21.28 5.73 1.71
C GLY A 66 -21.10 5.19 0.30
N SER A 67 -19.90 4.68 0.04
CA SER A 67 -19.67 4.00 -1.22
C SER A 67 -18.52 3.04 -1.02
N GLY A 68 -18.25 2.27 -2.06
CA GLY A 68 -17.18 1.31 -1.96
C GLY A 68 -17.63 0.00 -1.36
N THR A 69 -17.41 -0.16 -0.06
CA THR A 69 -17.77 -1.38 0.65
C THR A 69 -18.62 -1.18 1.89
N ASP A 70 -18.71 0.04 2.43
CA ASP A 70 -19.50 0.33 3.62
C ASP A 70 -20.58 1.33 3.29
N PHE A 71 -21.83 1.00 3.60
CA PHE A 71 -22.93 1.89 3.30
C PHE A 71 -23.83 1.97 4.51
N THR A 72 -24.62 3.03 4.56
CA THR A 72 -25.47 3.28 5.71
C THR A 72 -26.87 3.61 5.24
N LEU A 73 -27.84 3.20 6.04
CA LEU A 73 -29.20 3.69 5.96
C LEU A 73 -29.57 4.32 7.29
N THR A 74 -30.22 5.47 7.22
CA THR A 74 -30.46 6.26 8.42
C THR A 74 -31.90 6.70 8.42
N ILE A 75 -32.58 6.50 9.52
CA ILE A 75 -33.87 7.13 9.74
C ILE A 75 -33.61 8.23 10.74
N SER A 76 -33.61 9.47 10.26
CA SER A 76 -33.14 10.58 11.08
C SER A 76 -34.04 10.82 12.28
N SER A 77 -35.34 10.54 12.15
CA SER A 77 -36.31 10.63 13.25
C SER A 77 -37.30 9.50 13.03
N LEU A 78 -37.18 8.44 13.83
CA LEU A 78 -38.05 7.28 13.65
C LEU A 78 -39.52 7.65 13.82
N GLN A 79 -40.37 7.01 13.02
CA GLN A 79 -41.82 7.15 13.09
C GLN A 79 -42.47 5.78 13.21
N PRO A 80 -43.71 5.71 13.73
CA PRO A 80 -44.26 4.41 14.13
C PRO A 80 -44.52 3.43 13.00
N GLU A 81 -44.71 3.85 11.77
CA GLU A 81 -44.94 2.88 10.70
C GLU A 81 -43.65 2.48 9.99
N ASP A 82 -42.51 2.65 10.65
CA ASP A 82 -41.21 2.26 10.14
C ASP A 82 -40.73 0.92 10.69
N PHE A 83 -41.45 0.33 11.64
CA PHE A 83 -41.01 -0.93 12.23
C PHE A 83 -41.14 -2.05 11.19
N ALA A 84 -39.99 -2.51 10.70
CA ALA A 84 -39.92 -3.45 9.60
C ALA A 84 -38.52 -4.06 9.54
N THR A 85 -38.31 -4.86 8.49
CA THR A 85 -37.05 -5.49 8.13
C THR A 85 -36.46 -4.82 6.90
N TYR A 86 -35.19 -4.43 6.97
CA TYR A 86 -34.52 -3.64 5.92
C TYR A 86 -33.40 -4.43 5.26
N TYR A 87 -33.38 -4.45 3.93
CA TYR A 87 -32.38 -5.16 3.14
C TYR A 87 -31.55 -4.22 2.27
N CYS A 88 -30.29 -4.57 2.06
CA CYS A 88 -29.50 -3.95 1.00
C CYS A 88 -29.29 -4.94 -0.13
N GLN A 89 -28.79 -4.43 -1.26
CA GLN A 89 -28.72 -5.22 -2.50
C GLN A 89 -27.65 -4.61 -3.41
N GLN A 90 -26.58 -5.35 -3.67
CA GLN A 90 -25.60 -4.89 -4.64
C GLN A 90 -26.07 -5.28 -6.03
N SER A 91 -25.98 -4.33 -6.97
CA SER A 91 -26.29 -4.49 -8.39
C SER A 91 -25.11 -4.11 -9.30
N TYR A 92 -23.89 -4.43 -8.86
CA TYR A 92 -22.70 -4.27 -9.66
C TYR A 92 -22.57 -5.45 -10.62
N SER A 93 -22.40 -6.66 -10.09
CA SER A 93 -22.30 -7.87 -10.91
C SER A 93 -23.71 -8.30 -11.30
N THR A 94 -24.09 -8.11 -12.55
CA THR A 94 -25.54 -8.10 -12.72
C THR A 94 -26.09 -9.44 -13.19
N PRO A 95 -25.31 -10.34 -13.79
CA PRO A 95 -25.76 -11.73 -13.83
C PRO A 95 -25.21 -12.46 -12.64
N GLY A 96 -25.01 -11.73 -11.55
CA GLY A 96 -24.84 -12.30 -10.22
C GLY A 96 -25.22 -11.33 -9.09
N VAL A 97 -26.53 -11.10 -8.90
CA VAL A 97 -27.02 -10.04 -8.03
C VAL A 97 -27.25 -10.63 -6.64
N THR A 98 -26.95 -9.88 -5.57
CA THR A 98 -27.03 -10.47 -4.23
C THR A 98 -27.59 -9.44 -3.25
N PHE A 99 -28.30 -9.96 -2.21
CA PHE A 99 -28.93 -9.17 -1.14
C PHE A 99 -28.25 -9.37 0.20
N GLY A 100 -28.56 -8.46 1.12
CA GLY A 100 -28.18 -8.66 2.49
C GLY A 100 -29.06 -9.70 3.15
N PRO A 101 -28.74 -10.01 4.36
CA PRO A 101 -29.54 -10.96 5.11
C PRO A 101 -30.72 -10.28 5.81
N GLY A 102 -30.67 -8.95 5.93
CA GLY A 102 -31.74 -8.18 6.53
C GLY A 102 -31.47 -7.78 7.99
N THR A 103 -32.01 -6.62 8.37
CA THR A 103 -31.96 -6.11 9.73
C THR A 103 -33.39 -5.79 10.11
N LYS A 104 -33.89 -6.39 11.19
CA LYS A 104 -35.26 -6.14 11.62
C LYS A 104 -35.22 -5.06 12.69
N VAL A 105 -36.09 -4.06 12.59
CA VAL A 105 -36.24 -3.06 13.64
C VAL A 105 -37.58 -3.25 14.31
N ASP A 106 -37.57 -3.44 15.64
CA ASP A 106 -38.81 -3.60 16.41
C ASP A 106 -38.91 -2.51 17.48
N ILE A 107 -39.98 -2.64 18.25
CA ILE A 107 -40.43 -1.60 19.15
C ILE A 107 -39.78 -1.84 20.51
N LYS A 108 -39.07 -0.83 21.00
CA LYS A 108 -38.37 -0.94 22.27
C LYS A 108 -39.36 -0.64 23.37
N ARG A 109 -39.29 -1.37 24.48
CA ARG A 109 -40.24 -1.24 25.58
C ARG A 109 -39.63 -1.80 26.87
N THR A 110 -40.39 -1.70 27.96
CA THR A 110 -39.90 -2.13 29.27
C THR A 110 -39.74 -3.65 29.29
N VAL A 111 -38.62 -4.12 29.86
CA VAL A 111 -38.27 -5.55 29.81
C VAL A 111 -39.27 -6.39 30.62
N ALA A 112 -39.50 -7.61 30.16
CA ALA A 112 -40.55 -8.45 30.72
C ALA A 112 -40.10 -9.90 30.67
N ALA A 113 -39.94 -10.52 31.83
CA ALA A 113 -39.51 -11.89 31.84
C ALA A 113 -40.58 -12.77 31.23
N PRO A 114 -40.22 -13.92 30.67
CA PRO A 114 -41.24 -14.85 30.16
C PRO A 114 -41.88 -15.68 31.27
N SER A 115 -43.14 -16.07 31.05
CA SER A 115 -43.81 -17.05 31.91
C SER A 115 -43.59 -18.43 31.31
N VAL A 116 -43.02 -19.31 32.08
CA VAL A 116 -42.57 -20.58 31.53
C VAL A 116 -43.60 -21.62 31.89
N PHE A 117 -43.96 -22.46 30.91
CA PHE A 117 -44.88 -23.56 31.11
C PHE A 117 -44.32 -24.77 30.36
N ILE A 118 -44.62 -25.96 30.85
CA ILE A 118 -44.16 -27.17 30.22
C ILE A 118 -45.33 -28.14 30.11
N PHE A 119 -45.38 -28.85 29.00
CA PHE A 119 -46.51 -29.72 28.68
C PHE A 119 -45.97 -31.09 28.37
N PRO A 120 -46.16 -32.06 29.25
CA PRO A 120 -45.84 -33.45 28.94
C PRO A 120 -46.78 -33.96 27.85
N PRO A 121 -46.41 -35.00 27.12
CA PRO A 121 -47.26 -35.47 26.03
C PRO A 121 -48.63 -35.93 26.52
N SER A 122 -49.58 -35.89 25.60
CA SER A 122 -50.94 -36.23 25.97
C SER A 122 -51.10 -37.74 26.07
N ASP A 123 -52.16 -38.12 26.79
CA ASP A 123 -52.54 -39.52 26.93
C ASP A 123 -52.89 -40.09 25.56
N GLU A 124 -53.63 -39.31 24.80
CA GLU A 124 -54.07 -39.65 23.45
C GLU A 124 -52.91 -39.69 22.46
N GLN A 125 -51.92 -38.80 22.61
CA GLN A 125 -50.78 -38.83 21.68
C GLN A 125 -49.97 -40.10 21.85
N LEU A 126 -49.64 -40.45 23.10
CA LEU A 126 -48.85 -41.67 23.32
C LEU A 126 -49.56 -42.90 22.79
N LYS A 127 -50.89 -42.88 22.71
CA LYS A 127 -51.53 -44.05 22.13
C LYS A 127 -51.17 -44.25 20.66
N SER A 128 -50.94 -43.17 19.93
CA SER A 128 -50.66 -43.31 18.49
C SER A 128 -49.25 -43.81 18.21
N GLY A 129 -48.27 -43.47 19.05
CA GLY A 129 -46.92 -43.90 18.80
C GLY A 129 -45.83 -42.85 18.70
N THR A 130 -46.09 -41.63 19.17
CA THR A 130 -45.09 -40.56 19.24
C THR A 130 -45.43 -39.69 20.44
N ALA A 131 -44.41 -39.08 21.04
CA ALA A 131 -44.61 -38.15 22.14
C ALA A 131 -43.93 -36.82 21.82
N SER A 132 -44.61 -35.72 22.13
CA SER A 132 -44.12 -34.37 21.90
C SER A 132 -44.22 -33.58 23.20
N VAL A 133 -43.10 -32.99 23.62
CA VAL A 133 -43.04 -32.18 24.84
C VAL A 133 -42.87 -30.72 24.44
N VAL A 134 -43.77 -29.85 24.92
CA VAL A 134 -43.82 -28.46 24.48
C VAL A 134 -43.43 -27.57 25.65
N CYS A 135 -42.49 -26.64 25.41
CA CYS A 135 -42.09 -25.68 26.43
C CYS A 135 -42.54 -24.32 25.90
N LEU A 136 -43.32 -23.61 26.70
CA LEU A 136 -43.95 -22.37 26.28
C LEU A 136 -43.37 -21.22 27.09
N LEU A 137 -42.77 -20.27 26.41
CA LEU A 137 -42.33 -19.01 27.00
C LEU A 137 -43.33 -17.97 26.56
N ASN A 138 -43.83 -17.16 27.50
CA ASN A 138 -45.04 -16.39 27.27
C ASN A 138 -44.86 -14.90 27.56
N ASN A 139 -45.16 -14.06 26.56
CA ASN A 139 -45.25 -12.60 26.67
C ASN A 139 -44.00 -11.97 27.29
N PHE A 140 -42.92 -12.05 26.54
CA PHE A 140 -41.65 -11.51 26.99
C PHE A 140 -41.08 -10.49 26.02
N TYR A 141 -40.19 -9.66 26.55
CA TYR A 141 -39.40 -8.73 25.80
C TYR A 141 -38.07 -8.59 26.55
N PRO A 142 -36.92 -8.55 25.83
CA PRO A 142 -36.71 -8.66 24.38
C PRO A 142 -36.82 -10.04 23.73
N ARG A 143 -36.71 -10.06 22.40
CA ARG A 143 -37.00 -11.24 21.60
C ARG A 143 -35.99 -12.33 21.84
N GLU A 144 -34.95 -12.01 22.54
CA GLU A 144 -33.73 -12.80 22.46
C GLU A 144 -33.64 -13.56 23.78
N ALA A 145 -33.79 -14.88 23.68
CA ALA A 145 -33.88 -15.78 24.82
C ALA A 145 -33.41 -17.17 24.44
N LYS A 146 -32.92 -17.89 25.45
CA LYS A 146 -32.29 -19.21 25.31
C LYS A 146 -33.11 -20.31 25.98
N VAL A 147 -33.29 -21.44 25.29
CA VAL A 147 -34.08 -22.58 25.78
C VAL A 147 -33.24 -23.85 25.64
N GLN A 148 -32.91 -24.48 26.78
CA GLN A 148 -32.19 -25.74 26.80
C GLN A 148 -33.04 -26.86 27.37
N TRP A 149 -33.19 -27.96 26.62
CA TRP A 149 -33.88 -29.15 27.11
C TRP A 149 -32.87 -30.06 27.80
N LYS A 150 -33.15 -30.41 29.06
CA LYS A 150 -32.39 -31.40 29.81
C LYS A 150 -33.31 -32.58 30.08
N VAL A 151 -32.82 -33.77 29.78
CA VAL A 151 -33.56 -35.00 30.02
C VAL A 151 -32.63 -35.89 30.84
N ASP A 152 -33.00 -36.12 32.10
CA ASP A 152 -32.18 -36.86 33.05
C ASP A 152 -30.86 -36.13 33.25
N ASN A 153 -30.95 -34.81 33.42
CA ASN A 153 -29.77 -33.95 33.65
C ASN A 153 -28.75 -34.05 32.51
N ALA A 154 -29.21 -34.41 31.31
CA ALA A 154 -28.39 -34.50 30.10
C ALA A 154 -28.93 -33.59 28.99
N LEU A 155 -28.22 -32.48 28.67
CA LEU A 155 -28.63 -31.59 27.58
C LEU A 155 -28.98 -32.29 26.28
N GLN A 156 -30.03 -31.79 25.63
CA GLN A 156 -30.45 -32.30 24.34
C GLN A 156 -30.16 -31.27 23.26
N SER A 157 -29.90 -31.75 22.06
CA SER A 157 -29.73 -30.86 20.94
C SER A 157 -30.10 -31.61 19.68
N GLY A 158 -30.84 -30.95 18.80
CA GLY A 158 -31.13 -31.49 17.50
C GLY A 158 -32.32 -32.41 17.37
N ASN A 159 -33.21 -32.42 18.33
CA ASN A 159 -34.54 -32.95 18.06
C ASN A 159 -35.55 -31.97 18.61
N SER A 160 -35.09 -30.78 18.97
CA SER A 160 -35.98 -29.69 19.33
C SER A 160 -36.07 -28.78 18.13
N GLN A 161 -37.28 -28.27 17.89
CA GLN A 161 -37.62 -27.32 16.85
C GLN A 161 -38.36 -26.19 17.55
N GLU A 162 -38.22 -24.95 17.08
CA GLU A 162 -39.01 -23.93 17.74
C GLU A 162 -39.59 -22.90 16.76
N SER A 163 -40.70 -22.27 17.20
CA SER A 163 -41.35 -21.14 16.53
C SER A 163 -41.56 -20.01 17.52
N VAL A 164 -41.65 -18.80 16.96
CA VAL A 164 -41.82 -17.57 17.71
C VAL A 164 -42.82 -16.66 16.96
N THR A 165 -43.65 -15.95 17.72
CA THR A 165 -44.62 -15.03 17.13
C THR A 165 -43.97 -13.72 16.69
N GLU A 166 -44.65 -12.98 15.80
CA GLU A 166 -44.25 -11.60 15.56
C GLU A 166 -44.52 -10.75 16.80
N GLN A 167 -43.85 -9.60 16.87
CA GLN A 167 -44.04 -8.73 18.03
C GLN A 167 -45.51 -8.34 18.13
N ASP A 168 -46.09 -8.46 19.32
CA ASP A 168 -47.54 -8.33 19.38
C ASP A 168 -47.97 -6.88 19.19
N SER A 169 -49.16 -6.71 18.60
CA SER A 169 -49.65 -5.39 18.22
C SER A 169 -49.83 -4.50 19.44
N LYS A 170 -50.48 -5.04 20.46
CA LYS A 170 -50.91 -4.27 21.62
C LYS A 170 -49.81 -4.09 22.65
N ASP A 171 -49.23 -5.19 23.13
CA ASP A 171 -48.28 -5.11 24.25
C ASP A 171 -46.82 -5.16 23.81
N SER A 172 -46.55 -5.43 22.53
CA SER A 172 -45.19 -5.40 21.99
C SER A 172 -44.29 -6.44 22.64
N THR A 173 -44.79 -7.67 22.73
CA THR A 173 -44.00 -8.76 23.29
C THR A 173 -43.99 -9.95 22.33
N TYR A 174 -43.15 -10.93 22.67
CA TYR A 174 -42.97 -12.17 21.91
C TYR A 174 -43.44 -13.34 22.77
N SER A 175 -43.66 -14.48 22.12
CA SER A 175 -43.93 -15.74 22.79
C SER A 175 -43.36 -16.86 21.93
N LEU A 176 -42.81 -17.90 22.58
CA LEU A 176 -42.01 -18.91 21.91
C LEU A 176 -42.47 -20.30 22.31
N SER A 177 -42.42 -21.27 21.38
CA SER A 177 -42.77 -22.64 21.74
C SER A 177 -41.69 -23.59 21.24
N SER A 178 -40.96 -24.17 22.18
CA SER A 178 -39.99 -25.19 21.86
C SER A 178 -40.68 -26.55 21.94
N THR A 179 -40.47 -27.35 20.89
CA THR A 179 -41.17 -28.62 20.76
C THR A 179 -40.12 -29.70 20.53
N LEU A 180 -39.97 -30.55 21.52
CA LEU A 180 -39.07 -31.70 21.48
C LEU A 180 -39.86 -32.88 20.88
N THR A 181 -39.50 -33.29 19.66
CA THR A 181 -40.28 -34.29 18.92
C THR A 181 -39.56 -35.63 19.08
N LEU A 182 -40.23 -36.60 19.70
CA LEU A 182 -39.65 -37.92 19.95
C LEU A 182 -40.43 -39.12 19.42
N SER A 183 -40.26 -40.25 20.10
CA SER A 183 -40.97 -41.50 19.82
C SER A 183 -41.47 -42.08 21.14
N LYS A 184 -42.68 -42.69 21.13
CA LYS A 184 -43.21 -43.27 22.36
C LYS A 184 -42.23 -44.26 22.96
N ALA A 185 -41.70 -45.17 22.13
CA ALA A 185 -40.74 -46.17 22.61
C ALA A 185 -39.56 -45.50 23.31
N ASP A 186 -39.03 -44.43 22.71
CA ASP A 186 -37.87 -43.75 23.29
C ASP A 186 -38.29 -42.85 24.44
N TYR A 187 -39.54 -42.40 24.48
CA TYR A 187 -40.03 -41.57 25.57
C TYR A 187 -39.97 -42.33 26.90
N GLU A 188 -40.19 -43.65 26.84
CA GLU A 188 -40.21 -44.50 28.03
C GLU A 188 -38.87 -44.50 28.73
N LYS A 189 -37.77 -44.48 27.96
CA LYS A 189 -36.44 -44.75 28.49
C LYS A 189 -35.95 -43.71 29.48
N HIS A 190 -36.69 -42.62 29.69
CA HIS A 190 -36.20 -41.55 30.54
C HIS A 190 -37.33 -41.13 31.45
N LYS A 191 -36.99 -40.60 32.62
CA LYS A 191 -38.03 -40.35 33.61
C LYS A 191 -38.15 -38.89 34.03
N VAL A 192 -37.11 -38.07 33.88
CA VAL A 192 -37.16 -36.68 34.32
C VAL A 192 -36.94 -35.80 33.09
N TYR A 193 -37.93 -34.99 32.74
CA TYR A 193 -37.83 -34.08 31.60
C TYR A 193 -37.88 -32.63 32.08
N ALA A 194 -37.06 -31.78 31.49
CA ALA A 194 -37.02 -30.39 31.97
C ALA A 194 -36.77 -29.45 30.81
N CYS A 195 -37.09 -28.17 31.01
CA CYS A 195 -36.77 -27.18 29.97
C CYS A 195 -36.29 -25.91 30.65
N GLU A 196 -35.00 -25.60 30.52
CA GLU A 196 -34.39 -24.46 31.23
C GLU A 196 -34.38 -23.23 30.34
N VAL A 197 -34.82 -22.10 30.88
CA VAL A 197 -34.94 -20.86 30.12
C VAL A 197 -34.02 -19.78 30.69
N THR A 198 -33.18 -19.18 29.84
CA THR A 198 -32.38 -18.01 30.20
C THR A 198 -32.89 -16.79 29.43
N HIS A 199 -33.08 -15.68 30.13
CA HIS A 199 -33.57 -14.44 29.55
C HIS A 199 -32.96 -13.29 30.34
N GLN A 200 -32.94 -12.11 29.69
CA GLN A 200 -32.39 -10.94 30.34
C GLN A 200 -33.17 -10.54 31.59
N GLY A 201 -34.49 -10.62 31.51
CA GLY A 201 -35.32 -10.23 32.63
C GLY A 201 -35.48 -11.27 33.70
N LEU A 202 -34.62 -12.28 33.68
CA LEU A 202 -34.59 -13.31 34.68
C LEU A 202 -33.26 -13.17 35.35
N SER A 203 -33.29 -12.86 36.66
CA SER A 203 -32.05 -12.61 37.39
C SER A 203 -31.14 -13.84 37.37
N SER A 204 -31.71 -15.02 37.54
CA SER A 204 -31.03 -16.27 37.27
C SER A 204 -32.02 -17.19 36.55
N PRO A 205 -31.52 -18.21 35.85
CA PRO A 205 -32.39 -19.04 35.01
C PRO A 205 -33.56 -19.68 35.75
N VAL A 206 -34.60 -19.98 34.96
CA VAL A 206 -35.80 -20.66 35.41
C VAL A 206 -35.90 -22.02 34.73
N THR A 207 -36.07 -23.08 35.53
CA THR A 207 -36.27 -24.42 35.00
C THR A 207 -37.67 -24.83 35.33
N LYS A 208 -38.33 -25.50 34.39
CA LYS A 208 -39.63 -26.10 34.63
C LYS A 208 -39.56 -27.54 34.17
N SER A 209 -40.11 -28.45 34.97
CA SER A 209 -39.83 -29.87 34.75
C SER A 209 -40.96 -30.75 35.22
N PHE A 210 -40.93 -31.98 34.72
CA PHE A 210 -41.89 -33.01 35.10
C PHE A 210 -41.20 -34.37 35.11
N ASN A 211 -41.82 -35.30 35.81
CA ASN A 211 -41.40 -36.69 35.84
C ASN A 211 -42.40 -37.47 35.02
N ARG A 212 -41.93 -38.30 34.08
CA ARG A 212 -42.89 -39.14 33.38
C ARG A 212 -43.54 -40.05 34.42
N GLY A 213 -44.86 -39.91 34.60
CA GLY A 213 -45.55 -40.55 35.70
C GLY A 213 -45.87 -39.58 36.83
N GLU A 214 -46.27 -40.14 37.97
CA GLU A 214 -46.55 -39.37 39.21
C GLU A 214 -47.81 -38.50 39.06
N GLN B 1 -50.11 3.93 -9.80
CA GLN B 1 -51.10 2.91 -10.09
C GLN B 1 -50.42 1.76 -10.87
N VAL B 2 -49.13 1.53 -10.57
CA VAL B 2 -48.40 0.42 -11.16
C VAL B 2 -48.87 -0.86 -10.50
N GLN B 3 -49.11 -1.89 -11.28
CA GLN B 3 -49.67 -3.08 -10.65
C GLN B 3 -49.20 -4.35 -11.36
N LEU B 4 -48.85 -5.35 -10.55
CA LEU B 4 -48.38 -6.65 -11.02
C LEU B 4 -49.16 -7.72 -10.27
N VAL B 5 -49.54 -8.79 -10.95
CA VAL B 5 -50.35 -9.81 -10.30
C VAL B 5 -49.88 -11.18 -10.73
N GLU B 6 -49.22 -11.90 -9.82
CA GLU B 6 -48.71 -13.23 -10.07
C GLU B 6 -49.83 -14.28 -10.04
N SER B 7 -49.60 -15.39 -10.75
CA SER B 7 -50.53 -16.50 -10.84
C SER B 7 -49.76 -17.80 -11.11
N GLY B 8 -50.40 -18.91 -10.83
CA GLY B 8 -49.82 -20.19 -11.18
C GLY B 8 -49.08 -20.90 -10.08
N GLY B 9 -49.16 -20.43 -8.84
CA GLY B 9 -48.44 -21.07 -7.75
C GLY B 9 -48.94 -22.45 -7.33
N GLY B 10 -48.72 -22.84 -6.09
CA GLY B 10 -49.21 -24.13 -5.63
C GLY B 10 -48.18 -25.17 -5.23
N VAL B 11 -48.60 -26.43 -5.18
CA VAL B 11 -47.75 -27.53 -4.74
C VAL B 11 -47.32 -28.29 -5.98
N VAL B 12 -46.04 -28.62 -6.06
CA VAL B 12 -45.48 -29.32 -7.21
C VAL B 12 -44.54 -30.41 -6.70
N GLN B 13 -44.52 -31.54 -7.40
CA GLN B 13 -43.73 -32.66 -6.89
C GLN B 13 -42.28 -32.60 -7.42
N PRO B 14 -41.27 -32.92 -6.59
CA PRO B 14 -39.88 -32.75 -7.01
C PRO B 14 -39.54 -33.49 -8.31
N GLY B 15 -39.01 -32.73 -9.27
CA GLY B 15 -38.70 -33.28 -10.59
C GLY B 15 -39.61 -32.72 -11.65
N ARG B 16 -40.92 -32.66 -11.34
CA ARG B 16 -41.89 -32.18 -12.31
C ARG B 16 -41.71 -30.67 -12.53
N SER B 17 -42.42 -30.15 -13.51
CA SER B 17 -42.32 -28.75 -13.88
C SER B 17 -43.51 -27.96 -13.34
N LEU B 18 -43.35 -26.64 -13.27
CA LEU B 18 -44.44 -25.71 -13.02
C LEU B 18 -44.12 -24.41 -13.75
N ARG B 19 -45.16 -23.74 -14.26
CA ARG B 19 -45.04 -22.48 -15.00
C ARG B 19 -45.74 -21.35 -14.28
N LEU B 20 -45.03 -20.27 -13.99
CA LEU B 20 -45.60 -19.11 -13.32
C LEU B 20 -45.94 -18.03 -14.34
N SER B 21 -46.71 -17.03 -13.89
CA SER B 21 -47.29 -16.01 -14.77
C SER B 21 -47.55 -14.71 -14.01
N CYS B 22 -47.34 -13.59 -14.69
CA CYS B 22 -47.53 -12.29 -14.08
C CYS B 22 -48.25 -11.42 -15.08
N ALA B 23 -49.33 -10.76 -14.66
CA ALA B 23 -50.06 -9.83 -15.51
C ALA B 23 -49.81 -8.41 -15.00
N ALA B 24 -49.24 -7.55 -15.85
CA ALA B 24 -48.77 -6.23 -15.44
C ALA B 24 -49.54 -5.08 -16.09
N SER B 25 -49.76 -4.01 -15.32
CA SER B 25 -50.52 -2.86 -15.79
C SER B 25 -50.08 -1.61 -15.03
N GLY B 26 -50.42 -0.45 -15.60
CA GLY B 26 -50.18 0.84 -14.99
C GLY B 26 -48.92 1.57 -15.45
N PHE B 27 -48.21 1.03 -16.44
CA PHE B 27 -46.99 1.63 -17.00
C PHE B 27 -46.78 1.00 -18.37
N THR B 28 -45.83 1.60 -19.10
CA THR B 28 -45.50 1.14 -20.48
C THR B 28 -44.71 -0.15 -20.41
N PHE B 29 -45.34 -1.32 -20.36
CA PHE B 29 -44.61 -2.60 -20.15
C PHE B 29 -43.59 -2.76 -21.25
N SER B 30 -43.79 -2.03 -22.33
CA SER B 30 -42.92 -2.11 -23.53
C SER B 30 -41.46 -1.97 -23.16
N SER B 31 -41.14 -0.97 -22.36
CA SER B 31 -39.73 -0.66 -22.16
C SER B 31 -39.32 -0.75 -20.71
N TYR B 32 -39.34 -1.94 -20.15
CA TYR B 32 -38.84 -2.04 -18.77
C TYR B 32 -38.47 -3.48 -18.56
N ASP B 33 -37.19 -3.72 -18.32
CA ASP B 33 -36.76 -5.07 -18.04
C ASP B 33 -37.62 -5.62 -16.89
N MET B 34 -37.85 -6.92 -16.91
CA MET B 34 -38.61 -7.58 -15.86
C MET B 34 -37.79 -8.71 -15.24
N HIS B 35 -37.86 -8.82 -13.91
CA HIS B 35 -37.13 -9.80 -13.11
C HIS B 35 -38.09 -10.70 -12.35
N TRP B 36 -37.59 -11.85 -11.89
CA TRP B 36 -38.22 -12.67 -10.86
C TRP B 36 -37.28 -12.83 -9.66
N VAL B 37 -37.73 -12.45 -8.46
CA VAL B 37 -36.96 -12.59 -7.23
C VAL B 37 -37.76 -13.48 -6.29
N ARG B 38 -37.11 -14.40 -5.59
CA ARG B 38 -37.85 -15.31 -4.74
C ARG B 38 -37.44 -15.20 -3.27
N GLN B 39 -38.34 -15.58 -2.35
CA GLN B 39 -38.08 -15.44 -0.91
C GLN B 39 -38.46 -16.75 -0.22
N ALA B 40 -37.44 -17.45 0.26
CA ALA B 40 -37.62 -18.75 0.88
C ALA B 40 -38.39 -18.58 2.17
N PRO B 41 -39.19 -19.61 2.60
CA PRO B 41 -40.28 -19.34 3.53
C PRO B 41 -39.83 -18.52 4.73
N GLY B 42 -38.88 -18.99 5.54
CA GLY B 42 -38.48 -18.17 6.67
C GLY B 42 -37.13 -17.48 6.50
N LYS B 43 -36.81 -17.11 5.26
CA LYS B 43 -35.46 -16.68 4.90
C LYS B 43 -35.41 -15.29 4.25
N GLY B 44 -34.41 -15.04 3.41
CA GLY B 44 -34.30 -13.79 2.69
C GLY B 44 -34.44 -13.96 1.18
N LEU B 45 -34.05 -12.90 0.47
CA LEU B 45 -34.37 -12.67 -0.95
C LEU B 45 -33.27 -13.16 -1.89
N GLU B 46 -33.67 -13.70 -3.04
CA GLU B 46 -32.73 -14.19 -4.05
C GLU B 46 -33.23 -13.88 -5.46
N TRP B 47 -32.44 -13.11 -6.21
CA TRP B 47 -32.80 -12.84 -7.60
C TRP B 47 -32.72 -14.15 -8.40
N VAL B 48 -33.62 -14.31 -9.37
CA VAL B 48 -33.75 -15.56 -10.11
C VAL B 48 -33.45 -15.38 -11.59
N ALA B 49 -34.07 -14.39 -12.23
CA ALA B 49 -33.85 -14.18 -13.65
C ALA B 49 -34.33 -12.79 -14.04
N VAL B 50 -33.84 -12.33 -15.20
CA VAL B 50 -34.19 -11.04 -15.81
C VAL B 50 -34.40 -11.30 -17.28
N ILE B 51 -35.35 -10.56 -17.85
CA ILE B 51 -35.58 -10.52 -19.29
C ILE B 51 -35.68 -9.06 -19.70
N SER B 52 -35.08 -8.72 -20.83
CA SER B 52 -34.97 -7.33 -21.22
C SER B 52 -36.32 -6.77 -21.70
N TYR B 53 -36.33 -5.47 -22.01
CA TYR B 53 -37.59 -4.80 -22.35
C TYR B 53 -38.27 -5.37 -23.59
N ASP B 54 -37.56 -6.08 -24.45
CA ASP B 54 -38.17 -6.62 -25.66
C ASP B 54 -38.12 -8.14 -25.73
N GLY B 55 -37.32 -8.78 -24.88
CA GLY B 55 -37.13 -10.21 -24.95
C GLY B 55 -35.87 -10.67 -25.66
N SER B 56 -35.00 -9.74 -26.13
CA SER B 56 -33.83 -10.14 -26.93
C SER B 56 -32.81 -10.87 -26.06
N SER B 57 -32.62 -10.40 -24.83
CA SER B 57 -31.71 -11.00 -23.85
C SER B 57 -32.48 -11.56 -22.64
N LYS B 58 -32.04 -12.71 -22.16
CA LYS B 58 -32.51 -13.35 -20.94
C LYS B 58 -31.28 -13.77 -20.14
N PHE B 59 -31.31 -13.58 -18.83
CA PHE B 59 -30.20 -13.99 -18.01
C PHE B 59 -30.70 -14.60 -16.73
N TYR B 60 -29.97 -15.59 -16.22
CA TYR B 60 -30.38 -16.35 -15.06
C TYR B 60 -29.32 -16.29 -13.96
N ALA B 61 -29.78 -16.33 -12.71
CA ALA B 61 -28.88 -16.61 -11.60
C ALA B 61 -28.30 -17.99 -11.82
N GLU B 62 -27.02 -18.12 -11.51
CA GLU B 62 -26.28 -19.27 -12.00
C GLU B 62 -26.71 -20.55 -11.29
N SER B 63 -27.59 -20.42 -10.29
CA SER B 63 -28.21 -21.49 -9.53
C SER B 63 -29.51 -22.02 -10.15
N VAL B 64 -30.06 -21.35 -11.15
CA VAL B 64 -31.25 -21.81 -11.86
C VAL B 64 -31.04 -21.85 -13.35
N LYS B 65 -29.83 -21.50 -13.81
CA LYS B 65 -29.51 -21.51 -15.23
C LYS B 65 -29.66 -22.91 -15.78
N GLY B 66 -30.33 -23.02 -16.93
CA GLY B 66 -30.48 -24.30 -17.54
C GLY B 66 -31.64 -25.12 -17.03
N ARG B 67 -32.29 -24.68 -15.96
CA ARG B 67 -33.55 -25.24 -15.49
C ARG B 67 -34.72 -24.31 -15.71
N PHE B 68 -34.57 -23.05 -15.36
CA PHE B 68 -35.65 -22.09 -15.56
C PHE B 68 -35.46 -21.41 -16.90
N THR B 69 -36.58 -21.22 -17.59
CA THR B 69 -36.61 -20.36 -18.76
C THR B 69 -37.59 -19.22 -18.46
N ILE B 70 -37.14 -17.97 -18.70
CA ILE B 70 -37.99 -16.79 -18.51
C ILE B 70 -38.49 -16.34 -19.88
N SER B 71 -39.66 -15.68 -19.92
CA SER B 71 -40.18 -15.20 -21.20
C SER B 71 -41.26 -14.15 -20.96
N ARG B 72 -41.70 -13.52 -22.05
CA ARG B 72 -42.73 -12.49 -21.98
C ARG B 72 -43.50 -12.35 -23.29
N ASP B 73 -44.59 -11.58 -23.23
CA ASP B 73 -45.49 -11.32 -24.36
C ASP B 73 -45.98 -9.87 -24.23
N ASN B 74 -45.47 -8.96 -25.07
CA ASN B 74 -45.80 -7.55 -24.86
C ASN B 74 -47.22 -7.18 -25.25
N SER B 75 -47.89 -7.96 -26.09
CA SER B 75 -49.30 -7.71 -26.39
C SER B 75 -50.22 -8.13 -25.23
N LYS B 76 -49.89 -9.20 -24.51
CA LYS B 76 -50.66 -9.63 -23.37
C LYS B 76 -50.28 -8.89 -22.08
N ASN B 77 -49.24 -8.04 -22.12
CA ASN B 77 -48.65 -7.44 -20.92
C ASN B 77 -48.51 -8.47 -19.81
N THR B 78 -48.09 -9.70 -20.15
CA THR B 78 -47.85 -10.72 -19.16
C THR B 78 -46.43 -11.26 -19.28
N LEU B 79 -45.97 -11.85 -18.19
CA LEU B 79 -44.62 -12.36 -18.02
C LEU B 79 -44.72 -13.79 -17.57
N TYR B 80 -43.77 -14.61 -17.99
CA TYR B 80 -43.81 -16.02 -17.64
C TYR B 80 -42.47 -16.46 -17.07
N LEU B 81 -42.51 -17.53 -16.30
CA LEU B 81 -41.29 -18.17 -15.79
C LEU B 81 -41.56 -19.66 -15.67
N GLN B 82 -41.08 -20.43 -16.64
CA GLN B 82 -41.21 -21.87 -16.62
C GLN B 82 -40.12 -22.48 -15.77
N MET B 83 -40.51 -23.28 -14.80
CA MET B 83 -39.55 -23.91 -13.91
C MET B 83 -39.52 -25.39 -14.24
N ASN B 84 -38.37 -25.90 -14.67
CA ASN B 84 -38.29 -27.33 -14.88
C ASN B 84 -37.42 -27.97 -13.83
N SER B 85 -37.56 -29.28 -13.72
CA SER B 85 -36.78 -30.11 -12.81
C SER B 85 -36.59 -29.44 -11.45
N LEU B 86 -37.71 -29.11 -10.81
CA LEU B 86 -37.65 -28.42 -9.51
C LEU B 86 -37.13 -29.33 -8.40
N ARG B 87 -36.33 -28.76 -7.51
CA ARG B 87 -35.78 -29.45 -6.34
C ARG B 87 -36.60 -29.06 -5.11
N ALA B 88 -36.57 -29.91 -4.08
CA ALA B 88 -37.35 -29.68 -2.85
C ALA B 88 -36.94 -28.39 -2.12
N GLU B 89 -35.65 -28.01 -2.16
CA GLU B 89 -35.21 -26.83 -1.42
C GLU B 89 -35.63 -25.50 -2.07
N GLU B 90 -36.40 -25.52 -3.15
CA GLU B 90 -36.75 -24.28 -3.86
C GLU B 90 -38.16 -23.80 -3.54
N THR B 91 -38.74 -24.24 -2.41
CA THR B 91 -40.06 -23.78 -1.98
C THR B 91 -40.01 -22.32 -1.49
N ALA B 92 -40.78 -21.43 -2.12
CA ALA B 92 -40.73 -20.02 -1.73
C ALA B 92 -41.84 -19.21 -2.43
N VAL B 93 -41.92 -17.94 -2.05
CA VAL B 93 -42.77 -16.96 -2.71
C VAL B 93 -42.00 -16.38 -3.86
N TYR B 94 -42.63 -16.28 -5.03
CA TYR B 94 -41.98 -15.75 -6.21
C TYR B 94 -42.62 -14.42 -6.59
N TYR B 95 -41.81 -13.37 -6.63
CA TYR B 95 -42.29 -12.05 -7.01
C TYR B 95 -41.85 -11.73 -8.44
N CYS B 96 -42.76 -11.16 -9.25
CA CYS B 96 -42.31 -10.50 -10.47
C CYS B 96 -42.06 -9.02 -10.16
N VAL B 97 -41.07 -8.43 -10.81
CA VAL B 97 -40.54 -7.11 -10.45
C VAL B 97 -40.28 -6.28 -11.70
N LYS B 98 -40.73 -5.02 -11.69
CA LYS B 98 -40.44 -4.07 -12.75
C LYS B 98 -39.12 -3.33 -12.46
N ASP B 99 -38.17 -3.32 -13.43
CA ASP B 99 -36.89 -2.61 -13.30
C ASP B 99 -37.13 -1.10 -13.33
N GLY B 100 -36.15 -0.34 -12.84
CA GLY B 100 -36.30 1.09 -12.58
C GLY B 100 -35.51 2.18 -13.29
N GLU B 101 -35.13 2.01 -14.57
CA GLU B 101 -34.51 3.08 -15.34
C GLU B 101 -33.08 3.38 -14.93
N GLN B 102 -32.34 2.38 -14.49
CA GLN B 102 -30.94 2.60 -14.17
C GLN B 102 -30.09 1.74 -15.10
N LEU B 103 -28.80 1.98 -15.06
CA LEU B 103 -27.97 1.20 -15.96
C LEU B 103 -27.94 -0.25 -15.50
N VAL B 104 -27.92 -0.45 -14.19
CA VAL B 104 -27.93 -1.77 -13.58
C VAL B 104 -29.32 -2.07 -13.07
N PRO B 105 -29.62 -3.32 -12.71
CA PRO B 105 -30.97 -3.64 -12.21
C PRO B 105 -31.26 -2.92 -10.92
N LEU B 106 -32.47 -2.41 -10.77
CA LEU B 106 -32.98 -2.17 -9.43
C LEU B 106 -34.46 -2.45 -9.43
N PHE B 107 -34.99 -2.75 -8.25
CA PHE B 107 -36.32 -3.36 -8.13
C PHE B 107 -37.34 -2.30 -7.68
N ASP B 108 -37.99 -1.71 -8.68
CA ASP B 108 -38.77 -0.52 -8.52
C ASP B 108 -40.17 -0.82 -7.95
N TYR B 109 -40.93 -1.70 -8.59
CA TYR B 109 -42.25 -2.09 -8.09
C TYR B 109 -42.35 -3.61 -8.04
N TRP B 110 -42.81 -4.15 -6.91
CA TRP B 110 -42.73 -5.59 -6.68
C TRP B 110 -44.02 -6.39 -6.91
N GLY B 111 -45.12 -6.03 -6.29
CA GLY B 111 -46.30 -6.88 -6.34
C GLY B 111 -46.17 -8.00 -5.31
N GLN B 112 -47.27 -8.69 -5.06
CA GLN B 112 -47.33 -9.47 -3.81
C GLN B 112 -46.85 -10.92 -3.88
N GLY B 113 -46.79 -11.57 -5.04
CA GLY B 113 -46.09 -12.83 -5.03
C GLY B 113 -47.03 -14.03 -5.08
N THR B 114 -46.49 -15.16 -5.52
CA THR B 114 -47.20 -16.43 -5.56
C THR B 114 -46.36 -17.48 -4.84
N LEU B 115 -47.00 -18.28 -3.98
CA LEU B 115 -46.28 -19.29 -3.23
C LEU B 115 -46.09 -20.54 -4.07
N VAL B 116 -44.89 -21.13 -3.98
CA VAL B 116 -44.59 -22.41 -4.64
C VAL B 116 -44.09 -23.37 -3.58
N THR B 117 -44.79 -24.48 -3.41
CA THR B 117 -44.50 -25.47 -2.39
C THR B 117 -44.06 -26.74 -3.11
N VAL B 118 -42.80 -27.14 -2.95
CA VAL B 118 -42.28 -28.34 -3.58
C VAL B 118 -42.09 -29.42 -2.55
N SER B 119 -42.95 -30.43 -2.59
CA SER B 119 -42.80 -31.55 -1.65
C SER B 119 -43.64 -32.71 -2.16
N SER B 120 -43.08 -33.91 -2.07
CA SER B 120 -43.77 -35.13 -2.39
C SER B 120 -44.74 -35.57 -1.31
N ALA B 121 -45.02 -34.74 -0.31
CA ALA B 121 -45.81 -35.20 0.82
C ALA B 121 -47.29 -35.23 0.44
N SER B 122 -47.91 -36.39 0.66
CA SER B 122 -49.32 -36.56 0.37
C SER B 122 -50.18 -35.66 1.25
N THR B 123 -51.36 -35.31 0.74
CA THR B 123 -52.29 -34.48 1.51
C THR B 123 -52.74 -35.24 2.76
N LYS B 124 -52.72 -34.56 3.91
CA LYS B 124 -53.10 -35.22 5.16
C LYS B 124 -53.68 -34.16 6.09
N GLY B 125 -54.74 -34.53 6.81
CA GLY B 125 -55.29 -33.67 7.83
C GLY B 125 -54.51 -33.79 9.14
N PRO B 126 -54.66 -32.79 10.01
CA PRO B 126 -53.86 -32.76 11.24
C PRO B 126 -54.46 -33.63 12.34
N SER B 127 -53.60 -34.28 13.12
CA SER B 127 -54.05 -34.85 14.39
C SER B 127 -53.92 -33.78 15.46
N VAL B 128 -54.90 -33.69 16.35
CA VAL B 128 -54.90 -32.66 17.38
C VAL B 128 -54.87 -33.33 18.75
N PHE B 129 -53.97 -32.87 19.60
CA PHE B 129 -53.75 -33.40 20.94
C PHE B 129 -53.78 -32.26 21.94
N PRO B 130 -54.25 -32.52 23.15
CA PRO B 130 -54.35 -31.45 24.15
C PRO B 130 -53.04 -31.25 24.90
N LEU B 131 -52.84 -30.01 25.32
CA LEU B 131 -51.79 -29.67 26.28
C LEU B 131 -52.52 -29.15 27.52
N ALA B 132 -52.58 -29.97 28.58
CA ALA B 132 -53.46 -29.56 29.66
C ALA B 132 -52.71 -28.98 30.86
N PRO B 133 -53.39 -28.09 31.65
CA PRO B 133 -52.77 -27.46 32.84
C PRO B 133 -52.96 -28.21 34.17
N SER B 134 -52.51 -27.60 35.28
CA SER B 134 -52.77 -28.13 36.64
C SER B 134 -52.90 -27.00 37.69
N GLY B 141 -52.65 -18.67 40.62
CA GLY B 141 -52.59 -17.40 39.91
C GLY B 141 -53.22 -17.40 38.51
N THR B 142 -52.38 -17.45 37.47
CA THR B 142 -52.79 -17.52 36.06
C THR B 142 -52.15 -18.72 35.36
N ALA B 143 -52.99 -19.54 34.72
CA ALA B 143 -52.68 -20.78 34.02
C ALA B 143 -52.51 -20.61 32.52
N ALA B 144 -52.10 -21.71 31.87
CA ALA B 144 -51.91 -21.75 30.42
C ALA B 144 -52.24 -23.15 29.94
N LEU B 145 -52.82 -23.26 28.75
CA LEU B 145 -53.20 -24.52 28.14
C LEU B 145 -53.22 -24.36 26.63
N GLY B 146 -53.28 -25.48 25.91
CA GLY B 146 -53.20 -25.39 24.46
C GLY B 146 -53.42 -26.71 23.76
N CYS B 147 -53.29 -26.65 22.43
CA CYS B 147 -53.43 -27.82 21.56
C CYS B 147 -52.21 -27.92 20.68
N LEU B 148 -51.79 -29.15 20.39
CA LEU B 148 -50.73 -29.40 19.44
C LEU B 148 -51.37 -29.98 18.17
N VAL B 149 -51.26 -29.24 17.06
CA VAL B 149 -51.78 -29.61 15.76
C VAL B 149 -50.64 -30.22 14.96
N LYS B 150 -50.66 -31.52 14.75
CA LYS B 150 -49.44 -32.15 14.29
C LYS B 150 -49.68 -32.97 13.04
N ASP B 151 -48.65 -32.98 12.18
CA ASP B 151 -48.46 -33.91 11.07
C ASP B 151 -49.49 -33.70 9.96
N TYR B 152 -49.46 -32.55 9.29
CA TYR B 152 -50.41 -32.24 8.24
C TYR B 152 -49.72 -31.61 7.03
N PHE B 153 -50.31 -31.80 5.83
CA PHE B 153 -49.87 -31.16 4.58
C PHE B 153 -51.07 -31.03 3.64
N PRO B 154 -51.19 -29.92 2.87
CA PRO B 154 -50.29 -28.78 2.84
C PRO B 154 -50.67 -27.82 3.92
N GLU B 155 -50.05 -26.67 3.94
CA GLU B 155 -50.53 -25.62 4.81
C GLU B 155 -51.52 -24.76 4.00
N PRO B 156 -52.43 -23.99 4.64
CA PRO B 156 -52.67 -23.65 6.05
C PRO B 156 -53.62 -24.54 6.84
N VAL B 157 -53.53 -24.31 8.15
CA VAL B 157 -54.58 -24.63 9.09
C VAL B 157 -54.89 -23.33 9.81
N THR B 158 -56.10 -23.24 10.33
CA THR B 158 -56.50 -22.14 11.18
C THR B 158 -57.07 -22.71 12.47
N VAL B 159 -56.76 -22.06 13.59
CA VAL B 159 -57.15 -22.50 14.91
C VAL B 159 -57.84 -21.34 15.61
N SER B 160 -59.02 -21.58 16.16
CA SER B 160 -59.72 -20.64 17.03
C SER B 160 -60.02 -21.36 18.33
N TRP B 161 -60.54 -20.62 19.32
CA TRP B 161 -60.85 -21.17 20.65
C TRP B 161 -62.27 -20.83 21.07
N ASN B 162 -63.05 -21.87 21.41
CA ASN B 162 -64.46 -21.73 21.83
C ASN B 162 -65.29 -21.13 20.72
N SER B 163 -65.00 -21.56 19.49
CA SER B 163 -65.66 -21.06 18.29
C SER B 163 -65.62 -19.55 18.21
N GLY B 164 -64.51 -18.99 18.69
CA GLY B 164 -64.28 -17.56 18.65
C GLY B 164 -64.68 -16.79 19.89
N ALA B 165 -65.20 -17.44 20.92
CA ALA B 165 -65.56 -16.68 22.11
C ALA B 165 -64.30 -16.19 22.82
N LEU B 166 -63.27 -17.03 22.84
CA LEU B 166 -62.00 -16.71 23.47
C LEU B 166 -61.06 -16.28 22.35
N THR B 167 -60.58 -15.03 22.43
CA THR B 167 -59.64 -14.54 21.42
C THR B 167 -58.44 -13.84 22.04
N SER B 168 -58.66 -13.12 23.14
CA SER B 168 -57.58 -12.41 23.83
C SER B 168 -56.80 -13.40 24.68
N GLY B 169 -55.47 -13.42 24.50
CA GLY B 169 -54.58 -14.32 25.19
C GLY B 169 -54.22 -15.56 24.42
N VAL B 170 -54.63 -15.64 23.17
CA VAL B 170 -54.30 -16.74 22.28
C VAL B 170 -53.03 -16.38 21.53
N HIS B 171 -52.19 -17.39 21.33
CA HIS B 171 -50.96 -17.32 20.55
C HIS B 171 -50.98 -18.59 19.72
N THR B 172 -51.35 -18.47 18.47
CA THR B 172 -51.15 -19.56 17.54
C THR B 172 -49.81 -19.35 16.83
N PHE B 173 -48.93 -20.35 16.94
CA PHE B 173 -47.55 -20.16 16.52
C PHE B 173 -47.39 -20.43 15.03
N PRO B 174 -46.29 -19.94 14.44
CA PRO B 174 -45.90 -20.37 13.09
C PRO B 174 -45.70 -21.88 12.95
N ALA B 175 -45.99 -22.39 11.76
CA ALA B 175 -45.82 -23.82 11.54
C ALA B 175 -44.33 -24.17 11.42
N VAL B 176 -43.97 -25.43 11.67
CA VAL B 176 -42.62 -25.91 11.41
C VAL B 176 -42.68 -27.08 10.45
N LEU B 177 -41.88 -27.00 9.40
CA LEU B 177 -41.77 -28.10 8.46
C LEU B 177 -40.77 -29.11 9.03
N GLN B 178 -41.28 -30.24 9.46
CA GLN B 178 -40.50 -31.25 10.15
C GLN B 178 -39.95 -32.28 9.16
N SER B 179 -39.06 -33.15 9.69
CA SER B 179 -38.31 -34.09 8.86
C SER B 179 -39.21 -34.88 7.94
N SER B 180 -40.44 -35.13 8.37
CA SER B 180 -41.40 -35.94 7.63
C SER B 180 -41.78 -35.35 6.29
N GLY B 181 -41.63 -34.04 6.12
CA GLY B 181 -42.27 -33.37 5.02
C GLY B 181 -43.63 -32.83 5.35
N LEU B 182 -44.16 -33.13 6.53
CA LEU B 182 -45.45 -32.66 7.05
C LEU B 182 -45.26 -31.47 7.98
N TYR B 183 -46.34 -30.70 8.16
CA TYR B 183 -46.31 -29.52 9.04
C TYR B 183 -46.82 -29.85 10.44
N SER B 184 -46.39 -29.05 11.41
CA SER B 184 -46.74 -29.26 12.81
C SER B 184 -46.69 -27.94 13.56
N LEU B 185 -47.61 -27.76 14.50
CA LEU B 185 -47.95 -26.45 15.04
C LEU B 185 -48.61 -26.62 16.39
N SER B 186 -48.60 -25.56 17.19
CA SER B 186 -49.42 -25.61 18.39
C SER B 186 -49.92 -24.21 18.66
N SER B 187 -51.08 -24.16 19.32
CA SER B 187 -51.73 -22.92 19.74
C SER B 187 -52.01 -23.03 21.22
N VAL B 188 -51.70 -21.97 21.96
CA VAL B 188 -51.84 -21.98 23.41
C VAL B 188 -52.66 -20.78 23.83
N VAL B 189 -53.21 -20.87 25.03
CA VAL B 189 -54.03 -19.80 25.60
C VAL B 189 -53.64 -19.67 27.04
N THR B 190 -53.61 -18.43 27.52
CA THR B 190 -53.35 -18.16 28.92
C THR B 190 -54.61 -17.58 29.55
N VAL B 191 -55.06 -18.19 30.65
CA VAL B 191 -56.39 -17.93 31.23
C VAL B 191 -56.23 -17.74 32.73
N PRO B 192 -57.14 -17.03 33.38
CA PRO B 192 -57.08 -16.92 34.79
C PRO B 192 -57.07 -18.37 35.25
N SER B 193 -56.39 -18.66 36.35
CA SER B 193 -56.27 -20.06 36.85
C SER B 193 -57.60 -20.45 37.47
N SER B 194 -58.21 -19.53 38.19
CA SER B 194 -59.48 -19.79 38.89
C SER B 194 -60.52 -20.42 37.98
N SER B 195 -60.36 -20.28 36.68
CA SER B 195 -61.45 -20.73 35.78
C SER B 195 -61.29 -22.16 35.35
N LEU B 196 -60.12 -22.74 35.58
CA LEU B 196 -59.95 -24.07 35.01
C LEU B 196 -60.96 -25.10 35.49
N GLY B 197 -61.59 -24.88 36.65
CA GLY B 197 -62.49 -25.85 37.24
C GLY B 197 -63.89 -25.87 36.65
N THR B 198 -64.52 -24.69 36.62
CA THR B 198 -65.86 -24.49 36.07
C THR B 198 -65.83 -24.33 34.54
N GLN B 199 -65.07 -23.34 34.06
CA GLN B 199 -64.96 -23.01 32.64
C GLN B 199 -64.58 -24.20 31.77
N THR B 200 -65.03 -24.19 30.53
CA THR B 200 -64.64 -25.19 29.57
C THR B 200 -63.87 -24.52 28.44
N TYR B 201 -62.76 -25.14 28.04
CA TYR B 201 -61.93 -24.63 26.96
C TYR B 201 -61.83 -25.74 25.91
N ILE B 202 -62.16 -25.37 24.69
CA ILE B 202 -62.22 -26.26 23.55
C ILE B 202 -61.56 -25.56 22.39
N CYS B 203 -60.52 -26.18 21.86
CA CYS B 203 -59.95 -25.62 20.64
C CYS B 203 -60.55 -26.43 19.47
N ASN B 204 -61.13 -25.67 18.49
CA ASN B 204 -61.15 -25.88 17.08
C ASN B 204 -60.10 -25.47 15.98
N VAL B 205 -59.76 -26.62 15.34
CA VAL B 205 -58.81 -26.64 14.24
C VAL B 205 -59.56 -26.84 12.93
N ASN B 206 -59.13 -26.15 11.87
CA ASN B 206 -59.75 -26.26 10.53
C ASN B 206 -58.70 -26.23 9.43
N HIS B 207 -58.66 -27.29 8.61
CA HIS B 207 -57.73 -27.51 7.47
C HIS B 207 -58.49 -27.66 6.13
N LYS B 208 -58.82 -26.54 5.47
CA LYS B 208 -59.60 -26.57 4.22
C LYS B 208 -59.06 -27.50 3.12
N PRO B 209 -57.75 -27.55 2.82
CA PRO B 209 -57.26 -28.48 1.78
C PRO B 209 -57.35 -29.98 2.12
N SER B 210 -57.95 -30.38 3.27
CA SER B 210 -58.22 -31.80 3.52
C SER B 210 -59.67 -32.01 3.95
N ASN B 211 -60.48 -30.94 3.92
CA ASN B 211 -61.86 -30.95 4.40
C ASN B 211 -61.98 -31.61 5.78
N THR B 212 -61.12 -31.17 6.70
CA THR B 212 -61.12 -31.59 8.10
C THR B 212 -61.43 -30.40 9.00
N LYS B 213 -62.48 -30.54 9.81
CA LYS B 213 -62.77 -29.67 10.94
C LYS B 213 -62.77 -30.59 12.16
N VAL B 214 -61.76 -30.47 13.02
CA VAL B 214 -61.62 -31.30 14.21
C VAL B 214 -61.70 -30.42 15.46
N ASP B 215 -62.35 -30.96 16.51
CA ASP B 215 -62.53 -30.32 17.81
C ASP B 215 -61.95 -31.18 18.94
N LYS B 216 -61.29 -30.52 19.88
CA LYS B 216 -60.71 -31.17 21.04
C LYS B 216 -61.01 -30.35 22.28
N LYS B 217 -61.26 -31.04 23.37
CA LYS B 217 -61.52 -30.36 24.65
C LYS B 217 -60.27 -30.45 25.50
N VAL B 218 -59.88 -29.33 26.09
CA VAL B 218 -58.63 -29.31 26.90
C VAL B 218 -59.08 -29.21 28.35
N GLU B 219 -58.89 -30.29 29.09
CA GLU B 219 -59.32 -30.32 30.49
C GLU B 219 -58.14 -30.71 31.37
N PRO B 220 -58.01 -30.14 32.56
CA PRO B 220 -56.92 -30.47 33.45
C PRO B 220 -56.81 -31.98 33.67
N LYS B 221 -55.62 -32.47 34.03
CA LYS B 221 -55.37 -33.91 34.20
C LYS B 221 -55.67 -34.35 35.63
N SER B 222 -54.64 -34.66 36.43
CA SER B 222 -54.87 -35.22 37.79
C SER B 222 -54.33 -34.29 38.88
N ASP C 1 7.38 36.13 -1.93
CA ASP C 1 7.20 35.34 -0.70
C ASP C 1 6.72 33.90 -0.98
N ILE C 2 7.21 32.92 -0.22
CA ILE C 2 6.98 31.51 -0.55
C ILE C 2 5.88 30.97 0.35
N GLN C 3 4.85 30.41 -0.28
CA GLN C 3 3.63 29.97 0.37
C GLN C 3 3.45 28.49 0.09
N MET C 4 3.12 27.71 1.13
CA MET C 4 2.90 26.26 0.99
C MET C 4 1.44 25.87 1.19
N THR C 5 0.94 25.06 0.26
CA THR C 5 -0.37 24.48 0.36
C THR C 5 -0.24 22.98 0.36
N GLN C 6 -1.21 22.33 1.00
CA GLN C 6 -1.29 20.89 1.00
C GLN C 6 -2.67 20.49 0.53
N SER C 7 -2.81 19.21 0.22
CA SER C 7 -4.08 18.62 -0.18
C SER C 7 -3.98 17.12 0.00
N PRO C 8 -5.09 16.44 0.35
CA PRO C 8 -6.34 17.13 0.66
C PRO C 8 -6.15 17.62 2.08
N SER C 9 -6.83 18.65 2.56
CA SER C 9 -6.55 19.03 3.94
C SER C 9 -7.14 18.05 4.95
N SER C 10 -8.05 17.16 4.52
CA SER C 10 -8.53 16.07 5.36
C SER C 10 -8.53 14.74 4.63
N LEU C 11 -8.29 13.66 5.40
CA LEU C 11 -8.18 12.30 4.88
C LEU C 11 -8.65 11.25 5.87
N SER C 12 -9.57 10.39 5.44
CA SER C 12 -9.98 9.22 6.21
C SER C 12 -9.38 7.98 5.58
N ALA C 13 -8.72 7.16 6.40
CA ALA C 13 -8.10 5.94 5.92
C ALA C 13 -8.29 4.81 6.92
N SER C 14 -8.16 3.57 6.44
CA SER C 14 -8.17 2.35 7.25
C SER C 14 -6.76 1.95 7.61
N VAL C 15 -6.62 1.02 8.57
CA VAL C 15 -5.30 0.48 8.85
C VAL C 15 -4.86 -0.44 7.72
N GLY C 16 -3.60 -0.29 7.30
CA GLY C 16 -3.11 -1.09 6.20
C GLY C 16 -3.31 -0.49 4.83
N ASP C 17 -3.48 0.82 4.74
CA ASP C 17 -3.80 1.45 3.47
C ASP C 17 -2.57 2.17 2.94
N ARG C 18 -2.50 2.31 1.63
CA ARG C 18 -1.53 3.19 1.01
C ARG C 18 -2.10 4.60 1.03
N VAL C 19 -1.41 5.52 1.68
CA VAL C 19 -1.90 6.88 1.86
C VAL C 19 -0.93 7.84 1.17
N THR C 20 -1.48 8.88 0.53
CA THR C 20 -0.66 9.80 -0.28
C THR C 20 -1.08 11.25 -0.08
N ILE C 21 -0.15 12.08 0.42
CA ILE C 21 -0.39 13.51 0.66
C ILE C 21 0.44 14.35 -0.31
N THR C 22 -0.15 15.44 -0.80
CA THR C 22 0.50 16.37 -1.71
C THR C 22 0.76 17.70 -1.01
N CYS C 23 1.93 18.26 -1.25
CA CYS C 23 2.30 19.61 -0.89
C CYS C 23 2.62 20.33 -2.18
N ARG C 24 2.44 21.64 -2.21
CA ARG C 24 2.74 22.42 -3.41
C ARG C 24 3.28 23.79 -3.00
N ALA C 25 4.39 24.20 -3.61
CA ALA C 25 5.06 25.43 -3.24
C ALA C 25 4.72 26.52 -4.26
N SER C 26 4.60 27.77 -3.79
CA SER C 26 4.18 28.83 -4.69
C SER C 26 5.17 29.02 -5.83
N GLN C 27 6.42 28.60 -5.62
CA GLN C 27 7.48 28.74 -6.61
C GLN C 27 8.45 27.60 -6.42
N SER C 28 9.25 27.33 -7.45
CA SER C 28 10.27 26.30 -7.34
C SER C 28 11.19 26.63 -6.17
N ILE C 29 11.26 25.68 -5.24
CA ILE C 29 12.17 25.66 -4.11
C ILE C 29 13.14 24.49 -4.23
N SER C 30 13.46 24.05 -5.46
CA SER C 30 14.39 22.94 -5.65
C SER C 30 13.94 21.71 -4.86
N SER C 31 14.73 21.28 -3.90
CA SER C 31 14.33 20.15 -3.08
C SER C 31 14.64 20.37 -1.59
N TYR C 32 14.40 21.59 -1.10
CA TYR C 32 14.40 21.87 0.34
C TYR C 32 12.98 21.76 0.92
N LEU C 33 12.51 20.52 1.01
CA LEU C 33 11.15 20.26 1.49
C LEU C 33 11.20 19.21 2.59
N ASN C 34 10.63 19.54 3.76
CA ASN C 34 10.60 18.68 4.93
C ASN C 34 9.16 18.31 5.23
N TRP C 35 8.94 17.16 5.92
CA TRP C 35 7.62 16.71 6.40
C TRP C 35 7.59 16.47 7.92
N TYR C 36 6.52 16.87 8.59
CA TYR C 36 6.46 16.68 10.04
C TYR C 36 5.24 15.84 10.44
N GLN C 37 5.34 15.18 11.59
CA GLN C 37 4.18 14.50 12.15
C GLN C 37 3.86 15.11 13.51
N GLN C 38 2.59 15.36 13.74
CA GLN C 38 2.12 15.86 15.02
C GLN C 38 0.82 15.16 15.37
N LYS C 39 0.74 14.75 16.63
CA LYS C 39 -0.42 14.15 17.26
C LYS C 39 -0.94 15.09 18.33
N PRO C 40 -2.23 15.01 18.66
CA PRO C 40 -2.86 16.09 19.40
C PRO C 40 -2.23 16.26 20.77
N GLY C 41 -1.90 17.51 21.13
CA GLY C 41 -1.31 17.83 22.41
C GLY C 41 0.17 17.50 22.55
N LYS C 42 0.75 16.73 21.63
CA LYS C 42 2.17 16.47 21.59
C LYS C 42 2.84 17.45 20.64
N ALA C 43 4.18 17.38 20.57
CA ALA C 43 4.98 18.23 19.69
C ALA C 43 5.18 17.54 18.34
N PRO C 44 5.63 18.29 17.33
CA PRO C 44 5.93 17.70 16.01
C PRO C 44 7.17 16.78 15.98
N LYS C 45 7.13 15.75 15.14
CA LYS C 45 8.25 14.82 14.93
C LYS C 45 8.66 14.87 13.46
N LEU C 46 9.98 14.98 13.20
CA LEU C 46 10.48 15.01 11.82
C LEU C 46 10.44 13.64 11.16
N LEU C 47 9.89 13.56 9.94
CA LEU C 47 9.82 12.31 9.18
C LEU C 47 10.78 12.27 8.00
N ILE C 48 10.60 13.17 7.03
CA ILE C 48 11.35 13.21 5.78
C ILE C 48 12.01 14.58 5.69
N TYR C 49 13.24 14.60 5.21
CA TYR C 49 13.99 15.82 4.96
C TYR C 49 14.64 15.73 3.58
N ALA C 50 14.90 16.91 3.00
CA ALA C 50 15.41 17.03 1.64
C ALA C 50 14.59 16.18 0.68
N ALA C 51 13.29 16.47 0.69
CA ALA C 51 12.28 15.94 -0.25
C ALA C 51 12.00 14.46 -0.10
N SER C 52 13.05 13.65 0.00
CA SER C 52 12.88 12.23 -0.24
C SER C 52 13.52 11.30 0.80
N SER C 53 14.55 11.78 1.50
CA SER C 53 15.35 10.94 2.37
C SER C 53 14.85 10.95 3.81
N LEU C 54 15.09 9.83 4.49
CA LEU C 54 14.36 9.47 5.68
C LEU C 54 15.15 9.70 6.98
N GLN C 55 14.44 10.13 8.02
CA GLN C 55 14.98 10.32 9.37
C GLN C 55 15.19 8.99 10.07
N SER C 56 16.13 8.95 11.01
CA SER C 56 16.35 7.73 11.80
C SER C 56 15.19 7.48 12.75
N GLY C 57 14.87 6.21 12.92
CA GLY C 57 13.74 5.85 13.72
C GLY C 57 12.43 5.95 13.00
N VAL C 58 12.40 6.51 11.80
CA VAL C 58 11.15 6.54 11.06
C VAL C 58 11.02 5.21 10.32
N PRO C 59 9.90 4.51 10.44
CA PRO C 59 9.74 3.27 9.69
C PRO C 59 9.87 3.52 8.19
N SER C 60 10.22 2.46 7.49
CA SER C 60 10.41 2.55 6.05
C SER C 60 9.09 2.57 5.27
N ARG C 61 7.92 2.56 5.93
CA ARG C 61 6.67 2.76 5.18
C ARG C 61 6.43 4.23 4.84
N PHE C 62 7.22 5.15 5.39
CA PHE C 62 7.21 6.55 5.00
C PHE C 62 8.25 6.76 3.90
N SER C 63 7.90 7.57 2.89
CA SER C 63 8.80 7.94 1.81
C SER C 63 8.33 9.26 1.26
N GLY C 64 9.25 10.02 0.68
CA GLY C 64 8.89 11.27 0.02
C GLY C 64 9.46 11.37 -1.38
N SER C 65 8.74 12.09 -2.23
CA SER C 65 9.28 12.22 -3.57
C SER C 65 8.90 13.57 -4.16
N GLY C 66 9.51 13.85 -5.31
CA GLY C 66 9.30 15.05 -6.07
C GLY C 66 10.36 16.12 -5.79
N SER C 67 10.40 17.11 -6.69
CA SER C 67 11.15 18.32 -6.49
C SER C 67 10.58 19.40 -7.42
N GLY C 68 11.13 20.60 -7.29
CA GLY C 68 10.62 21.74 -8.00
C GLY C 68 9.56 22.41 -7.17
N THR C 69 8.28 22.16 -7.44
CA THR C 69 7.18 22.78 -6.69
C THR C 69 6.15 21.82 -6.15
N ASP C 70 6.09 20.58 -6.64
CA ASP C 70 5.10 19.59 -6.25
C ASP C 70 5.82 18.39 -5.66
N PHE C 71 5.43 18.00 -4.44
CA PHE C 71 6.04 16.90 -3.69
C PHE C 71 4.94 16.02 -3.13
N THR C 72 5.33 14.79 -2.77
CA THR C 72 4.44 13.76 -2.25
C THR C 72 5.06 13.15 -1.01
N LEU C 73 4.21 12.82 -0.03
CA LEU C 73 4.56 11.98 1.12
C LEU C 73 3.65 10.76 1.10
N THR C 74 4.22 9.59 1.39
CA THR C 74 3.51 8.32 1.22
C THR C 74 3.74 7.38 2.38
N ILE C 75 2.63 6.83 2.90
CA ILE C 75 2.62 5.74 3.86
C ILE C 75 2.15 4.49 3.15
N SER C 76 3.09 3.56 2.94
CA SER C 76 2.86 2.39 2.08
C SER C 76 1.86 1.42 2.69
N SER C 77 1.87 1.25 4.02
CA SER C 77 0.89 0.42 4.71
C SER C 77 0.65 1.08 6.07
N LEU C 78 -0.53 1.72 6.20
CA LEU C 78 -0.86 2.48 7.41
C LEU C 78 -0.91 1.58 8.65
N GLN C 79 -0.42 2.10 9.78
CA GLN C 79 -0.37 1.43 11.07
C GLN C 79 -1.03 2.32 12.11
N PRO C 80 -1.48 1.75 13.23
CA PRO C 80 -2.45 2.49 14.08
C PRO C 80 -1.94 3.76 14.73
N GLU C 81 -0.65 3.98 14.91
CA GLU C 81 -0.20 5.27 15.44
C GLU C 81 0.24 6.22 14.31
N ASP C 82 -0.22 5.99 13.08
CA ASP C 82 0.12 6.91 12.00
C ASP C 82 -0.95 7.97 11.83
N PHE C 83 -2.09 7.83 12.49
CA PHE C 83 -3.17 8.81 12.42
C PHE C 83 -2.71 10.06 13.14
N ALA C 84 -2.55 11.14 12.39
CA ALA C 84 -2.01 12.38 12.92
C ALA C 84 -2.26 13.47 11.89
N THR C 85 -1.69 14.64 12.15
CA THR C 85 -1.68 15.76 11.22
C THR C 85 -0.28 15.92 10.67
N TYR C 86 -0.17 16.09 9.35
CA TYR C 86 1.10 16.15 8.65
C TYR C 86 1.30 17.52 8.00
N TYR C 87 2.44 18.14 8.26
CA TYR C 87 2.83 19.46 7.75
C TYR C 87 4.05 19.31 6.83
N CYS C 88 4.14 20.18 5.82
CA CYS C 88 5.36 20.29 5.02
C CYS C 88 6.11 21.60 5.30
N GLN C 89 7.32 21.71 4.76
CA GLN C 89 8.19 22.84 5.07
C GLN C 89 9.20 23.10 3.98
N GLN C 90 9.11 24.28 3.35
CA GLN C 90 10.18 24.78 2.51
C GLN C 90 11.20 25.40 3.44
N SER C 91 12.48 25.07 3.23
CA SER C 91 13.56 25.72 3.96
C SER C 91 14.57 26.26 2.97
N TYR C 92 14.03 26.82 1.89
CA TYR C 92 14.78 27.54 0.88
C TYR C 92 15.00 28.98 1.34
N SER C 93 13.93 29.72 1.57
CA SER C 93 14.00 31.11 1.99
C SER C 93 14.30 31.17 3.48
N THR C 94 15.51 31.55 3.87
CA THR C 94 15.79 31.07 5.22
C THR C 94 15.51 32.06 6.34
N PRO C 95 15.54 33.36 6.15
CA PRO C 95 14.84 34.21 7.13
C PRO C 95 13.43 34.51 6.70
N GLY C 96 12.76 33.58 6.01
CA GLY C 96 11.30 33.54 5.88
C GLY C 96 10.78 32.12 5.64
N VAL C 97 10.78 31.30 6.65
CA VAL C 97 10.58 29.86 6.49
C VAL C 97 9.12 29.54 6.68
N THR C 98 8.60 28.59 5.91
CA THR C 98 7.16 28.42 5.87
C THR C 98 6.71 26.97 6.01
N PHE C 99 5.58 26.82 6.69
CA PHE C 99 4.98 25.53 6.91
C PHE C 99 3.74 25.40 6.06
N GLY C 100 3.29 24.18 5.89
CA GLY C 100 2.00 23.96 5.31
C GLY C 100 0.90 24.22 6.31
N PRO C 101 -0.33 24.14 5.82
CA PRO C 101 -1.49 24.21 6.72
C PRO C 101 -1.79 22.87 7.37
N GLY C 102 -1.21 21.77 6.89
CA GLY C 102 -1.43 20.48 7.53
C GLY C 102 -2.42 19.62 6.77
N THR C 103 -2.30 18.31 6.97
CA THR C 103 -3.26 17.34 6.49
C THR C 103 -3.61 16.43 7.65
N LYS C 104 -4.90 16.34 8.01
CA LYS C 104 -5.30 15.46 9.11
C LYS C 104 -5.78 14.14 8.54
N VAL C 105 -5.27 13.05 9.10
CA VAL C 105 -5.70 11.70 8.79
C VAL C 105 -6.35 11.14 10.04
N ASP C 106 -7.60 10.68 9.90
CA ASP C 106 -8.35 10.03 10.97
C ASP C 106 -8.78 8.64 10.51
N ILE C 107 -9.53 7.96 11.36
CA ILE C 107 -9.86 6.58 11.14
C ILE C 107 -11.16 6.50 10.35
N LYS C 108 -11.18 5.69 9.29
CA LYS C 108 -12.40 5.54 8.50
C LYS C 108 -13.33 4.52 9.14
N ARG C 109 -14.62 4.77 9.05
CA ARG C 109 -15.65 3.91 9.63
C ARG C 109 -16.95 4.19 8.90
N THR C 110 -18.01 3.47 9.27
CA THR C 110 -19.28 3.67 8.58
C THR C 110 -19.85 5.05 8.93
N VAL C 111 -20.50 5.71 7.95
CA VAL C 111 -21.07 7.05 8.17
C VAL C 111 -22.23 7.00 9.17
N ALA C 112 -22.38 8.07 9.97
CA ALA C 112 -23.30 8.05 11.11
C ALA C 112 -23.87 9.45 11.30
N ALA C 113 -25.18 9.59 11.09
CA ALA C 113 -25.78 10.90 11.22
C ALA C 113 -25.78 11.33 12.69
N PRO C 114 -25.69 12.63 12.95
CA PRO C 114 -25.70 13.08 14.35
C PRO C 114 -27.08 13.02 14.97
N SER C 115 -27.09 12.83 16.29
CA SER C 115 -28.30 13.00 17.08
C SER C 115 -28.31 14.41 17.62
N VAL C 116 -29.32 15.19 17.29
CA VAL C 116 -29.30 16.62 17.61
C VAL C 116 -30.15 16.85 18.85
N PHE C 117 -29.66 17.72 19.72
CA PHE C 117 -30.30 18.17 20.93
C PHE C 117 -30.08 19.66 21.04
N ILE C 118 -31.01 20.35 21.69
CA ILE C 118 -30.90 21.78 21.86
C ILE C 118 -31.31 22.12 23.28
N PHE C 119 -30.67 23.14 23.85
CA PHE C 119 -30.87 23.48 25.25
C PHE C 119 -31.21 24.96 25.38
N PRO C 120 -32.43 25.29 25.79
CA PRO C 120 -32.78 26.70 26.04
C PRO C 120 -31.96 27.27 27.18
N PRO C 121 -31.78 28.58 27.22
CA PRO C 121 -30.93 29.18 28.27
C PRO C 121 -31.52 28.93 29.64
N SER C 122 -30.63 28.92 30.62
CA SER C 122 -31.07 28.57 31.97
C SER C 122 -31.83 29.72 32.62
N ASP C 123 -32.66 29.35 33.59
CA ASP C 123 -33.44 30.34 34.32
C ASP C 123 -32.52 31.26 35.10
N GLU C 124 -31.47 30.68 35.72
CA GLU C 124 -30.48 31.41 36.52
C GLU C 124 -29.64 32.34 35.66
N GLN C 125 -29.19 31.87 34.50
CA GLN C 125 -28.42 32.74 33.64
C GLN C 125 -29.27 33.90 33.15
N LEU C 126 -30.47 33.59 32.67
CA LEU C 126 -31.32 34.60 32.04
C LEU C 126 -31.66 35.72 33.02
N LYS C 127 -31.74 35.41 34.32
CA LYS C 127 -31.95 36.51 35.26
C LYS C 127 -30.79 37.48 35.24
N SER C 128 -29.56 36.98 35.01
CA SER C 128 -28.36 37.80 35.10
C SER C 128 -28.23 38.78 33.94
N GLY C 129 -28.80 38.49 32.78
CA GLY C 129 -28.73 39.43 31.67
C GLY C 129 -28.13 38.91 30.36
N THR C 130 -28.07 37.60 30.20
CA THR C 130 -27.54 36.99 28.99
C THR C 130 -28.26 35.69 28.76
N ALA C 131 -28.42 35.32 27.51
CA ALA C 131 -29.01 34.04 27.18
C ALA C 131 -28.01 33.28 26.31
N SER C 132 -27.82 32.00 26.61
CA SER C 132 -26.93 31.14 25.83
C SER C 132 -27.70 29.91 25.39
N VAL C 133 -27.80 29.72 24.09
CA VAL C 133 -28.54 28.60 23.53
C VAL C 133 -27.53 27.64 22.94
N VAL C 134 -27.60 26.39 23.38
CA VAL C 134 -26.62 25.36 23.02
C VAL C 134 -27.31 24.31 22.17
N CYS C 135 -26.68 23.95 21.05
CA CYS C 135 -27.15 22.89 20.18
C CYS C 135 -26.04 21.85 20.23
N LEU C 136 -26.40 20.59 20.44
CA LEU C 136 -25.45 19.48 20.56
C LEU C 136 -25.63 18.51 19.40
N LEU C 137 -24.57 18.26 18.63
CA LEU C 137 -24.57 17.20 17.62
C LEU C 137 -23.72 16.06 18.15
N ASN C 138 -24.28 14.85 18.16
CA ASN C 138 -23.77 13.80 19.03
C ASN C 138 -23.44 12.54 18.24
N ASN C 139 -22.19 12.09 18.37
CA ASN C 139 -21.63 10.84 17.83
C ASN C 139 -21.90 10.71 16.33
N PHE C 140 -21.25 11.60 15.58
CA PHE C 140 -21.37 11.59 14.14
C PHE C 140 -20.00 11.33 13.51
N TYR C 141 -20.05 10.79 12.31
CA TYR C 141 -18.91 10.58 11.47
C TYR C 141 -19.51 10.60 10.07
N PRO C 142 -18.84 11.22 9.08
CA PRO C 142 -17.56 11.94 9.14
C PRO C 142 -17.60 13.31 9.85
N ARG C 143 -16.45 13.96 9.96
CA ARG C 143 -16.33 15.09 10.86
C ARG C 143 -17.04 16.37 10.40
N GLU C 144 -17.58 16.45 9.19
CA GLU C 144 -17.97 17.74 8.62
C GLU C 144 -19.47 17.95 8.80
N ALA C 145 -19.83 19.01 9.51
CA ALA C 145 -21.21 19.24 9.81
C ALA C 145 -21.46 20.75 9.88
N LYS C 146 -22.65 21.14 9.50
CA LYS C 146 -22.98 22.54 9.40
C LYS C 146 -24.11 22.80 10.38
N VAL C 147 -24.00 23.90 11.14
CA VAL C 147 -25.06 24.25 12.08
C VAL C 147 -25.50 25.68 11.78
N GLN C 148 -26.76 25.83 11.35
CA GLN C 148 -27.38 27.14 11.16
C GLN C 148 -28.40 27.36 12.24
N TRP C 149 -28.22 28.42 12.99
CA TRP C 149 -29.16 28.84 13.98
C TRP C 149 -30.23 29.66 13.29
N LYS C 150 -31.48 29.33 13.55
CA LYS C 150 -32.60 30.11 13.07
C LYS C 150 -33.30 30.72 14.26
N VAL C 151 -33.60 32.01 14.18
CA VAL C 151 -34.39 32.67 15.20
C VAL C 151 -35.59 33.23 14.48
N ASP C 152 -36.74 32.59 14.70
CA ASP C 152 -37.98 32.90 14.00
C ASP C 152 -37.76 32.79 12.50
N ASN C 153 -37.10 31.70 12.10
CA ASN C 153 -36.79 31.37 10.72
C ASN C 153 -35.89 32.41 10.06
N ALA C 154 -35.16 33.17 10.84
CA ALA C 154 -34.25 34.15 10.28
C ALA C 154 -32.86 33.60 10.57
N LEU C 155 -32.23 33.04 9.54
CA LEU C 155 -30.89 32.49 9.68
C LEU C 155 -30.00 33.45 10.45
N GLN C 156 -29.14 32.91 11.32
CA GLN C 156 -28.22 33.75 12.08
C GLN C 156 -26.77 33.56 11.64
N SER C 157 -25.98 34.60 11.85
CA SER C 157 -24.55 34.57 11.56
C SER C 157 -23.86 35.57 12.45
N GLY C 158 -22.71 35.16 13.01
CA GLY C 158 -21.88 36.06 13.78
C GLY C 158 -22.30 36.22 15.23
N ASN C 159 -23.06 35.28 15.77
CA ASN C 159 -23.30 35.25 17.21
C ASN C 159 -23.23 33.84 17.79
N SER C 160 -22.82 32.85 17.02
CA SER C 160 -22.59 31.51 17.54
C SER C 160 -21.10 31.14 17.43
N GLN C 161 -20.64 30.29 18.35
CA GLN C 161 -19.31 29.68 18.32
C GLN C 161 -19.49 28.17 18.47
N GLU C 162 -18.58 27.38 17.90
CA GLU C 162 -18.66 25.93 18.03
C GLU C 162 -17.30 25.31 18.36
N SER C 163 -17.35 24.11 18.95
CA SER C 163 -16.22 23.24 19.31
C SER C 163 -16.48 21.81 18.84
N VAL C 164 -15.43 21.03 18.75
CA VAL C 164 -15.62 19.64 18.36
C VAL C 164 -14.63 18.74 19.11
N THR C 165 -15.09 17.56 19.48
CA THR C 165 -14.20 16.64 20.17
C THR C 165 -13.26 15.99 19.16
N GLU C 166 -12.17 15.41 19.66
CA GLU C 166 -11.33 14.52 18.88
C GLU C 166 -12.08 13.24 18.55
N GLN C 167 -11.57 12.51 17.56
CA GLN C 167 -12.18 11.24 17.21
C GLN C 167 -12.14 10.32 18.43
N ASP C 168 -13.27 9.67 18.72
CA ASP C 168 -13.36 8.92 19.96
C ASP C 168 -12.51 7.65 19.85
N SER C 169 -11.95 7.23 20.99
CA SER C 169 -11.15 6.01 21.01
C SER C 169 -12.00 4.79 20.73
N LYS C 170 -13.19 4.73 21.31
CA LYS C 170 -13.99 3.52 21.20
C LYS C 170 -14.70 3.40 19.85
N ASP C 171 -15.54 4.39 19.46
CA ASP C 171 -16.36 4.25 18.25
C ASP C 171 -15.89 5.07 17.06
N SER C 172 -14.88 5.92 17.23
CA SER C 172 -14.31 6.72 16.15
C SER C 172 -15.32 7.71 15.58
N THR C 173 -15.98 8.45 16.47
CA THR C 173 -16.96 9.45 16.08
C THR C 173 -16.60 10.79 16.68
N TYR C 174 -17.27 11.83 16.17
CA TYR C 174 -17.08 13.21 16.59
C TYR C 174 -18.35 13.74 17.25
N SER C 175 -18.22 14.86 17.96
CA SER C 175 -19.36 15.49 18.61
C SER C 175 -19.10 16.98 18.64
N LEU C 176 -20.16 17.78 18.53
CA LEU C 176 -20.01 19.22 18.38
C LEU C 176 -21.02 19.95 19.25
N SER C 177 -20.64 21.10 19.81
CA SER C 177 -21.63 21.90 20.50
C SER C 177 -21.47 23.36 20.11
N SER C 178 -22.47 23.89 19.39
CA SER C 178 -22.57 25.30 19.00
C SER C 178 -23.32 26.09 20.08
N THR C 179 -22.86 27.30 20.37
CA THR C 179 -23.47 28.13 21.41
C THR C 179 -23.83 29.49 20.80
N LEU C 180 -25.14 29.71 20.62
CA LEU C 180 -25.71 30.96 20.13
C LEU C 180 -25.91 31.92 21.27
N THR C 181 -25.12 32.99 21.33
CA THR C 181 -25.14 33.86 22.49
C THR C 181 -25.90 35.15 22.16
N LEU C 182 -26.96 35.43 22.92
CA LEU C 182 -27.75 36.65 22.77
C LEU C 182 -27.71 37.49 24.04
N SER C 183 -28.73 38.32 24.21
CA SER C 183 -28.83 39.17 25.38
C SER C 183 -30.23 39.01 25.91
N LYS C 184 -30.37 39.08 27.24
CA LYS C 184 -31.70 38.96 27.84
C LYS C 184 -32.66 39.89 27.10
N ALA C 185 -32.23 41.13 26.86
CA ALA C 185 -33.07 42.09 26.15
C ALA C 185 -33.51 41.53 24.80
N ASP C 186 -32.54 41.06 24.01
CA ASP C 186 -32.80 40.71 22.62
C ASP C 186 -33.48 39.34 22.49
N TYR C 187 -33.26 38.47 23.47
CA TYR C 187 -33.84 37.11 23.48
C TYR C 187 -35.34 37.14 23.70
N GLU C 188 -35.84 38.05 24.55
CA GLU C 188 -37.26 38.08 24.86
C GLU C 188 -38.10 38.43 23.63
N LYS C 189 -37.55 39.23 22.72
CA LYS C 189 -38.24 39.77 21.56
C LYS C 189 -38.63 38.71 20.53
N HIS C 190 -38.31 37.44 20.72
CA HIS C 190 -38.55 36.39 19.72
C HIS C 190 -39.10 35.13 20.39
N LYS C 191 -39.72 34.25 19.61
CA LYS C 191 -40.35 33.12 20.26
C LYS C 191 -39.81 31.75 19.88
N VAL C 192 -39.28 31.56 18.67
CA VAL C 192 -38.91 30.22 18.19
C VAL C 192 -37.43 30.12 17.79
N TYR C 193 -36.68 29.23 18.48
CA TYR C 193 -35.24 29.06 18.27
C TYR C 193 -34.93 27.67 17.72
N ALA C 194 -33.92 27.59 16.88
CA ALA C 194 -33.71 26.29 16.25
C ALA C 194 -32.32 26.16 15.70
N CYS C 195 -31.93 24.93 15.45
CA CYS C 195 -30.65 24.74 14.78
C CYS C 195 -30.80 23.69 13.69
N GLU C 196 -30.68 24.13 12.45
CA GLU C 196 -30.78 23.22 11.29
C GLU C 196 -29.43 22.55 11.14
N VAL C 197 -29.40 21.23 11.14
CA VAL C 197 -28.12 20.51 11.10
C VAL C 197 -27.96 19.83 9.76
N THR C 198 -26.88 20.16 9.08
CA THR C 198 -26.54 19.56 7.80
C THR C 198 -25.36 18.62 7.96
N HIS C 199 -25.50 17.40 7.43
CA HIS C 199 -24.45 16.39 7.55
C HIS C 199 -24.50 15.46 6.36
N GLN C 200 -23.37 14.79 6.12
CA GLN C 200 -23.24 13.87 4.99
C GLN C 200 -24.23 12.73 5.08
N GLY C 201 -24.56 12.29 6.27
CA GLY C 201 -25.52 11.22 6.41
C GLY C 201 -26.96 11.66 6.55
N LEU C 202 -27.26 12.91 6.20
CA LEU C 202 -28.63 13.41 6.26
C LEU C 202 -29.01 13.89 4.86
N SER C 203 -29.99 13.22 4.24
CA SER C 203 -30.40 13.64 2.90
C SER C 203 -30.90 15.07 2.93
N SER C 204 -31.72 15.41 3.92
CA SER C 204 -32.15 16.80 4.12
C SER C 204 -31.93 17.20 5.58
N PRO C 205 -31.79 18.51 5.84
CA PRO C 205 -31.40 18.96 7.18
C PRO C 205 -32.38 18.56 8.27
N VAL C 206 -31.83 18.37 9.46
CA VAL C 206 -32.54 18.01 10.69
C VAL C 206 -32.60 19.25 11.57
N THR C 207 -33.82 19.61 11.99
CA THR C 207 -34.06 20.78 12.82
C THR C 207 -34.61 20.35 14.17
N LYS C 208 -34.13 20.96 15.22
CA LYS C 208 -34.66 20.80 16.55
C LYS C 208 -34.89 22.19 17.08
N SER C 209 -36.00 22.40 17.79
CA SER C 209 -36.39 23.77 18.12
C SER C 209 -37.20 23.80 19.41
N PHE C 210 -37.33 25.00 19.97
CA PHE C 210 -38.12 25.19 21.18
C PHE C 210 -38.78 26.56 21.09
N ASN C 211 -39.84 26.74 21.87
CA ASN C 211 -40.57 28.00 21.92
C ASN C 211 -40.24 28.68 23.25
N ARG C 212 -39.74 29.90 23.17
CA ARG C 212 -39.39 30.61 24.39
C ARG C 212 -40.65 30.76 25.22
N GLY C 213 -40.62 30.27 26.45
CA GLY C 213 -41.82 30.29 27.27
C GLY C 213 -42.51 28.95 27.16
N GLU C 214 -42.14 27.98 28.02
CA GLU C 214 -42.80 26.67 27.99
C GLU C 214 -42.65 25.97 29.37
N GLN D 1 18.73 9.64 23.36
CA GLN D 1 18.38 10.60 24.40
C GLN D 1 18.84 12.03 24.02
N VAL D 2 18.00 12.76 23.29
CA VAL D 2 18.18 14.18 22.99
C VAL D 2 16.96 14.86 23.57
N GLN D 3 17.12 15.81 24.47
CA GLN D 3 15.90 16.34 25.08
C GLN D 3 16.02 17.79 25.49
N LEU D 4 14.95 18.51 25.25
CA LEU D 4 14.85 19.93 25.51
C LEU D 4 13.56 20.18 26.28
N VAL D 5 13.60 21.11 27.22
CA VAL D 5 12.45 21.36 28.08
C VAL D 5 12.26 22.86 28.22
N GLU D 6 11.23 23.36 27.56
CA GLU D 6 10.95 24.78 27.60
C GLU D 6 10.32 25.10 28.95
N SER D 7 10.50 26.35 29.37
CA SER D 7 9.93 26.83 30.62
C SER D 7 9.82 28.35 30.57
N GLY D 8 9.00 28.90 31.46
CA GLY D 8 8.83 30.33 31.57
C GLY D 8 7.57 30.88 30.98
N GLY D 9 6.61 30.02 30.62
CA GLY D 9 5.34 30.42 30.05
C GLY D 9 4.41 31.17 31.00
N GLY D 10 3.09 31.07 30.78
CA GLY D 10 2.11 31.73 31.63
C GLY D 10 1.31 32.81 30.92
N VAL D 11 0.67 33.70 31.68
CA VAL D 11 -0.17 34.76 31.13
C VAL D 11 0.53 36.11 31.31
N VAL D 12 0.60 36.90 30.24
CA VAL D 12 1.28 38.19 30.25
C VAL D 12 0.35 39.23 29.63
N GLN D 13 0.40 40.45 30.17
CA GLN D 13 -0.54 41.47 29.73
C GLN D 13 -0.02 42.14 28.46
N PRO D 14 -0.92 42.45 27.51
CA PRO D 14 -0.51 43.03 26.23
C PRO D 14 0.34 44.27 26.38
N GLY D 15 1.48 44.27 25.68
CA GLY D 15 2.33 45.46 25.67
C GLY D 15 3.38 45.33 26.73
N ARG D 16 3.70 44.11 27.09
CA ARG D 16 4.62 43.94 28.21
C ARG D 16 5.68 42.96 27.77
N SER D 17 6.34 42.32 28.73
CA SER D 17 7.47 41.45 28.34
C SER D 17 7.39 40.12 29.04
N LEU D 18 8.00 39.12 28.42
CA LEU D 18 8.11 37.82 29.04
C LEU D 18 9.40 37.21 28.56
N ARG D 19 10.02 36.39 29.39
CA ARG D 19 11.26 35.74 29.00
C ARG D 19 11.04 34.25 28.91
N LEU D 20 11.37 33.69 27.77
CA LEU D 20 11.32 32.24 27.65
C LEU D 20 12.73 31.69 27.81
N SER D 21 12.81 30.39 28.07
CA SER D 21 14.06 29.73 28.40
C SER D 21 13.91 28.25 28.10
N CYS D 22 15.02 27.61 27.72
CA CYS D 22 15.01 26.20 27.32
C CYS D 22 16.22 25.48 27.90
N ALA D 23 15.97 24.28 28.42
CA ALA D 23 17.00 23.44 29.01
C ALA D 23 17.37 22.34 28.04
N ALA D 24 18.64 22.32 27.62
CA ALA D 24 19.10 21.46 26.56
C ALA D 24 19.92 20.30 27.13
N SER D 25 19.68 19.11 26.61
CA SER D 25 20.36 17.90 27.09
C SER D 25 20.42 16.89 25.96
N GLY D 26 21.39 15.99 26.06
CA GLY D 26 21.42 14.85 25.19
C GLY D 26 22.12 15.03 23.87
N PHE D 27 22.76 16.16 23.64
CA PHE D 27 23.45 16.33 22.38
C PHE D 27 24.45 17.46 22.58
N THR D 28 25.47 17.44 21.73
CA THR D 28 26.55 18.41 21.82
C THR D 28 26.07 19.82 21.44
N PHE D 29 25.64 20.53 22.49
CA PHE D 29 24.86 21.77 22.34
C PHE D 29 25.66 22.91 21.72
N SER D 30 26.92 23.08 22.12
CA SER D 30 27.71 24.25 21.73
C SER D 30 28.09 24.25 20.26
N SER D 31 27.42 23.41 19.47
CA SER D 31 27.72 23.27 18.05
C SER D 31 26.43 23.00 17.26
N TYR D 32 25.34 23.67 17.63
CA TYR D 32 24.08 23.50 16.91
C TYR D 32 23.30 24.81 16.90
N ASP D 33 22.81 25.21 15.71
CA ASP D 33 21.86 26.32 15.65
C ASP D 33 20.59 25.94 16.41
N MET D 34 19.95 26.94 17.03
CA MET D 34 18.71 26.70 17.75
C MET D 34 17.62 27.63 17.26
N HIS D 35 16.40 27.09 17.09
CA HIS D 35 15.28 27.84 16.58
C HIS D 35 14.16 27.88 17.62
N TRP D 36 13.26 28.87 17.48
CA TRP D 36 11.98 28.91 18.19
C TRP D 36 10.84 28.86 17.18
N VAL D 37 9.91 27.92 17.33
CA VAL D 37 8.72 27.82 16.49
C VAL D 37 7.47 27.95 17.36
N ARG D 38 6.49 28.71 16.88
CA ARG D 38 5.30 28.97 17.67
C ARG D 38 4.06 28.44 16.95
N GLN D 39 3.02 28.05 17.72
CA GLN D 39 1.78 27.49 17.19
C GLN D 39 0.61 28.03 18.01
N ALA D 40 -0.15 28.96 17.43
CA ALA D 40 -1.25 29.58 18.13
C ALA D 40 -2.36 28.55 18.30
N PRO D 41 -3.17 28.63 19.37
CA PRO D 41 -4.09 27.52 19.69
C PRO D 41 -5.00 27.21 18.51
N GLY D 42 -4.99 25.94 18.09
CA GLY D 42 -5.80 25.51 16.97
C GLY D 42 -5.35 26.05 15.64
N LYS D 43 -4.06 26.28 15.48
CA LYS D 43 -3.53 26.82 14.24
C LYS D 43 -2.36 25.93 13.79
N GLY D 44 -1.51 26.48 12.93
CA GLY D 44 -0.32 25.80 12.48
C GLY D 44 0.93 26.48 12.97
N LEU D 45 2.04 26.08 12.35
CA LEU D 45 3.37 26.39 12.83
C LEU D 45 3.91 27.64 12.15
N GLU D 46 4.69 28.42 12.90
CA GLU D 46 5.29 29.64 12.38
C GLU D 46 6.70 29.79 12.93
N TRP D 47 7.70 29.85 12.04
CA TRP D 47 9.08 30.05 12.50
C TRP D 47 9.22 31.42 13.17
N VAL D 48 10.01 31.51 14.23
CA VAL D 48 10.09 32.73 15.02
C VAL D 48 11.48 33.35 14.98
N ALA D 49 12.51 32.56 15.29
CA ALA D 49 13.86 33.15 15.29
C ALA D 49 14.88 32.03 15.22
N VAL D 50 16.13 32.40 14.98
CA VAL D 50 17.24 31.47 15.00
C VAL D 50 18.44 32.18 15.61
N ILE D 51 19.27 31.42 16.30
CA ILE D 51 20.58 31.88 16.72
C ILE D 51 21.55 30.74 16.42
N SER D 52 22.76 31.09 15.98
CA SER D 52 23.72 30.11 15.47
C SER D 52 24.31 29.28 16.62
N TYR D 53 25.35 28.48 16.34
CA TYR D 53 26.00 27.69 17.40
C TYR D 53 26.69 28.57 18.45
N ASP D 54 27.05 29.81 18.09
CA ASP D 54 27.62 30.82 18.98
C ASP D 54 26.73 32.07 18.89
N GLY D 55 27.08 33.13 19.61
CA GLY D 55 26.20 34.29 19.62
C GLY D 55 26.19 35.16 18.39
N SER D 56 26.92 34.79 17.31
CA SER D 56 27.27 35.74 16.26
C SER D 56 26.07 36.18 15.41
N SER D 57 25.20 35.26 15.00
CA SER D 57 24.08 35.62 14.15
C SER D 57 22.75 35.46 14.87
N LYS D 58 21.89 36.47 14.74
CA LYS D 58 20.53 36.41 15.23
C LYS D 58 19.66 36.91 14.08
N PHE D 59 18.59 36.17 13.80
CA PHE D 59 17.61 36.49 12.77
C PHE D 59 16.21 36.21 13.27
N TYR D 60 15.26 36.98 12.77
CA TYR D 60 13.89 36.89 13.22
C TYR D 60 12.95 36.78 12.04
N ALA D 61 11.80 36.14 12.26
CA ALA D 61 10.69 36.26 11.33
C ALA D 61 10.26 37.72 11.25
N GLU D 62 9.75 38.11 10.07
CA GLU D 62 9.61 39.53 9.86
C GLU D 62 8.56 40.16 10.78
N SER D 63 7.72 39.34 11.42
CA SER D 63 6.63 39.75 12.29
C SER D 63 7.02 39.95 13.74
N VAL D 64 8.24 39.60 14.14
CA VAL D 64 8.67 39.83 15.51
C VAL D 64 10.01 40.55 15.51
N LYS D 65 10.49 40.96 14.32
CA LYS D 65 11.74 41.70 14.24
C LYS D 65 11.66 42.99 15.05
N GLY D 66 12.68 43.21 15.90
CA GLY D 66 12.78 44.39 16.71
C GLY D 66 12.07 44.34 18.05
N ARG D 67 11.20 43.34 18.26
CA ARG D 67 10.57 43.11 19.56
C ARG D 67 11.25 41.99 20.32
N PHE D 68 11.54 40.88 19.66
CA PHE D 68 12.15 39.75 20.32
C PHE D 68 13.66 39.80 20.19
N THR D 69 14.33 39.49 21.30
CA THR D 69 15.77 39.29 21.34
C THR D 69 16.00 37.80 21.66
N ILE D 70 16.76 37.14 20.82
CA ILE D 70 17.15 35.76 21.08
C ILE D 70 18.60 35.82 21.60
N SER D 71 18.97 34.81 22.39
CA SER D 71 20.30 34.73 23.03
C SER D 71 20.56 33.29 23.43
N ARG D 72 21.81 32.99 23.81
CA ARG D 72 22.09 31.64 24.27
C ARG D 72 23.38 31.64 25.07
N ASP D 73 23.67 30.51 25.74
CA ASP D 73 24.86 30.35 26.57
C ASP D 73 25.37 28.92 26.47
N ASN D 74 26.48 28.75 25.75
CA ASN D 74 26.99 27.42 25.45
C ASN D 74 27.56 26.70 26.67
N SER D 75 27.93 27.47 27.70
CA SER D 75 28.31 26.88 28.98
C SER D 75 27.07 26.45 29.80
N LYS D 76 25.94 27.16 29.69
CA LYS D 76 24.72 26.83 30.43
C LYS D 76 23.78 25.83 29.75
N ASN D 77 24.06 25.38 28.52
CA ASN D 77 23.09 24.60 27.74
C ASN D 77 21.68 25.17 27.83
N THR D 78 21.54 26.49 27.76
CA THR D 78 20.22 27.11 27.77
C THR D 78 20.03 28.03 26.58
N LEU D 79 18.74 28.31 26.32
CA LEU D 79 18.27 29.11 25.21
C LEU D 79 17.25 30.10 25.74
N TYR D 80 17.22 31.29 25.15
CA TYR D 80 16.37 32.37 25.66
C TYR D 80 15.59 33.02 24.53
N LEU D 81 14.48 33.65 24.92
CA LEU D 81 13.77 34.49 23.97
C LEU D 81 13.12 35.61 24.78
N GLN D 82 13.73 36.78 24.74
CA GLN D 82 13.11 37.92 25.41
C GLN D 82 12.09 38.47 24.44
N MET D 83 10.83 38.49 24.88
CA MET D 83 9.73 38.96 24.07
C MET D 83 9.23 40.25 24.66
N ASN D 84 9.33 41.35 23.93
CA ASN D 84 8.81 42.61 24.44
C ASN D 84 7.61 43.10 23.64
N SER D 85 6.93 44.08 24.21
CA SER D 85 5.75 44.74 23.65
C SER D 85 4.83 43.72 22.96
N LEU D 86 4.41 42.73 23.74
CA LEU D 86 3.57 41.68 23.18
C LEU D 86 2.19 42.20 22.82
N ARG D 87 1.69 41.67 21.72
CA ARG D 87 0.39 41.95 21.14
C ARG D 87 -0.52 40.76 21.42
N ALA D 88 -1.84 41.00 21.37
CA ALA D 88 -2.76 39.92 21.66
C ALA D 88 -2.63 38.75 20.68
N GLU D 89 -2.33 39.00 19.42
CA GLU D 89 -2.40 37.93 18.42
C GLU D 89 -1.36 36.84 18.64
N GLU D 90 -0.54 36.97 19.68
CA GLU D 90 0.65 36.14 19.83
C GLU D 90 0.49 35.06 20.86
N THR D 91 -0.72 34.79 21.32
CA THR D 91 -0.88 33.68 22.26
C THR D 91 -0.69 32.37 21.50
N ALA D 92 0.25 31.57 21.98
CA ALA D 92 0.63 30.35 21.28
C ALA D 92 1.48 29.50 22.21
N VAL D 93 1.77 28.28 21.75
CA VAL D 93 2.77 27.43 22.35
C VAL D 93 4.09 27.67 21.65
N TYR D 94 5.15 27.85 22.43
CA TYR D 94 6.48 28.16 21.92
C TYR D 94 7.43 26.99 22.14
N TYR D 95 8.02 26.49 21.07
CA TYR D 95 8.96 25.38 21.11
C TYR D 95 10.41 25.86 20.91
N CYS D 96 11.37 25.30 21.67
CA CYS D 96 12.77 25.37 21.25
C CYS D 96 13.08 24.09 20.46
N VAL D 97 13.91 24.23 19.43
CA VAL D 97 14.10 23.16 18.46
C VAL D 97 15.57 23.11 18.08
N LYS D 98 16.13 21.91 18.07
CA LYS D 98 17.51 21.70 17.66
C LYS D 98 17.58 21.59 16.14
N ASP D 99 18.48 22.35 15.52
CA ASP D 99 18.67 22.27 14.08
C ASP D 99 19.27 20.91 13.71
N GLY D 100 19.12 20.55 12.45
CA GLY D 100 19.46 19.20 12.03
C GLY D 100 20.65 18.89 11.13
N GLU D 101 21.69 19.71 11.10
CA GLU D 101 22.89 19.36 10.33
C GLU D 101 22.65 19.37 8.82
N GLN D 102 21.90 20.35 8.32
CA GLN D 102 21.82 20.54 6.88
C GLN D 102 22.35 21.92 6.59
N LEU D 103 22.54 22.22 5.31
CA LEU D 103 23.00 23.56 5.01
C LEU D 103 21.90 24.60 5.28
N VAL D 104 20.64 24.25 5.00
CA VAL D 104 19.47 25.09 5.31
C VAL D 104 18.84 24.54 6.57
N PRO D 105 18.06 25.33 7.30
CA PRO D 105 17.54 24.85 8.57
C PRO D 105 16.65 23.63 8.39
N LEU D 106 16.77 22.67 9.31
CA LEU D 106 15.66 21.77 9.56
C LEU D 106 15.62 21.42 11.04
N PHE D 107 14.44 21.06 11.48
CA PHE D 107 14.06 21.00 12.89
C PHE D 107 14.00 19.53 13.30
N ASP D 108 15.12 18.93 13.72
CA ASP D 108 15.02 17.47 13.85
C ASP D 108 14.40 17.05 15.19
N TYR D 109 14.75 17.71 16.28
CA TYR D 109 14.16 17.36 17.58
C TYR D 109 13.50 18.59 18.19
N TRP D 110 12.24 18.38 18.57
CA TRP D 110 11.37 19.42 19.08
C TRP D 110 11.26 19.30 20.59
N GLY D 111 11.38 20.42 21.27
CA GLY D 111 11.03 20.46 22.66
C GLY D 111 9.53 20.27 22.77
N GLN D 112 9.03 20.12 23.99
CA GLN D 112 7.64 19.74 24.07
C GLN D 112 6.72 20.96 24.18
N GLY D 113 7.25 22.14 24.48
CA GLY D 113 6.64 23.44 24.27
C GLY D 113 6.09 24.08 25.55
N THR D 114 6.04 25.41 25.55
CA THR D 114 5.48 26.16 26.67
C THR D 114 4.42 27.15 26.17
N LEU D 115 3.28 27.14 26.85
CA LEU D 115 2.13 27.95 26.46
C LEU D 115 2.25 29.37 27.00
N VAL D 116 1.98 30.36 26.15
CA VAL D 116 2.05 31.77 26.51
C VAL D 116 0.73 32.43 26.15
N THR D 117 0.07 33.02 27.13
CA THR D 117 -1.23 33.66 26.95
C THR D 117 -1.12 35.16 27.19
N VAL D 118 -1.45 35.95 26.18
CA VAL D 118 -1.49 37.41 26.27
C VAL D 118 -2.95 37.78 26.42
N SER D 119 -3.38 38.33 27.56
CA SER D 119 -4.84 38.51 27.63
C SER D 119 -5.38 39.72 28.40
N SER D 120 -4.75 40.13 29.48
CA SER D 120 -5.19 41.32 30.22
C SER D 120 -6.53 41.09 30.93
N ALA D 121 -7.07 39.89 30.88
CA ALA D 121 -8.28 39.55 31.60
C ALA D 121 -7.86 39.11 33.00
N SER D 122 -8.45 39.70 34.04
CA SER D 122 -8.20 39.27 35.42
C SER D 122 -8.62 37.82 35.63
N THR D 123 -7.98 37.12 36.58
CA THR D 123 -8.43 35.76 36.88
C THR D 123 -9.84 35.82 37.49
N LYS D 124 -10.70 34.93 37.00
CA LYS D 124 -12.11 34.93 37.32
C LYS D 124 -12.61 33.49 37.33
N GLY D 125 -13.43 33.15 38.32
CA GLY D 125 -14.01 31.83 38.38
C GLY D 125 -15.20 31.70 37.45
N PRO D 126 -15.55 30.47 37.09
CA PRO D 126 -16.69 30.23 36.19
C PRO D 126 -18.02 30.15 36.93
N SER D 127 -19.07 30.66 36.26
CA SER D 127 -20.45 30.37 36.65
C SER D 127 -20.88 29.09 35.97
N VAL D 128 -21.67 28.28 36.65
CA VAL D 128 -22.11 27.04 36.04
C VAL D 128 -23.62 27.07 35.97
N PHE D 129 -24.13 26.76 34.79
CA PHE D 129 -25.52 26.77 34.43
C PHE D 129 -25.89 25.42 33.84
N PRO D 130 -27.10 24.98 34.09
CA PRO D 130 -27.53 23.68 33.59
C PRO D 130 -27.92 23.73 32.12
N LEU D 131 -27.74 22.62 31.46
CA LEU D 131 -28.33 22.42 30.15
C LEU D 131 -29.30 21.26 30.31
N ALA D 132 -30.64 21.58 30.36
CA ALA D 132 -31.79 20.70 30.58
C ALA D 132 -32.58 20.45 29.28
N PRO D 133 -33.31 19.33 29.18
CA PRO D 133 -34.05 19.02 27.94
C PRO D 133 -35.42 19.70 27.89
N SER D 134 -36.14 19.51 26.76
CA SER D 134 -37.52 20.04 26.53
C SER D 134 -38.42 19.17 25.62
N GLY D 141 -37.49 9.69 22.05
CA GLY D 141 -36.04 9.75 21.94
C GLY D 141 -35.46 9.05 23.13
N THR D 142 -34.15 9.28 23.41
CA THR D 142 -33.49 8.83 24.65
C THR D 142 -32.48 9.93 25.04
N ALA D 143 -32.85 10.80 25.99
CA ALA D 143 -32.45 12.21 26.00
C ALA D 143 -31.09 12.44 26.64
N ALA D 144 -30.66 13.71 26.58
CA ALA D 144 -29.31 14.15 26.93
C ALA D 144 -29.36 15.50 27.61
N LEU D 145 -28.42 15.71 28.54
CA LEU D 145 -28.34 16.94 29.30
C LEU D 145 -26.90 17.16 29.72
N GLY D 146 -26.59 18.34 30.26
CA GLY D 146 -25.21 18.70 30.52
C GLY D 146 -25.10 20.01 31.26
N CYS D 147 -23.87 20.52 31.38
CA CYS D 147 -23.56 21.78 32.06
C CYS D 147 -22.94 22.78 31.11
N LEU D 148 -23.18 24.05 31.38
CA LEU D 148 -22.47 25.12 30.69
C LEU D 148 -21.51 25.80 31.66
N VAL D 149 -20.21 25.70 31.39
CA VAL D 149 -19.19 26.35 32.20
C VAL D 149 -18.82 27.62 31.49
N LYS D 150 -19.23 28.76 32.02
CA LYS D 150 -19.16 29.98 31.23
C LYS D 150 -18.39 31.05 31.98
N ASP D 151 -17.61 31.84 31.22
CA ASP D 151 -17.00 33.10 31.65
C ASP D 151 -15.96 32.92 32.75
N TYR D 152 -14.89 32.21 32.42
CA TYR D 152 -13.80 31.91 33.36
C TYR D 152 -12.47 32.17 32.68
N PHE D 153 -11.47 32.58 33.47
CA PHE D 153 -10.10 32.81 32.98
C PHE D 153 -9.11 32.60 34.10
N PRO D 154 -7.93 32.03 33.81
CA PRO D 154 -7.61 31.55 32.48
C PRO D 154 -8.14 30.17 32.35
N GLU D 155 -7.71 29.51 31.29
CA GLU D 155 -8.04 28.11 31.11
C GLU D 155 -7.03 27.30 31.93
N PRO D 156 -7.37 26.04 32.32
CA PRO D 156 -8.54 25.18 32.10
C PRO D 156 -9.56 25.14 33.23
N VAL D 157 -10.66 24.44 32.98
CA VAL D 157 -11.44 23.84 34.04
C VAL D 157 -11.40 22.36 33.73
N THR D 158 -11.66 21.54 34.75
CA THR D 158 -11.89 20.12 34.58
C THR D 158 -13.29 19.83 35.09
N VAL D 159 -14.01 18.97 34.37
CA VAL D 159 -15.39 18.67 34.72
C VAL D 159 -15.56 17.17 34.78
N SER D 160 -16.13 16.69 35.88
CA SER D 160 -16.52 15.31 36.06
C SER D 160 -18.01 15.26 36.38
N TRP D 161 -18.58 14.06 36.43
CA TRP D 161 -20.00 13.90 36.67
C TRP D 161 -20.23 12.92 37.81
N ASN D 162 -20.94 13.36 38.85
CA ASN D 162 -21.30 12.50 39.98
C ASN D 162 -20.05 11.99 40.72
N SER D 163 -19.18 12.93 41.07
CA SER D 163 -17.89 12.76 41.75
C SER D 163 -16.87 11.93 40.97
N GLY D 164 -17.00 11.85 39.65
CA GLY D 164 -16.14 11.01 38.85
C GLY D 164 -16.74 9.66 38.56
N ALA D 165 -17.97 9.41 39.06
CA ALA D 165 -18.62 8.11 38.95
C ALA D 165 -19.02 7.76 37.53
N LEU D 166 -19.50 8.75 36.77
CA LEU D 166 -20.02 8.55 35.42
C LEU D 166 -18.97 8.91 34.37
N THR D 167 -18.75 7.98 33.44
CA THR D 167 -17.82 8.13 32.34
C THR D 167 -18.48 7.83 31.00
N SER D 168 -19.56 7.01 31.00
CA SER D 168 -20.20 6.57 29.77
C SER D 168 -21.02 7.68 29.12
N GLY D 169 -20.54 8.16 27.97
CA GLY D 169 -21.28 9.11 27.18
C GLY D 169 -21.02 10.57 27.49
N VAL D 170 -20.05 10.86 28.32
CA VAL D 170 -19.77 12.24 28.63
C VAL D 170 -18.86 12.78 27.53
N HIS D 171 -19.12 14.02 27.12
CA HIS D 171 -18.30 14.71 26.11
C HIS D 171 -18.07 16.12 26.64
N THR D 172 -16.86 16.34 27.18
CA THR D 172 -16.43 17.65 27.62
C THR D 172 -15.73 18.34 26.46
N PHE D 173 -16.26 19.47 26.02
CA PHE D 173 -15.76 20.04 24.76
C PHE D 173 -14.58 20.99 25.00
N PRO D 174 -13.77 21.25 23.97
CA PRO D 174 -12.84 22.38 24.07
C PRO D 174 -13.59 23.65 24.33
N ALA D 175 -13.01 24.53 25.13
CA ALA D 175 -13.63 25.84 25.31
C ALA D 175 -13.28 26.77 24.13
N VAL D 176 -14.10 27.80 23.95
CA VAL D 176 -13.89 28.84 22.96
C VAL D 176 -13.69 30.16 23.69
N LEU D 177 -12.69 30.91 23.28
CA LEU D 177 -12.47 32.22 23.88
C LEU D 177 -13.42 33.23 23.24
N GLN D 178 -14.34 33.77 24.04
CA GLN D 178 -15.39 34.60 23.49
C GLN D 178 -14.92 36.05 23.43
N SER D 179 -15.70 36.90 22.74
CA SER D 179 -15.29 38.28 22.51
C SER D 179 -14.93 39.02 23.80
N SER D 180 -15.54 38.64 24.94
CA SER D 180 -15.26 39.33 26.20
C SER D 180 -13.80 39.17 26.64
N GLY D 181 -13.08 38.20 26.07
CA GLY D 181 -11.78 37.80 26.58
C GLY D 181 -11.78 36.64 27.53
N LEU D 182 -12.96 36.18 27.98
CA LEU D 182 -13.11 35.03 28.87
C LEU D 182 -13.39 33.76 28.08
N TYR D 183 -13.13 32.62 28.72
CA TYR D 183 -13.38 31.34 28.09
C TYR D 183 -14.76 30.82 28.44
N SER D 184 -15.24 29.88 27.63
CA SER D 184 -16.56 29.35 27.86
C SER D 184 -16.63 27.95 27.28
N LEU D 185 -17.33 27.07 27.99
CA LEU D 185 -17.16 25.63 27.86
C LEU D 185 -18.44 24.91 28.23
N SER D 186 -18.65 23.75 27.61
CA SER D 186 -19.77 22.90 27.96
C SER D 186 -19.35 21.44 27.92
N SER D 187 -19.92 20.67 28.85
CA SER D 187 -19.76 19.24 28.94
C SER D 187 -21.16 18.65 29.03
N VAL D 188 -21.44 17.64 28.21
CA VAL D 188 -22.77 17.06 28.16
C VAL D 188 -22.69 15.55 28.31
N VAL D 189 -23.81 14.95 28.73
CA VAL D 189 -23.90 13.51 28.91
C VAL D 189 -25.28 13.01 28.48
N THR D 190 -25.30 11.80 27.94
CA THR D 190 -26.49 11.12 27.45
C THR D 190 -26.93 10.02 28.41
N VAL D 191 -28.25 9.88 28.57
CA VAL D 191 -28.82 9.03 29.61
C VAL D 191 -29.93 8.25 28.94
N PRO D 192 -30.32 7.06 29.45
CA PRO D 192 -31.43 6.33 28.81
C PRO D 192 -32.81 7.00 28.89
N SER D 193 -33.00 8.07 29.67
CA SER D 193 -34.29 8.77 29.79
C SER D 193 -35.25 8.01 30.73
N SER D 194 -35.26 6.66 30.66
CA SER D 194 -35.95 5.77 31.61
C SER D 194 -35.25 5.71 32.98
N SER D 195 -34.14 6.45 33.11
CA SER D 195 -33.47 6.70 34.37
C SER D 195 -33.50 8.17 34.70
N LEU D 196 -33.73 9.01 33.68
CA LEU D 196 -33.87 10.45 33.80
C LEU D 196 -35.14 10.74 34.60
N GLY D 197 -34.96 11.29 35.80
CA GLY D 197 -36.02 11.60 36.75
C GLY D 197 -35.68 11.01 38.10
N THR D 198 -35.47 9.69 38.12
CA THR D 198 -35.14 9.00 39.35
C THR D 198 -33.65 9.18 39.69
N GLN D 199 -32.76 8.76 38.78
CA GLN D 199 -31.35 9.09 38.88
C GLN D 199 -31.19 10.61 38.95
N THR D 200 -30.18 11.08 39.70
CA THR D 200 -29.86 12.51 39.76
C THR D 200 -28.44 12.71 39.23
N TYR D 201 -28.26 13.79 38.45
CA TYR D 201 -27.00 14.10 37.78
C TYR D 201 -26.50 15.47 38.22
N ILE D 202 -25.22 15.54 38.56
CA ILE D 202 -24.60 16.76 39.06
C ILE D 202 -23.20 16.91 38.46
N CYS D 203 -22.85 18.13 38.07
CA CYS D 203 -21.51 18.38 37.55
C CYS D 203 -20.55 18.78 38.64
N ASN D 204 -19.30 18.44 38.43
CA ASN D 204 -18.24 18.79 39.35
C ASN D 204 -17.29 19.61 38.50
N VAL D 205 -17.34 20.89 38.71
CA VAL D 205 -16.58 21.87 37.96
C VAL D 205 -15.36 22.21 38.81
N ASN D 206 -14.20 22.34 38.16
CA ASN D 206 -13.00 22.59 38.96
C ASN D 206 -12.02 23.50 38.21
N HIS D 207 -11.86 24.70 38.76
CA HIS D 207 -11.05 25.77 38.18
C HIS D 207 -9.91 25.97 39.15
N LYS D 208 -8.89 25.15 39.00
CA LYS D 208 -7.71 25.27 39.85
C LYS D 208 -7.15 26.68 39.81
N PRO D 209 -6.99 27.36 38.65
CA PRO D 209 -6.42 28.72 38.65
C PRO D 209 -7.23 29.76 39.38
N SER D 210 -8.37 29.39 39.95
CA SER D 210 -9.10 30.34 40.76
C SER D 210 -9.55 29.70 42.06
N ASN D 211 -9.16 28.45 42.31
CA ASN D 211 -9.60 27.65 43.46
C ASN D 211 -11.10 27.76 43.68
N THR D 212 -11.83 27.57 42.58
CA THR D 212 -13.28 27.51 42.60
C THR D 212 -13.62 26.05 42.28
N LYS D 213 -14.30 25.38 43.21
CA LYS D 213 -14.92 24.09 42.95
C LYS D 213 -16.40 24.38 43.13
N VAL D 214 -17.13 24.37 42.04
CA VAL D 214 -18.57 24.63 42.02
C VAL D 214 -19.26 23.34 41.59
N ASP D 215 -20.41 23.06 42.19
CA ASP D 215 -21.24 21.92 41.84
C ASP D 215 -22.63 22.38 41.43
N LYS D 216 -23.14 21.84 40.34
CA LYS D 216 -24.50 22.16 39.92
C LYS D 216 -25.20 20.87 39.56
N LYS D 217 -26.43 20.75 40.07
CA LYS D 217 -27.32 19.64 39.79
C LYS D 217 -28.18 20.03 38.60
N VAL D 218 -28.32 19.12 37.66
CA VAL D 218 -29.02 19.39 36.42
C VAL D 218 -30.40 18.75 36.50
N GLU D 219 -31.41 19.60 36.50
CA GLU D 219 -32.79 19.22 36.64
C GLU D 219 -33.56 19.66 35.40
N PRO D 220 -34.65 18.97 35.04
CA PRO D 220 -35.47 19.42 33.91
C PRO D 220 -36.00 20.85 34.07
N LYS D 221 -36.33 21.47 32.93
CA LYS D 221 -36.88 22.82 32.95
C LYS D 221 -38.36 22.69 33.34
N SER D 222 -38.62 22.86 34.64
CA SER D 222 -39.97 22.83 35.26
C SER D 222 -40.26 24.11 36.07
N GLN E 1 56.59 -2.71 -12.06
CA GLN E 1 57.00 -3.63 -13.12
C GLN E 1 56.15 -4.89 -13.26
N VAL E 2 55.64 -5.42 -12.13
CA VAL E 2 54.78 -6.60 -12.19
C VAL E 2 53.68 -6.37 -13.21
N GLN E 3 53.61 -7.23 -14.23
CA GLN E 3 52.68 -6.97 -15.31
C GLN E 3 52.23 -8.28 -15.96
N LEU E 4 50.94 -8.36 -16.27
CA LEU E 4 50.37 -9.54 -16.92
C LEU E 4 49.55 -9.08 -18.11
N VAL E 5 49.68 -9.83 -19.21
CA VAL E 5 49.08 -9.45 -20.49
C VAL E 5 48.44 -10.68 -21.10
N GLU E 6 47.12 -10.72 -21.10
CA GLU E 6 46.33 -11.79 -21.68
C GLU E 6 46.22 -11.62 -23.19
N SER E 7 45.95 -12.72 -23.90
CA SER E 7 45.75 -12.65 -25.34
C SER E 7 44.91 -13.82 -25.83
N GLY E 8 44.30 -13.65 -26.99
CA GLY E 8 43.62 -14.77 -27.63
C GLY E 8 42.12 -14.75 -27.54
N GLY E 9 41.51 -13.64 -27.13
CA GLY E 9 40.07 -13.54 -27.09
C GLY E 9 39.42 -13.47 -28.44
N GLY E 10 38.26 -12.82 -28.51
CA GLY E 10 37.56 -12.72 -29.78
C GLY E 10 36.23 -13.42 -29.78
N VAL E 11 35.77 -13.77 -30.98
CA VAL E 11 34.47 -14.38 -31.19
C VAL E 11 34.64 -15.87 -31.44
N VAL E 12 33.87 -16.68 -30.73
CA VAL E 12 33.87 -18.13 -30.90
C VAL E 12 32.44 -18.66 -30.82
N GLN E 13 32.17 -19.70 -31.59
CA GLN E 13 30.81 -20.23 -31.70
C GLN E 13 30.52 -21.27 -30.61
N PRO E 14 29.31 -21.30 -30.05
CA PRO E 14 29.01 -22.22 -28.96
C PRO E 14 29.28 -23.66 -29.35
N GLY E 15 30.03 -24.35 -28.51
CA GLY E 15 30.47 -25.71 -28.77
C GLY E 15 31.97 -25.82 -29.03
N ARG E 16 32.49 -24.89 -29.83
CA ARG E 16 33.88 -25.00 -30.25
C ARG E 16 34.82 -24.72 -29.09
N SER E 17 36.11 -24.89 -29.38
CA SER E 17 37.18 -24.67 -28.42
C SER E 17 37.78 -23.29 -28.67
N LEU E 18 38.38 -22.73 -27.62
CA LEU E 18 39.18 -21.53 -27.75
C LEU E 18 40.32 -21.64 -26.76
N ARG E 19 41.50 -21.14 -27.14
CA ARG E 19 42.65 -21.20 -26.25
C ARG E 19 43.07 -19.79 -25.89
N LEU E 20 43.15 -19.51 -24.60
CA LEU E 20 43.67 -18.25 -24.10
C LEU E 20 45.08 -18.46 -23.62
N SER E 21 45.75 -17.33 -23.40
CA SER E 21 47.16 -17.28 -23.09
C SER E 21 47.46 -15.99 -22.34
N CYS E 22 48.33 -16.08 -21.35
CA CYS E 22 48.73 -14.91 -20.57
C CYS E 22 50.24 -14.96 -20.41
N ALA E 23 50.93 -13.88 -20.81
CA ALA E 23 52.38 -13.80 -20.75
C ALA E 23 52.79 -12.88 -19.59
N ALA E 24 53.53 -13.45 -18.63
CA ALA E 24 53.78 -12.84 -17.33
C ALA E 24 55.22 -12.37 -17.17
N SER E 25 55.38 -11.21 -16.53
CA SER E 25 56.71 -10.65 -16.33
C SER E 25 56.71 -9.75 -15.10
N GLY E 26 57.93 -9.52 -14.56
CA GLY E 26 58.16 -8.58 -13.48
C GLY E 26 58.11 -9.15 -12.07
N PHE E 27 57.96 -10.47 -11.94
CA PHE E 27 57.87 -11.21 -10.68
C PHE E 27 58.28 -12.64 -11.04
N THR E 28 58.51 -13.47 -10.02
CA THR E 28 59.25 -14.68 -10.32
C THR E 28 58.44 -15.71 -11.13
N PHE E 29 57.15 -15.90 -10.84
CA PHE E 29 56.29 -16.80 -11.63
C PHE E 29 56.56 -18.28 -11.39
N SER E 30 57.82 -18.67 -11.23
CA SER E 30 58.05 -20.08 -10.93
C SER E 30 57.72 -20.39 -9.47
N SER E 31 57.08 -19.46 -8.77
CA SER E 31 56.80 -19.66 -7.36
C SER E 31 55.52 -18.94 -6.95
N TYR E 32 54.53 -18.92 -7.85
CA TYR E 32 53.24 -18.29 -7.55
C TYR E 32 52.14 -19.07 -8.23
N ASP E 33 51.11 -19.40 -7.46
CA ASP E 33 49.89 -19.94 -8.00
C ASP E 33 49.33 -18.89 -8.97
N MET E 34 48.68 -19.33 -10.04
CA MET E 34 48.07 -18.41 -10.99
C MET E 34 46.59 -18.76 -11.19
N HIS E 35 45.76 -17.75 -11.31
CA HIS E 35 44.34 -17.99 -11.50
C HIS E 35 43.81 -17.39 -12.79
N TRP E 36 42.66 -17.92 -13.21
CA TRP E 36 41.84 -17.29 -14.23
C TRP E 36 40.54 -16.88 -13.59
N VAL E 37 40.20 -15.61 -13.67
CA VAL E 37 38.91 -15.10 -13.19
C VAL E 37 38.20 -14.46 -14.36
N ARG E 38 36.88 -14.67 -14.46
CA ARG E 38 36.11 -14.13 -15.56
C ARG E 38 35.00 -13.20 -15.05
N GLN E 39 34.61 -12.25 -15.89
CA GLN E 39 33.59 -11.26 -15.55
C GLN E 39 32.69 -11.01 -16.76
N ALA E 40 31.45 -11.50 -16.69
CA ALA E 40 30.46 -11.33 -17.77
C ALA E 40 29.91 -9.91 -17.77
N PRO E 41 29.46 -9.42 -18.97
CA PRO E 41 29.12 -7.99 -19.12
C PRO E 41 28.19 -7.41 -18.07
N GLY E 42 28.60 -6.34 -17.40
CA GLY E 42 27.77 -5.71 -16.40
C GLY E 42 27.42 -6.61 -15.23
N LYS E 43 28.34 -7.48 -14.82
CA LYS E 43 28.09 -8.44 -13.76
C LYS E 43 29.21 -8.30 -12.72
N GLY E 44 29.38 -9.35 -11.91
CA GLY E 44 30.47 -9.45 -10.98
C GLY E 44 31.45 -10.52 -11.42
N LEU E 45 32.33 -10.89 -10.48
CA LEU E 45 33.54 -11.63 -10.77
C LEU E 45 33.29 -13.12 -10.49
N GLU E 46 33.92 -14.02 -11.24
CA GLU E 46 33.76 -15.46 -10.97
C GLU E 46 35.10 -16.17 -11.16
N TRP E 47 35.59 -16.82 -10.11
CA TRP E 47 36.81 -17.61 -10.22
C TRP E 47 36.60 -18.82 -11.11
N VAL E 48 37.63 -19.17 -11.90
CA VAL E 48 37.52 -20.20 -12.93
C VAL E 48 38.42 -21.39 -12.64
N ALA E 49 39.72 -21.15 -12.45
CA ALA E 49 40.71 -22.21 -12.21
C ALA E 49 41.97 -21.64 -11.55
N VAL E 50 42.77 -22.56 -11.02
CA VAL E 50 44.07 -22.26 -10.44
C VAL E 50 45.06 -23.35 -10.83
N ILE E 51 46.31 -22.96 -11.03
CA ILE E 51 47.37 -23.92 -11.22
C ILE E 51 48.50 -23.51 -10.29
N SER E 52 49.15 -24.49 -9.67
CA SER E 52 50.16 -24.22 -8.64
C SER E 52 51.44 -23.71 -9.29
N TYR E 53 52.44 -23.44 -8.45
CA TYR E 53 53.67 -22.84 -8.94
C TYR E 53 54.45 -23.74 -9.88
N ASP E 54 54.25 -25.05 -9.82
CA ASP E 54 55.09 -25.95 -10.59
C ASP E 54 54.33 -26.77 -11.61
N GLY E 55 53.00 -26.60 -11.69
CA GLY E 55 52.13 -27.36 -12.56
C GLY E 55 51.57 -28.63 -11.96
N SER E 56 51.93 -28.99 -10.72
CA SER E 56 51.49 -30.28 -10.21
C SER E 56 50.00 -30.29 -9.84
N SER E 57 49.47 -29.18 -9.29
CA SER E 57 48.08 -29.11 -8.84
C SER E 57 47.29 -28.26 -9.82
N LYS E 58 46.08 -28.72 -10.14
CA LYS E 58 45.15 -27.91 -10.91
C LYS E 58 43.76 -28.07 -10.31
N PHE E 59 43.05 -26.95 -10.17
CA PHE E 59 41.69 -27.00 -9.63
C PHE E 59 40.77 -26.08 -10.42
N TYR E 60 39.52 -26.52 -10.58
CA TYR E 60 38.56 -25.84 -11.43
C TYR E 60 37.29 -25.51 -10.63
N ALA E 61 36.62 -24.44 -11.06
CA ALA E 61 35.26 -24.13 -10.63
C ALA E 61 34.31 -25.21 -11.09
N GLU E 62 33.27 -25.46 -10.29
CA GLU E 62 32.47 -26.65 -10.57
C GLU E 62 31.69 -26.55 -11.87
N SER E 63 31.59 -25.36 -12.47
CA SER E 63 30.85 -25.15 -13.70
C SER E 63 31.67 -25.38 -14.95
N VAL E 64 32.99 -25.59 -14.82
CA VAL E 64 33.88 -25.78 -15.95
C VAL E 64 34.71 -27.05 -15.83
N LYS E 65 34.47 -27.88 -14.80
CA LYS E 65 35.20 -29.13 -14.64
C LYS E 65 35.00 -29.98 -15.88
N GLY E 66 36.08 -30.50 -16.43
CA GLY E 66 35.96 -31.36 -17.59
C GLY E 66 35.81 -30.65 -18.90
N ARG E 67 35.52 -29.34 -18.91
CA ARG E 67 35.51 -28.56 -20.15
C ARG E 67 36.76 -27.73 -20.32
N PHE E 68 37.21 -27.03 -19.29
CA PHE E 68 38.43 -26.24 -19.38
C PHE E 68 39.63 -27.04 -18.89
N THR E 69 40.76 -26.87 -19.56
CA THR E 69 42.05 -27.36 -19.10
C THR E 69 42.96 -26.16 -18.84
N ILE E 70 43.60 -26.14 -17.69
CA ILE E 70 44.59 -25.11 -17.39
C ILE E 70 45.97 -25.73 -17.54
N SER E 71 46.96 -24.90 -17.86
CA SER E 71 48.33 -25.35 -18.01
C SER E 71 49.23 -24.12 -17.93
N ARG E 72 50.54 -24.37 -17.81
CA ARG E 72 51.53 -23.30 -17.78
C ARG E 72 52.86 -23.85 -18.25
N ASP E 73 53.77 -22.92 -18.54
CA ASP E 73 55.08 -23.22 -19.12
C ASP E 73 56.06 -22.22 -18.51
N ASN E 74 56.81 -22.67 -17.50
CA ASN E 74 57.60 -21.74 -16.72
C ASN E 74 58.84 -21.22 -17.45
N SER E 75 59.29 -21.91 -18.50
CA SER E 75 60.37 -21.37 -19.32
C SER E 75 59.87 -20.25 -20.25
N LYS E 76 58.64 -20.36 -20.78
CA LYS E 76 58.08 -19.28 -21.59
C LYS E 76 57.41 -18.20 -20.75
N ASN E 77 57.35 -18.36 -19.43
CA ASN E 77 56.59 -17.47 -18.54
C ASN E 77 55.17 -17.18 -19.02
N THR E 78 54.48 -18.19 -19.55
CA THR E 78 53.10 -17.96 -19.94
C THR E 78 52.19 -18.97 -19.23
N LEU E 79 50.91 -18.63 -19.26
CA LEU E 79 49.82 -19.37 -18.63
C LEU E 79 48.77 -19.59 -19.72
N TYR E 80 48.21 -20.78 -19.77
CA TYR E 80 47.29 -21.14 -20.84
C TYR E 80 46.00 -21.64 -20.24
N LEU E 81 44.90 -21.44 -20.98
CA LEU E 81 43.58 -21.87 -20.54
C LEU E 81 42.86 -22.38 -21.78
N GLN E 82 42.84 -23.70 -21.95
CA GLN E 82 42.12 -24.32 -23.05
C GLN E 82 40.65 -24.48 -22.69
N MET E 83 39.78 -23.86 -23.47
CA MET E 83 38.35 -23.85 -23.20
C MET E 83 37.66 -24.73 -24.23
N ASN E 84 36.96 -25.76 -23.77
CA ASN E 84 36.23 -26.60 -24.69
C ASN E 84 34.74 -26.40 -24.54
N SER E 85 34.04 -26.85 -25.59
CA SER E 85 32.60 -26.84 -25.65
C SER E 85 32.03 -25.65 -24.93
N LEU E 86 32.41 -24.45 -25.38
CA LEU E 86 31.95 -23.24 -24.71
C LEU E 86 30.45 -23.08 -24.84
N ARG E 87 29.84 -22.58 -23.79
CA ARG E 87 28.41 -22.38 -23.79
C ARG E 87 28.17 -20.91 -24.06
N ALA E 88 27.04 -20.54 -24.60
CA ALA E 88 26.88 -19.11 -24.95
C ALA E 88 26.98 -18.21 -23.73
N GLU E 89 26.82 -18.74 -22.53
CA GLU E 89 26.74 -17.86 -21.35
C GLU E 89 28.13 -17.54 -20.82
N GLU E 90 29.17 -17.92 -21.56
CA GLU E 90 30.52 -17.73 -21.00
C GLU E 90 31.17 -16.54 -21.65
N THR E 91 30.35 -15.70 -22.27
CA THR E 91 30.88 -14.48 -22.89
C THR E 91 31.33 -13.56 -21.78
N ALA E 92 32.61 -13.31 -21.69
CA ALA E 92 33.08 -12.35 -20.69
C ALA E 92 34.57 -12.14 -20.78
N VAL E 93 35.10 -11.27 -19.93
CA VAL E 93 36.53 -10.96 -19.93
C VAL E 93 37.23 -11.96 -19.05
N TYR E 94 38.36 -12.50 -19.52
CA TYR E 94 39.08 -13.50 -18.75
C TYR E 94 40.36 -12.85 -18.25
N TYR E 95 40.55 -12.88 -16.92
CA TYR E 95 41.75 -12.33 -16.28
C TYR E 95 42.70 -13.44 -15.81
N CYS E 96 44.01 -13.29 -16.09
CA CYS E 96 44.98 -14.08 -15.35
C CYS E 96 45.41 -13.26 -14.14
N VAL E 97 45.66 -13.97 -13.05
CA VAL E 97 45.83 -13.36 -11.74
C VAL E 97 46.98 -14.05 -11.02
N LYS E 98 47.85 -13.27 -10.44
CA LYS E 98 48.92 -13.83 -9.64
C LYS E 98 48.43 -13.99 -8.21
N ASP E 99 48.63 -15.17 -7.64
CA ASP E 99 48.34 -15.45 -6.24
C ASP E 99 49.29 -14.67 -5.35
N GLY E 100 48.93 -14.56 -4.09
CA GLY E 100 49.71 -13.83 -3.14
C GLY E 100 50.59 -14.78 -2.36
N GLU E 101 50.93 -14.38 -1.15
CA GLU E 101 51.77 -15.18 -0.26
C GLU E 101 51.00 -15.60 0.98
N GLN E 102 49.74 -15.98 0.79
CA GLN E 102 48.93 -16.47 1.88
C GLN E 102 48.61 -17.95 1.67
N LEU E 103 48.13 -18.58 2.76
CA LEU E 103 47.86 -20.01 2.74
C LEU E 103 46.65 -20.33 1.89
N VAL E 104 45.66 -19.44 1.86
CA VAL E 104 44.48 -19.54 1.02
C VAL E 104 44.65 -18.60 -0.16
N PRO E 105 44.03 -18.86 -1.31
CA PRO E 105 44.25 -17.99 -2.47
C PRO E 105 43.78 -16.59 -2.22
N LEU E 106 44.59 -15.62 -2.66
CA LEU E 106 44.12 -14.27 -2.87
C LEU E 106 44.82 -13.71 -4.09
N PHE E 107 44.15 -12.73 -4.68
CA PHE E 107 44.44 -12.23 -6.02
C PHE E 107 45.13 -10.89 -5.87
N ASP E 108 46.45 -10.89 -5.74
CA ASP E 108 47.06 -9.59 -5.42
C ASP E 108 47.28 -8.77 -6.69
N TYR E 109 47.69 -9.38 -7.80
CA TYR E 109 47.86 -8.59 -9.01
C TYR E 109 47.02 -9.16 -10.15
N TRP E 110 46.15 -8.33 -10.70
CA TRP E 110 45.18 -8.74 -11.68
C TRP E 110 45.62 -8.30 -13.05
N GLY E 111 45.59 -9.24 -13.99
CA GLY E 111 45.85 -8.92 -15.38
C GLY E 111 44.80 -7.98 -15.93
N GLN E 112 44.99 -7.55 -17.17
CA GLN E 112 44.07 -6.55 -17.70
C GLN E 112 42.86 -7.13 -18.42
N GLY E 113 42.94 -8.35 -18.89
CA GLY E 113 41.75 -9.05 -19.33
C GLY E 113 41.65 -9.18 -20.85
N THR E 114 40.91 -10.18 -21.29
CA THR E 114 40.62 -10.39 -22.69
C THR E 114 39.14 -10.66 -22.84
N LEU E 115 38.49 -9.99 -23.78
CA LEU E 115 37.08 -10.23 -24.03
C LEU E 115 36.94 -11.45 -24.93
N VAL E 116 36.04 -12.34 -24.57
CA VAL E 116 35.74 -13.54 -25.33
C VAL E 116 34.24 -13.52 -25.55
N THR E 117 33.86 -13.59 -26.82
CA THR E 117 32.46 -13.54 -27.21
C THR E 117 32.05 -14.91 -27.76
N VAL E 118 31.10 -15.55 -27.10
CA VAL E 118 30.56 -16.84 -27.51
C VAL E 118 29.21 -16.53 -28.16
N SER E 119 29.12 -16.75 -29.48
CA SER E 119 27.91 -16.40 -30.21
C SER E 119 27.79 -17.22 -31.49
N SER E 120 26.65 -17.07 -32.17
CA SER E 120 26.44 -17.68 -33.47
C SER E 120 26.21 -16.65 -34.56
N ALA E 121 26.37 -15.38 -34.25
CA ALA E 121 25.98 -14.33 -35.17
C ALA E 121 27.01 -14.09 -36.26
N SER E 122 26.58 -14.16 -37.52
CA SER E 122 27.44 -13.66 -38.58
C SER E 122 27.66 -12.18 -38.38
N THR E 123 28.82 -11.67 -38.82
CA THR E 123 29.06 -10.24 -38.72
C THR E 123 28.10 -9.49 -39.65
N LYS E 124 27.53 -8.41 -39.13
CA LYS E 124 26.49 -7.67 -39.81
C LYS E 124 26.67 -6.21 -39.46
N GLY E 125 26.49 -5.33 -40.45
CA GLY E 125 26.50 -3.91 -40.21
C GLY E 125 25.15 -3.44 -39.70
N PRO E 126 25.16 -2.34 -38.98
CA PRO E 126 23.92 -1.88 -38.36
C PRO E 126 23.07 -1.12 -39.34
N SER E 127 21.78 -1.25 -39.17
CA SER E 127 20.85 -0.35 -39.82
C SER E 127 20.69 0.86 -38.90
N VAL E 128 20.65 2.06 -39.49
CA VAL E 128 20.57 3.28 -38.67
C VAL E 128 19.30 4.04 -38.99
N PHE E 129 18.55 4.36 -37.94
CA PHE E 129 17.24 4.98 -38.02
C PHE E 129 17.20 6.24 -37.18
N PRO E 130 16.45 7.23 -37.60
CA PRO E 130 16.35 8.48 -36.83
C PRO E 130 15.34 8.39 -35.70
N LEU E 131 15.61 9.15 -34.67
CA LEU E 131 14.65 9.43 -33.60
C LEU E 131 14.38 10.92 -33.72
N ALA E 132 13.27 11.27 -34.30
CA ALA E 132 13.24 12.68 -34.67
C ALA E 132 12.63 13.53 -33.57
N PRO E 133 12.97 14.81 -33.51
CA PRO E 133 12.47 15.64 -32.41
C PRO E 133 11.10 16.27 -32.67
N SER E 134 10.60 17.02 -31.68
CA SER E 134 9.35 17.79 -31.78
C SER E 134 9.40 19.02 -30.86
N GLY E 141 13.54 24.95 -22.36
CA GLY E 141 12.97 24.94 -23.70
C GLY E 141 13.81 24.13 -24.69
N THR E 142 13.95 22.82 -24.38
CA THR E 142 14.91 21.90 -24.99
C THR E 142 14.22 20.79 -25.77
N ALA E 143 14.79 20.41 -26.90
CA ALA E 143 14.37 19.25 -27.67
C ALA E 143 15.36 18.09 -27.51
N ALA E 144 15.02 16.95 -28.11
CA ALA E 144 15.90 15.81 -28.09
C ALA E 144 15.77 15.06 -29.40
N LEU E 145 16.89 14.59 -29.92
CA LEU E 145 16.92 13.79 -31.14
C LEU E 145 18.08 12.83 -31.04
N GLY E 146 18.11 11.87 -31.96
CA GLY E 146 19.13 10.85 -31.80
C GLY E 146 19.12 9.88 -32.94
N CYS E 147 19.91 8.84 -32.77
CA CYS E 147 19.98 7.77 -33.74
C CYS E 147 19.71 6.45 -33.06
N LEU E 148 19.06 5.55 -33.78
CA LEU E 148 18.93 4.19 -33.32
C LEU E 148 19.86 3.35 -34.18
N VAL E 149 20.89 2.76 -33.58
CA VAL E 149 21.80 1.86 -34.28
C VAL E 149 21.36 0.44 -33.94
N LYS E 150 20.76 -0.25 -34.90
CA LYS E 150 20.04 -1.48 -34.61
C LYS E 150 20.58 -2.62 -35.46
N ASP E 151 20.66 -3.80 -34.84
CA ASP E 151 20.93 -5.07 -35.51
C ASP E 151 22.33 -5.17 -36.11
N TYR E 152 23.34 -5.16 -35.23
CA TYR E 152 24.73 -5.22 -35.65
C TYR E 152 25.48 -6.24 -34.81
N PHE E 153 26.47 -6.86 -35.44
CA PHE E 153 27.34 -7.80 -34.78
C PHE E 153 28.69 -7.85 -35.47
N PRO E 154 29.79 -8.01 -34.73
CA PRO E 154 29.87 -8.01 -33.28
C PRO E 154 30.04 -6.59 -32.81
N GLU E 155 30.34 -6.39 -31.57
CA GLU E 155 30.66 -5.07 -31.13
C GLU E 155 32.11 -4.79 -31.50
N PRO E 156 32.55 -3.53 -31.45
CA PRO E 156 31.88 -2.28 -31.04
C PRO E 156 31.34 -1.53 -32.24
N VAL E 157 30.55 -0.51 -31.95
CA VAL E 157 30.34 0.58 -32.89
C VAL E 157 30.77 1.87 -32.20
N THR E 158 31.13 2.86 -33.02
CA THR E 158 31.29 4.22 -32.53
C THR E 158 30.42 5.17 -33.33
N VAL E 159 29.84 6.12 -32.62
CA VAL E 159 28.86 7.05 -33.13
C VAL E 159 29.32 8.44 -32.73
N SER E 160 29.36 9.35 -33.71
CA SER E 160 29.59 10.76 -33.42
C SER E 160 28.47 11.57 -34.05
N TRP E 161 28.50 12.87 -33.79
CA TRP E 161 27.50 13.78 -34.35
C TRP E 161 28.22 14.91 -35.08
N ASN E 162 27.92 15.06 -36.38
CA ASN E 162 28.46 16.12 -37.26
C ASN E 162 29.97 15.97 -37.44
N SER E 163 30.40 14.72 -37.61
CA SER E 163 31.83 14.39 -37.73
C SER E 163 32.65 14.90 -36.55
N GLY E 164 32.06 14.98 -35.38
CA GLY E 164 32.78 15.42 -34.20
C GLY E 164 32.63 16.87 -33.82
N ALA E 165 31.91 17.66 -34.62
CA ALA E 165 31.74 19.08 -34.27
C ALA E 165 30.76 19.26 -33.10
N LEU E 166 29.76 18.39 -32.98
CA LEU E 166 28.77 18.49 -31.92
C LEU E 166 29.11 17.49 -30.84
N THR E 167 29.27 17.98 -29.62
CA THR E 167 29.48 17.11 -28.47
C THR E 167 28.70 17.52 -27.24
N SER E 168 28.34 18.78 -27.07
CA SER E 168 27.63 19.21 -25.88
C SER E 168 26.20 18.67 -25.96
N GLY E 169 25.84 17.82 -25.00
CA GLY E 169 24.53 17.20 -24.96
C GLY E 169 24.44 15.83 -25.57
N VAL E 170 25.56 15.19 -25.91
CA VAL E 170 25.53 13.87 -26.52
C VAL E 170 25.61 12.81 -25.44
N HIS E 171 24.83 11.75 -25.65
CA HIS E 171 24.82 10.56 -24.79
C HIS E 171 24.67 9.36 -25.71
N THR E 172 25.76 8.64 -25.95
CA THR E 172 25.65 7.33 -26.60
C THR E 172 25.59 6.25 -25.50
N PHE E 173 24.58 5.39 -25.57
CA PHE E 173 24.30 4.42 -24.52
C PHE E 173 25.06 3.12 -24.72
N PRO E 174 25.16 2.33 -23.63
CA PRO E 174 25.61 0.94 -23.75
C PRO E 174 24.76 0.16 -24.72
N ALA E 175 25.39 -0.77 -25.40
CA ALA E 175 24.61 -1.60 -26.30
C ALA E 175 23.84 -2.64 -25.52
N VAL E 176 22.78 -3.12 -26.11
CA VAL E 176 22.01 -4.22 -25.54
C VAL E 176 22.11 -5.37 -26.51
N LEU E 177 22.37 -6.54 -25.98
CA LEU E 177 22.31 -7.76 -26.74
C LEU E 177 20.87 -8.27 -26.76
N GLN E 178 20.27 -8.32 -27.95
CA GLN E 178 18.87 -8.62 -28.15
C GLN E 178 18.61 -10.11 -28.21
N SER E 179 17.33 -10.46 -28.25
CA SER E 179 16.92 -11.85 -28.50
C SER E 179 17.53 -12.35 -29.80
N SER E 180 17.76 -11.42 -30.74
CA SER E 180 18.26 -11.72 -32.08
C SER E 180 19.62 -12.38 -32.04
N GLY E 181 20.38 -12.16 -30.98
CA GLY E 181 21.79 -12.43 -30.97
C GLY E 181 22.62 -11.25 -31.42
N LEU E 182 21.98 -10.21 -31.92
CA LEU E 182 22.60 -8.98 -32.40
C LEU E 182 22.55 -7.88 -31.34
N TYR E 183 23.45 -6.93 -31.47
CA TYR E 183 23.47 -5.78 -30.59
C TYR E 183 22.62 -4.67 -31.20
N SER E 184 22.17 -3.76 -30.35
CA SER E 184 21.31 -2.66 -30.78
C SER E 184 21.53 -1.52 -29.80
N LEU E 185 21.54 -0.29 -30.31
CA LEU E 185 22.22 0.77 -29.58
C LEU E 185 21.56 2.08 -29.91
N SER E 186 21.71 3.04 -29.01
CA SER E 186 21.18 4.34 -29.31
C SER E 186 22.08 5.43 -28.76
N SER E 187 22.09 6.55 -29.51
CA SER E 187 22.79 7.79 -29.19
C SER E 187 21.80 8.94 -29.34
N VAL E 188 21.76 9.84 -28.35
CA VAL E 188 20.89 11.00 -28.42
C VAL E 188 21.72 12.24 -28.11
N VAL E 189 21.18 13.38 -28.51
CA VAL E 189 21.74 14.70 -28.27
C VAL E 189 20.59 15.65 -28.00
N THR E 190 20.82 16.61 -27.11
CA THR E 190 19.85 17.65 -26.78
C THR E 190 20.34 18.96 -27.39
N VAL E 191 19.43 19.52 -28.16
CA VAL E 191 19.86 20.68 -28.93
C VAL E 191 18.74 21.66 -28.76
N PRO E 192 19.03 22.96 -28.89
CA PRO E 192 18.01 23.89 -28.67
C PRO E 192 16.79 23.58 -29.51
N SER E 193 15.66 24.07 -29.08
CA SER E 193 14.42 23.76 -29.81
C SER E 193 14.24 24.81 -30.88
N SER E 194 14.44 26.06 -30.52
CA SER E 194 14.10 27.13 -31.47
C SER E 194 14.91 27.02 -32.74
N SER E 195 15.85 26.09 -32.83
CA SER E 195 16.71 26.14 -34.01
C SER E 195 16.51 24.97 -34.95
N LEU E 196 15.68 23.98 -34.61
CA LEU E 196 15.64 22.77 -35.42
C LEU E 196 15.40 23.04 -36.90
N GLY E 197 14.74 24.15 -37.21
CA GLY E 197 14.46 24.46 -38.61
C GLY E 197 15.73 24.68 -39.41
N THR E 198 16.59 25.57 -38.92
CA THR E 198 17.82 25.94 -39.59
C THR E 198 18.98 24.96 -39.33
N GLN E 199 19.37 24.79 -38.05
CA GLN E 199 20.51 23.94 -37.67
C GLN E 199 20.36 22.51 -38.18
N THR E 200 21.48 21.89 -38.55
CA THR E 200 21.48 20.54 -39.08
C THR E 200 22.27 19.59 -38.19
N TYR E 201 21.71 18.39 -37.99
CA TYR E 201 22.30 17.34 -37.17
C TYR E 201 22.41 16.07 -37.99
N ILE E 202 23.60 15.48 -38.03
CA ILE E 202 23.85 14.22 -38.75
C ILE E 202 24.66 13.37 -37.80
N CYS E 203 24.27 12.12 -37.60
CA CYS E 203 25.08 11.21 -36.79
C CYS E 203 25.87 10.26 -37.70
N ASN E 204 27.05 9.86 -37.24
CA ASN E 204 27.99 9.04 -38.02
C ASN E 204 28.24 7.72 -37.29
N VAL E 205 27.80 6.65 -37.90
CA VAL E 205 27.95 5.31 -37.37
C VAL E 205 29.12 4.66 -38.05
N ASN E 206 29.87 3.89 -37.30
CA ASN E 206 31.06 3.23 -37.79
C ASN E 206 31.11 1.85 -37.16
N HIS E 207 31.06 0.82 -37.99
CA HIS E 207 31.13 -0.55 -37.51
C HIS E 207 32.38 -1.17 -38.16
N LYS E 208 33.53 -0.95 -37.53
CA LYS E 208 34.78 -1.45 -38.09
C LYS E 208 34.73 -2.92 -38.49
N PRO E 209 34.16 -3.84 -37.70
CA PRO E 209 34.18 -5.25 -38.11
C PRO E 209 33.39 -5.60 -39.35
N SER E 210 32.64 -4.67 -39.97
CA SER E 210 31.95 -4.97 -41.22
C SER E 210 32.25 -3.91 -42.27
N ASN E 211 33.21 -3.02 -41.99
CA ASN E 211 33.59 -1.92 -42.87
C ASN E 211 32.34 -1.16 -43.34
N THR E 212 31.52 -0.81 -42.36
CA THR E 212 30.28 -0.07 -42.57
C THR E 212 30.48 1.31 -41.97
N LYS E 213 30.41 2.33 -42.81
CA LYS E 213 30.39 3.70 -42.33
C LYS E 213 29.07 4.27 -42.87
N VAL E 214 28.07 4.43 -42.01
CA VAL E 214 26.77 4.95 -42.42
C VAL E 214 26.54 6.31 -41.77
N ASP E 215 25.93 7.22 -42.52
CA ASP E 215 25.59 8.57 -42.08
C ASP E 215 24.10 8.75 -42.19
N LYS E 216 23.49 9.38 -41.20
CA LYS E 216 22.06 9.63 -41.26
C LYS E 216 21.82 11.02 -40.75
N LYS E 217 21.07 11.80 -41.52
CA LYS E 217 20.70 13.13 -41.08
C LYS E 217 19.37 12.99 -40.35
N VAL E 218 19.29 13.58 -39.18
CA VAL E 218 18.12 13.44 -38.33
C VAL E 218 17.40 14.77 -38.35
N GLU E 219 16.21 14.80 -38.99
CA GLU E 219 15.35 15.94 -39.20
C GLU E 219 14.01 15.75 -38.53
N PRO E 220 13.35 16.82 -38.10
CA PRO E 220 11.97 16.69 -37.62
C PRO E 220 11.01 16.20 -38.71
N LYS E 221 9.93 15.53 -38.29
CA LYS E 221 8.93 15.10 -39.26
C LYS E 221 7.90 16.20 -39.48
N SER E 222 7.02 15.98 -40.47
CA SER E 222 5.61 16.40 -40.41
C SER E 222 4.72 15.24 -40.82
N ASP F 1 27.70 -24.33 -1.32
CA ASP F 1 28.60 -23.32 -1.87
C ASP F 1 28.36 -22.10 -0.93
N ILE F 2 29.39 -21.29 -0.63
CA ILE F 2 29.34 -20.27 0.42
C ILE F 2 29.08 -18.92 -0.21
N GLN F 3 28.06 -18.22 0.27
CA GLN F 3 27.58 -17.00 -0.38
C GLN F 3 27.77 -15.74 0.43
N MET F 4 28.30 -14.72 -0.24
CA MET F 4 28.59 -13.41 0.35
C MET F 4 27.58 -12.40 -0.17
N THR F 5 27.05 -11.59 0.75
CA THR F 5 26.18 -10.46 0.41
C THR F 5 26.83 -9.16 0.88
N GLN F 6 26.48 -8.05 0.20
CA GLN F 6 26.92 -6.73 0.65
C GLN F 6 25.70 -5.81 0.67
N SER F 7 25.82 -4.71 1.44
CA SER F 7 24.82 -3.64 1.45
C SER F 7 25.52 -2.43 2.06
N PRO F 8 25.23 -1.21 1.60
CA PRO F 8 24.18 -0.95 0.62
C PRO F 8 24.66 -1.36 -0.75
N SER F 9 23.76 -1.74 -1.65
CA SER F 9 24.18 -2.08 -3.00
C SER F 9 24.46 -0.81 -3.82
N SER F 10 23.96 0.32 -3.36
CA SER F 10 24.23 1.60 -3.97
C SER F 10 24.72 2.53 -2.87
N LEU F 11 25.62 3.43 -3.21
CA LEU F 11 26.16 4.33 -2.20
C LEU F 11 26.52 5.67 -2.82
N SER F 12 25.91 6.74 -2.30
CA SER F 12 26.26 8.11 -2.69
C SER F 12 27.08 8.76 -1.58
N ALA F 13 28.21 9.36 -1.93
CA ALA F 13 28.98 10.04 -0.90
C ALA F 13 29.58 11.31 -1.47
N SER F 14 30.01 12.20 -0.55
CA SER F 14 30.76 13.42 -0.84
C SER F 14 32.26 13.17 -0.76
N VAL F 15 33.04 14.04 -1.40
CA VAL F 15 34.47 14.00 -1.20
C VAL F 15 34.78 14.55 0.18
N GLY F 16 35.55 13.80 0.96
CA GLY F 16 35.82 14.13 2.35
C GLY F 16 34.91 13.49 3.38
N ASP F 17 34.24 12.39 3.05
CA ASP F 17 33.28 11.76 3.96
C ASP F 17 33.76 10.42 4.49
N ARG F 18 33.23 10.06 5.67
CA ARG F 18 33.47 8.75 6.24
C ARG F 18 32.51 7.79 5.56
N VAL F 19 33.07 6.76 4.93
CA VAL F 19 32.31 5.82 4.13
C VAL F 19 32.50 4.42 4.71
N THR F 20 31.41 3.66 4.78
CA THR F 20 31.46 2.32 5.38
C THR F 20 30.58 1.36 4.58
N ILE F 21 31.18 0.29 4.10
CA ILE F 21 30.49 -0.74 3.33
C ILE F 21 30.49 -2.02 4.14
N THR F 22 29.42 -2.81 4.04
CA THR F 22 29.24 -4.04 4.81
C THR F 22 29.39 -5.29 3.92
N CYS F 23 30.13 -6.29 4.42
CA CYS F 23 30.19 -7.60 3.80
C CYS F 23 29.64 -8.64 4.77
N ARG F 24 29.00 -9.68 4.24
CA ARG F 24 28.32 -10.64 5.09
C ARG F 24 28.37 -12.05 4.51
N ALA F 25 28.79 -13.02 5.33
CA ALA F 25 29.01 -14.39 4.88
C ALA F 25 27.89 -15.34 5.33
N SER F 26 27.56 -16.32 4.47
CA SER F 26 26.53 -17.29 4.84
C SER F 26 26.98 -18.20 5.99
N GLN F 27 28.29 -18.35 6.19
CA GLN F 27 28.90 -19.25 7.16
C GLN F 27 30.11 -18.55 7.72
N SER F 28 30.61 -19.05 8.83
CA SER F 28 31.89 -18.56 9.33
C SER F 28 32.96 -18.74 8.27
N ILE F 29 33.59 -17.63 7.88
CA ILE F 29 34.78 -17.66 7.05
C ILE F 29 35.99 -17.15 7.82
N SER F 30 35.92 -17.24 9.17
CA SER F 30 37.05 -16.77 9.96
C SER F 30 37.49 -15.37 9.58
N SER F 31 38.71 -15.28 9.08
CA SER F 31 39.23 -14.02 8.61
C SER F 31 39.91 -14.17 7.25
N TYR F 32 39.42 -15.11 6.44
CA TYR F 32 39.80 -15.25 5.04
C TYR F 32 38.88 -14.42 4.12
N LEU F 33 38.98 -13.10 4.27
CA LEU F 33 38.11 -12.16 3.57
C LEU F 33 38.94 -11.05 2.95
N ASN F 34 38.81 -10.86 1.64
CA ASN F 34 39.56 -9.81 0.95
C ASN F 34 38.60 -8.77 0.35
N TRP F 35 39.11 -7.56 0.14
CA TRP F 35 38.34 -6.51 -0.51
C TRP F 35 39.03 -6.02 -1.79
N TYR F 36 38.25 -5.82 -2.87
CA TYR F 36 38.81 -5.30 -4.13
C TYR F 36 38.08 -4.03 -4.55
N GLN F 37 38.77 -3.24 -5.34
CA GLN F 37 38.19 -2.07 -5.95
C GLN F 37 38.26 -2.20 -7.46
N GLN F 38 37.16 -1.85 -8.13
CA GLN F 38 37.14 -1.85 -9.58
C GLN F 38 36.46 -0.58 -10.09
N LYS F 39 37.07 0.01 -11.10
CA LYS F 39 36.61 1.18 -11.81
C LYS F 39 36.16 0.75 -13.19
N PRO F 40 35.29 1.50 -13.87
CA PRO F 40 34.71 0.97 -15.12
C PRO F 40 35.80 0.73 -16.16
N GLY F 41 35.76 -0.45 -16.79
CA GLY F 41 36.68 -0.81 -17.86
C GLY F 41 38.10 -1.22 -17.46
N LYS F 42 38.55 -0.98 -16.22
CA LYS F 42 39.82 -1.46 -15.69
C LYS F 42 39.59 -2.72 -14.85
N ALA F 43 40.67 -3.32 -14.39
CA ALA F 43 40.60 -4.56 -13.61
C ALA F 43 40.42 -4.26 -12.12
N PRO F 44 40.12 -5.29 -11.32
CA PRO F 44 40.04 -5.08 -9.87
C PRO F 44 41.41 -4.84 -9.27
N LYS F 45 41.45 -4.08 -8.18
CA LYS F 45 42.67 -3.92 -7.40
C LYS F 45 42.47 -4.34 -5.95
N LEU F 46 43.44 -5.08 -5.43
CA LEU F 46 43.38 -5.55 -4.05
C LEU F 46 43.65 -4.41 -3.08
N LEU F 47 42.76 -4.23 -2.12
CA LEU F 47 42.90 -3.22 -1.08
C LEU F 47 43.23 -3.83 0.27
N ILE F 48 42.35 -4.70 0.77
CA ILE F 48 42.49 -5.33 2.08
C ILE F 48 42.45 -6.83 1.89
N TYR F 49 43.31 -7.53 2.61
CA TYR F 49 43.37 -8.98 2.58
C TYR F 49 43.40 -9.49 4.01
N ALA F 50 42.92 -10.71 4.20
CA ALA F 50 42.83 -11.33 5.52
C ALA F 50 42.18 -10.36 6.53
N ALA F 51 40.97 -9.95 6.20
CA ALA F 51 40.04 -9.13 7.00
C ALA F 51 40.48 -7.69 7.26
N SER F 52 41.69 -7.46 7.73
CA SER F 52 42.02 -6.17 8.30
C SER F 52 43.30 -5.58 7.76
N SER F 53 44.21 -6.38 7.24
CA SER F 53 45.54 -5.93 6.84
C SER F 53 45.55 -5.46 5.40
N LEU F 54 46.40 -4.49 5.14
CA LEU F 54 46.33 -3.62 3.98
C LEU F 54 47.49 -3.87 3.01
N GLN F 55 47.17 -3.83 1.72
CA GLN F 55 48.09 -4.06 0.60
C GLN F 55 49.14 -2.95 0.44
N SER F 56 50.29 -3.30 -0.19
CA SER F 56 51.31 -2.27 -0.50
C SER F 56 50.82 -1.30 -1.56
N GLY F 57 51.12 -0.04 -1.33
CA GLY F 57 50.66 1.02 -2.17
C GLY F 57 49.26 1.50 -1.89
N VAL F 58 48.50 0.80 -1.05
CA VAL F 58 47.13 1.23 -0.73
C VAL F 58 47.20 2.27 0.38
N PRO F 59 46.59 3.44 0.20
CA PRO F 59 46.64 4.50 1.21
C PRO F 59 46.07 4.11 2.57
N SER F 60 46.45 4.92 3.57
CA SER F 60 46.07 4.67 4.95
C SER F 60 44.62 5.00 5.24
N ARG F 61 43.92 5.62 4.28
CA ARG F 61 42.50 5.92 4.50
C ARG F 61 41.61 4.70 4.32
N PHE F 62 42.15 3.58 3.88
CA PHE F 62 41.46 2.30 3.86
C PHE F 62 41.79 1.49 5.13
N SER F 63 40.78 0.77 5.64
CA SER F 63 40.98 -0.20 6.72
C SER F 63 39.83 -1.19 6.71
N GLY F 64 40.09 -2.41 7.19
CA GLY F 64 39.06 -3.43 7.28
C GLY F 64 38.97 -3.99 8.68
N SER F 65 37.76 -4.44 9.04
CA SER F 65 37.52 -4.94 10.39
C SER F 65 36.58 -6.13 10.35
N GLY F 66 36.46 -6.79 11.49
CA GLY F 66 35.50 -7.86 11.64
C GLY F 66 36.06 -9.25 11.37
N SER F 67 35.30 -10.24 11.81
CA SER F 67 35.55 -11.64 11.51
C SER F 67 34.26 -12.41 11.73
N GLY F 68 34.31 -13.70 11.42
CA GLY F 68 33.13 -14.53 11.57
C GLY F 68 32.23 -14.55 10.36
N THR F 69 31.23 -13.69 10.37
CA THR F 69 30.29 -13.55 9.25
C THR F 69 30.14 -12.12 8.76
N ASP F 70 30.51 -11.13 9.58
CA ASP F 70 30.21 -9.73 9.32
C ASP F 70 31.51 -8.95 9.22
N PHE F 71 31.65 -8.20 8.12
CA PHE F 71 32.86 -7.45 7.87
C PHE F 71 32.56 -6.05 7.37
N THR F 72 33.58 -5.21 7.51
CA THR F 72 33.55 -3.81 7.20
C THR F 72 34.77 -3.43 6.37
N LEU F 73 34.52 -2.48 5.48
CA LEU F 73 35.56 -1.71 4.83
C LEU F 73 35.28 -0.25 5.11
N THR F 74 36.30 0.51 5.44
CA THR F 74 36.09 1.90 5.83
C THR F 74 37.12 2.76 5.14
N ILE F 75 36.63 3.78 4.43
CA ILE F 75 37.46 4.79 3.80
C ILE F 75 37.35 6.02 4.67
N SER F 76 38.43 6.33 5.37
CA SER F 76 38.36 7.32 6.44
C SER F 76 38.02 8.71 5.88
N SER F 77 38.54 9.04 4.71
CA SER F 77 38.21 10.32 4.06
C SER F 77 38.21 10.06 2.55
N LEU F 78 37.01 9.98 1.97
CA LEU F 78 36.85 9.65 0.56
C LEU F 78 37.60 10.66 -0.29
N GLN F 79 38.21 10.21 -1.36
CA GLN F 79 38.95 11.09 -2.27
C GLN F 79 38.43 10.92 -3.68
N PRO F 80 38.66 11.89 -4.56
CA PRO F 80 38.00 11.84 -5.88
C PRO F 80 38.38 10.63 -6.70
N GLU F 81 39.52 9.99 -6.44
CA GLU F 81 39.91 8.78 -7.14
C GLU F 81 39.49 7.50 -6.40
N ASP F 82 38.52 7.61 -5.48
CA ASP F 82 37.92 6.47 -4.77
C ASP F 82 36.54 6.07 -5.26
N PHE F 83 35.90 6.86 -6.10
CA PHE F 83 34.59 6.44 -6.54
C PHE F 83 34.75 5.24 -7.47
N ALA F 84 34.22 4.09 -7.07
CA ALA F 84 34.36 2.85 -7.85
C ALA F 84 33.40 1.81 -7.29
N THR F 85 33.51 0.57 -7.77
CA THR F 85 32.73 -0.55 -7.28
C THR F 85 33.63 -1.38 -6.40
N TYR F 86 33.14 -1.75 -5.21
CA TYR F 86 33.91 -2.46 -4.19
C TYR F 86 33.35 -3.84 -3.94
N TYR F 87 34.22 -4.85 -4.02
CA TYR F 87 33.84 -6.24 -3.87
C TYR F 87 34.44 -6.82 -2.62
N CYS F 88 33.73 -7.79 -2.02
CA CYS F 88 34.38 -8.64 -1.03
C CYS F 88 34.52 -10.06 -1.58
N GLN F 89 35.36 -10.87 -0.94
CA GLN F 89 35.72 -12.17 -1.49
C GLN F 89 36.23 -13.10 -0.39
N GLN F 90 35.49 -14.19 -0.15
CA GLN F 90 35.92 -15.23 0.77
C GLN F 90 36.85 -16.21 0.07
N SER F 91 37.92 -16.54 0.75
CA SER F 91 38.82 -17.56 0.28
C SER F 91 39.03 -18.61 1.38
N TYR F 92 37.95 -18.95 2.08
CA TYR F 92 37.95 -20.06 3.03
C TYR F 92 37.80 -21.39 2.30
N SER F 93 36.67 -21.58 1.60
CA SER F 93 36.40 -22.80 0.83
C SER F 93 37.06 -22.71 -0.52
N THR F 94 38.15 -23.42 -0.72
CA THR F 94 39.07 -22.88 -1.71
C THR F 94 39.07 -23.45 -3.14
N PRO F 95 38.63 -24.67 -3.41
CA PRO F 95 38.16 -24.95 -4.78
C PRO F 95 36.67 -24.72 -4.92
N GLY F 96 36.15 -23.76 -4.15
CA GLY F 96 34.89 -23.09 -4.42
C GLY F 96 34.82 -21.68 -3.84
N VAL F 97 35.59 -20.72 -4.45
CA VAL F 97 35.78 -19.37 -3.90
C VAL F 97 34.74 -18.45 -4.54
N THR F 98 34.27 -17.46 -3.77
CA THR F 98 33.14 -16.63 -4.20
C THR F 98 33.39 -15.16 -3.89
N PHE F 99 32.77 -14.30 -4.69
CA PHE F 99 32.83 -12.88 -4.46
C PHE F 99 31.46 -12.37 -4.02
N GLY F 100 31.46 -11.15 -3.52
CA GLY F 100 30.23 -10.43 -3.28
C GLY F 100 29.66 -9.88 -4.56
N PRO F 101 28.45 -9.32 -4.46
CA PRO F 101 27.80 -8.77 -5.64
C PRO F 101 28.30 -7.38 -6.00
N GLY F 102 29.01 -6.72 -5.11
CA GLY F 102 29.58 -5.42 -5.39
C GLY F 102 28.76 -4.31 -4.77
N THR F 103 29.44 -3.22 -4.43
CA THR F 103 28.80 -1.99 -3.99
C THR F 103 29.41 -0.86 -4.79
N LYS F 104 28.56 -0.08 -5.46
CA LYS F 104 29.03 1.05 -6.25
C LYS F 104 28.88 2.31 -5.41
N VAL F 105 29.96 3.10 -5.39
CA VAL F 105 30.00 4.41 -4.75
C VAL F 105 30.14 5.45 -5.85
N ASP F 106 29.21 6.40 -5.91
CA ASP F 106 29.28 7.50 -6.87
C ASP F 106 29.20 8.84 -6.15
N ILE F 107 29.13 9.91 -6.95
CA ILE F 107 29.27 11.28 -6.48
C ILE F 107 27.89 11.86 -6.18
N LYS F 108 27.72 12.36 -4.96
CA LYS F 108 26.39 12.86 -4.59
C LYS F 108 26.22 14.31 -5.04
N ARG F 109 24.99 14.64 -5.40
CA ARG F 109 24.60 15.96 -5.89
C ARG F 109 23.09 16.15 -5.65
N THR F 110 22.62 17.36 -5.93
CA THR F 110 21.22 17.68 -5.64
C THR F 110 20.31 16.88 -6.55
N VAL F 111 19.15 16.48 -6.03
CA VAL F 111 18.27 15.63 -6.82
C VAL F 111 17.80 16.37 -8.08
N ALA F 112 17.63 15.63 -9.17
CA ALA F 112 17.32 16.22 -10.46
C ALA F 112 16.40 15.26 -11.19
N ALA F 113 15.18 15.69 -11.42
CA ALA F 113 14.22 14.82 -12.08
C ALA F 113 14.61 14.62 -13.55
N PRO F 114 14.27 13.47 -14.11
CA PRO F 114 14.61 13.24 -15.51
C PRO F 114 13.65 14.00 -16.40
N SER F 115 14.15 14.43 -17.55
CA SER F 115 13.33 14.92 -18.66
C SER F 115 13.07 13.75 -19.58
N VAL F 116 11.81 13.47 -19.82
CA VAL F 116 11.40 12.29 -20.54
C VAL F 116 11.06 12.66 -21.96
N PHE F 117 11.37 11.76 -22.89
CA PHE F 117 11.03 11.93 -24.30
C PHE F 117 10.61 10.58 -24.84
N ILE F 118 9.75 10.59 -25.85
CA ILE F 118 9.34 9.34 -26.47
C ILE F 118 9.45 9.51 -27.98
N PHE F 119 9.87 8.45 -28.64
CA PHE F 119 10.23 8.48 -30.07
C PHE F 119 9.50 7.36 -30.78
N PRO F 120 8.46 7.68 -31.55
CA PRO F 120 7.82 6.65 -32.38
C PRO F 120 8.76 6.08 -33.41
N PRO F 121 8.53 4.84 -33.86
CA PRO F 121 9.45 4.23 -34.83
C PRO F 121 9.48 5.02 -36.13
N SER F 122 10.61 4.89 -36.82
CA SER F 122 10.86 5.65 -38.02
C SER F 122 10.10 5.07 -39.19
N ASP F 123 9.86 5.93 -40.16
CA ASP F 123 9.17 5.50 -41.37
C ASP F 123 10.01 4.47 -42.12
N GLU F 124 11.34 4.69 -42.18
CA GLU F 124 12.22 3.75 -42.87
C GLU F 124 12.20 2.39 -42.20
N GLN F 125 12.27 2.38 -40.86
CA GLN F 125 12.33 1.12 -40.14
C GLN F 125 11.08 0.30 -40.41
N LEU F 126 9.90 0.94 -40.36
CA LEU F 126 8.66 0.18 -40.51
C LEU F 126 8.61 -0.58 -41.82
N LYS F 127 9.10 0.01 -42.92
CA LYS F 127 9.07 -0.77 -44.16
C LYS F 127 10.03 -1.96 -44.11
N SER F 128 11.01 -1.94 -43.20
CA SER F 128 11.94 -3.07 -43.08
C SER F 128 11.27 -4.30 -42.47
N GLY F 129 10.26 -4.10 -41.62
CA GLY F 129 9.52 -5.20 -41.02
C GLY F 129 9.55 -5.31 -39.50
N THR F 130 9.97 -4.26 -38.80
CA THR F 130 10.01 -4.24 -37.33
C THR F 130 9.85 -2.80 -36.81
N ALA F 131 9.28 -2.66 -35.61
CA ALA F 131 9.08 -1.34 -35.00
C ALA F 131 9.82 -1.24 -33.67
N SER F 132 10.49 -0.12 -33.46
CA SER F 132 11.24 0.12 -32.23
C SER F 132 10.79 1.44 -31.63
N VAL F 133 10.33 1.39 -30.37
CA VAL F 133 9.86 2.56 -29.64
C VAL F 133 10.85 2.85 -28.53
N VAL F 134 11.38 4.07 -28.53
CA VAL F 134 12.49 4.45 -27.67
C VAL F 134 11.99 5.49 -26.69
N CYS F 135 12.31 5.27 -25.43
CA CYS F 135 12.03 6.22 -24.37
C CYS F 135 13.35 6.67 -23.74
N LEU F 136 13.54 7.98 -23.64
CA LEU F 136 14.77 8.58 -23.14
C LEU F 136 14.50 9.37 -21.88
N LEU F 137 15.22 9.06 -20.81
CA LEU F 137 15.25 9.84 -19.58
C LEU F 137 16.58 10.58 -19.57
N ASN F 138 16.58 11.87 -19.26
CA ASN F 138 17.77 12.68 -19.48
C ASN F 138 18.21 13.42 -18.21
N ASN F 139 19.48 13.25 -17.85
CA ASN F 139 20.17 14.00 -16.79
C ASN F 139 19.41 13.96 -15.46
N PHE F 140 19.35 12.76 -14.90
CA PHE F 140 18.70 12.60 -13.61
C PHE F 140 19.69 12.06 -12.58
N TYR F 141 19.37 12.35 -11.32
CA TYR F 141 20.09 11.87 -10.21
C TYR F 141 19.16 11.76 -9.02
N PRO F 142 19.21 10.66 -8.28
CA PRO F 142 20.01 9.45 -8.39
C PRO F 142 19.66 8.45 -9.49
N ARG F 143 20.44 7.38 -9.54
CA ARG F 143 20.62 6.39 -10.61
C ARG F 143 19.40 5.48 -10.81
N GLU F 144 18.35 5.80 -10.09
CA GLU F 144 17.31 4.84 -9.77
C GLU F 144 16.02 5.21 -10.51
N ALA F 145 15.54 4.36 -11.42
CA ALA F 145 14.34 4.76 -12.14
C ALA F 145 13.53 3.57 -12.64
N LYS F 146 12.23 3.79 -12.80
CA LYS F 146 11.29 2.81 -13.32
C LYS F 146 10.77 3.33 -14.65
N VAL F 147 10.78 2.50 -15.67
CA VAL F 147 10.27 2.90 -16.95
C VAL F 147 9.29 1.79 -17.32
N GLN F 148 8.00 2.08 -17.33
CA GLN F 148 6.99 1.08 -17.73
C GLN F 148 6.33 1.47 -19.03
N TRP F 149 6.33 0.54 -19.96
CA TRP F 149 5.68 0.70 -21.25
C TRP F 149 4.21 0.31 -21.14
N LYS F 150 3.34 1.19 -21.65
CA LYS F 150 1.89 0.99 -21.73
C LYS F 150 1.53 0.95 -23.20
N VAL F 151 0.75 -0.05 -23.61
CA VAL F 151 0.30 -0.11 -24.99
C VAL F 151 -1.19 -0.31 -24.95
N ASP F 152 -1.95 0.73 -25.30
CA ASP F 152 -3.40 0.69 -25.24
C ASP F 152 -3.86 0.45 -23.81
N ASN F 153 -3.19 1.12 -22.88
CA ASN F 153 -3.42 1.01 -21.44
C ASN F 153 -3.19 -0.40 -20.91
N ALA F 154 -2.38 -1.19 -21.57
CA ALA F 154 -2.06 -2.51 -21.09
C ALA F 154 -0.59 -2.41 -20.73
N LEU F 155 -0.29 -2.26 -19.43
CA LEU F 155 1.11 -2.23 -19.00
C LEU F 155 1.87 -3.42 -19.57
N GLN F 156 3.08 -3.18 -20.06
CA GLN F 156 3.86 -4.22 -20.73
C GLN F 156 5.08 -4.58 -19.92
N SER F 157 5.54 -5.82 -20.06
CA SER F 157 6.71 -6.37 -19.38
C SER F 157 7.31 -7.47 -20.23
N GLY F 158 8.65 -7.50 -20.33
CA GLY F 158 9.31 -8.59 -21.02
C GLY F 158 9.43 -8.45 -22.53
N ASN F 159 9.31 -7.24 -23.06
CA ASN F 159 9.66 -7.01 -24.45
C ASN F 159 10.52 -5.75 -24.62
N SER F 160 10.88 -5.08 -23.53
CA SER F 160 11.75 -3.93 -23.54
C SER F 160 13.09 -4.26 -22.90
N GLN F 161 14.12 -3.56 -23.38
CA GLN F 161 15.47 -3.59 -22.84
C GLN F 161 15.87 -2.15 -22.56
N GLU F 162 16.69 -1.93 -21.54
CA GLU F 162 17.10 -0.56 -21.23
C GLU F 162 18.60 -0.52 -21.02
N SER F 163 19.17 0.67 -21.19
CA SER F 163 20.58 0.89 -20.92
C SER F 163 20.67 2.16 -20.12
N VAL F 164 21.80 2.33 -19.45
CA VAL F 164 22.00 3.49 -18.60
C VAL F 164 23.43 3.98 -18.76
N THR F 165 23.60 5.30 -18.81
CA THR F 165 24.95 5.83 -18.95
C THR F 165 25.68 5.74 -17.63
N GLU F 166 26.99 5.88 -17.69
CA GLU F 166 27.75 6.15 -16.48
C GLU F 166 27.47 7.55 -15.96
N GLN F 167 27.83 7.78 -14.70
CA GLN F 167 27.64 9.11 -14.14
C GLN F 167 28.50 10.11 -14.93
N ASP F 168 27.93 11.27 -15.25
CA ASP F 168 28.59 12.22 -16.15
C ASP F 168 29.72 13.00 -15.47
N SER F 169 30.74 13.35 -16.27
CA SER F 169 31.90 14.10 -15.76
C SER F 169 31.53 15.53 -15.33
N LYS F 170 30.75 16.23 -16.17
CA LYS F 170 30.44 17.64 -15.94
C LYS F 170 29.55 17.80 -14.71
N ASP F 171 28.33 17.25 -14.78
CA ASP F 171 27.28 17.50 -13.79
C ASP F 171 27.00 16.34 -12.84
N SER F 172 27.59 15.16 -13.06
CA SER F 172 27.41 13.99 -12.20
C SER F 172 25.98 13.49 -12.23
N THR F 173 25.42 13.32 -13.43
CA THR F 173 24.05 12.86 -13.64
C THR F 173 24.07 11.61 -14.52
N TYR F 174 22.90 10.96 -14.59
CA TYR F 174 22.71 9.74 -15.35
C TYR F 174 21.72 9.97 -16.49
N SER F 175 21.70 9.05 -17.47
CA SER F 175 20.69 9.08 -18.55
C SER F 175 20.36 7.65 -18.98
N LEU F 176 19.09 7.37 -19.34
CA LEU F 176 18.59 6.02 -19.59
C LEU F 176 17.79 5.91 -20.89
N SER F 177 17.90 4.80 -21.62
CA SER F 177 17.09 4.63 -22.82
C SER F 177 16.52 3.23 -22.84
N SER F 178 15.21 3.13 -22.69
CA SER F 178 14.50 1.87 -22.79
C SER F 178 14.04 1.70 -24.23
N THR F 179 14.12 0.48 -24.76
CA THR F 179 13.74 0.26 -26.15
C THR F 179 12.72 -0.85 -26.25
N LEU F 180 11.47 -0.48 -26.54
CA LEU F 180 10.39 -1.43 -26.76
C LEU F 180 10.33 -1.81 -28.24
N THR F 181 10.66 -3.06 -28.53
CA THR F 181 10.75 -3.54 -29.91
C THR F 181 9.56 -4.44 -30.15
N LEU F 182 8.81 -4.16 -31.22
CA LEU F 182 7.66 -4.96 -31.62
C LEU F 182 7.88 -5.62 -32.98
N SER F 183 6.80 -5.79 -33.70
CA SER F 183 6.85 -6.34 -35.04
C SER F 183 6.02 -5.43 -35.92
N LYS F 184 6.39 -5.36 -37.20
CA LYS F 184 5.68 -4.51 -38.13
C LYS F 184 4.18 -4.74 -38.03
N ALA F 185 3.76 -6.01 -38.18
CA ALA F 185 2.33 -6.36 -38.10
C ALA F 185 1.73 -5.99 -36.74
N ASP F 186 2.41 -6.34 -35.68
CA ASP F 186 1.81 -6.23 -34.37
C ASP F 186 1.84 -4.79 -33.86
N TYR F 187 2.76 -3.96 -34.37
CA TYR F 187 2.77 -2.54 -34.02
C TYR F 187 1.53 -1.85 -34.55
N GLU F 188 1.06 -2.27 -35.73
CA GLU F 188 -0.03 -1.59 -36.42
C GLU F 188 -1.35 -1.67 -35.67
N LYS F 189 -1.61 -2.79 -34.98
CA LYS F 189 -2.88 -3.17 -34.32
C LYS F 189 -3.22 -2.34 -33.10
N HIS F 190 -2.40 -1.40 -32.66
CA HIS F 190 -2.67 -0.67 -31.43
C HIS F 190 -2.47 0.81 -31.70
N LYS F 191 -3.07 1.66 -30.87
CA LYS F 191 -3.03 3.08 -31.20
C LYS F 191 -2.22 3.91 -30.22
N VAL F 192 -2.12 3.52 -28.96
CA VAL F 192 -1.54 4.41 -27.97
C VAL F 192 -0.26 3.79 -27.39
N TYR F 193 0.87 4.47 -27.57
CA TYR F 193 2.15 4.06 -27.01
C TYR F 193 2.55 5.11 -25.99
N ALA F 194 3.03 4.64 -24.84
CA ALA F 194 3.24 5.51 -23.70
C ALA F 194 4.39 4.99 -22.88
N CYS F 195 5.03 5.89 -22.17
CA CYS F 195 6.22 5.54 -21.42
C CYS F 195 6.11 6.25 -20.08
N GLU F 196 5.91 5.49 -18.99
CA GLU F 196 5.67 6.05 -17.66
C GLU F 196 6.90 5.91 -16.75
N VAL F 197 7.30 7.01 -16.14
CA VAL F 197 8.59 7.14 -15.47
C VAL F 197 8.41 7.40 -14.00
N THR F 198 9.04 6.58 -13.18
CA THR F 198 9.07 6.82 -11.75
C THR F 198 10.50 7.16 -11.31
N HIS F 199 10.63 8.25 -10.57
CA HIS F 199 11.92 8.71 -10.09
C HIS F 199 11.70 9.41 -8.75
N GLN F 200 12.78 9.49 -8.02
CA GLN F 200 12.75 10.10 -6.71
C GLN F 200 12.37 11.58 -6.76
N GLY F 201 12.84 12.30 -7.79
CA GLY F 201 12.52 13.71 -7.91
C GLY F 201 11.21 14.02 -8.62
N LEU F 202 10.35 13.01 -8.73
CA LEU F 202 9.06 13.12 -9.38
C LEU F 202 7.97 12.84 -8.36
N SER F 203 7.13 13.84 -8.10
CA SER F 203 6.06 13.71 -7.10
C SER F 203 5.11 12.60 -7.45
N SER F 204 4.65 12.57 -8.68
CA SER F 204 3.88 11.44 -9.16
C SER F 204 4.45 11.10 -10.54
N PRO F 205 4.25 9.87 -11.01
CA PRO F 205 4.93 9.47 -12.23
C PRO F 205 4.60 10.43 -13.36
N VAL F 206 5.56 10.53 -14.27
CA VAL F 206 5.43 11.37 -15.44
C VAL F 206 5.22 10.43 -16.60
N THR F 207 4.18 10.66 -17.37
CA THR F 207 3.91 9.86 -18.55
C THR F 207 4.06 10.73 -19.80
N LYS F 208 4.68 10.15 -20.85
CA LYS F 208 4.82 10.75 -22.18
C LYS F 208 4.39 9.72 -23.21
N SER F 209 3.60 10.14 -24.21
CA SER F 209 2.94 9.15 -25.06
C SER F 209 2.62 9.70 -26.43
N PHE F 210 2.35 8.80 -27.37
CA PHE F 210 2.01 9.24 -28.72
C PHE F 210 0.94 8.30 -29.30
N ASN F 211 0.26 8.79 -30.32
CA ASN F 211 -0.76 8.02 -31.04
C ASN F 211 -0.24 7.63 -32.41
N ARG F 212 -0.34 6.34 -32.72
CA ARG F 212 0.12 5.82 -33.99
C ARG F 212 -0.65 6.50 -35.10
N GLY F 213 0.05 7.09 -36.06
CA GLY F 213 -0.60 7.90 -37.08
C GLY F 213 -0.39 9.37 -36.85
N GLU F 214 -0.97 9.91 -35.78
CA GLU F 214 -0.74 11.31 -35.40
C GLU F 214 0.77 11.65 -35.38
N LEU G 17 57.02 -42.67 4.06
CA LEU G 17 55.77 -42.01 3.68
C LEU G 17 54.61 -42.26 4.59
N CYS G 18 53.62 -41.36 4.48
CA CYS G 18 52.32 -41.54 5.13
C CYS G 18 51.44 -42.46 4.31
N PRO G 19 50.66 -43.32 4.99
CA PRO G 19 49.91 -44.40 4.33
C PRO G 19 48.57 -43.94 3.74
N PHE G 20 48.62 -42.88 2.92
CA PHE G 20 47.43 -42.49 2.19
C PHE G 20 46.94 -43.63 1.35
N GLY G 21 47.86 -44.48 0.90
CA GLY G 21 47.46 -45.65 0.14
C GLY G 21 46.51 -46.55 0.91
N GLU G 22 46.77 -46.81 2.21
CA GLU G 22 45.87 -47.67 3.00
C GLU G 22 44.52 -47.04 3.24
N VAL G 23 44.46 -45.73 3.33
CA VAL G 23 43.19 -45.06 3.61
C VAL G 23 42.32 -45.03 2.36
N PHE G 24 42.89 -44.61 1.21
CA PHE G 24 42.11 -44.41 0.01
C PHE G 24 41.80 -45.74 -0.70
N ASN G 25 42.84 -46.51 -1.01
CA ASN G 25 42.68 -47.78 -1.72
C ASN G 25 42.24 -48.94 -0.84
N ALA G 26 41.88 -48.71 0.43
CA ALA G 26 41.35 -49.78 1.29
C ALA G 26 40.16 -50.48 0.65
N THR G 27 40.16 -51.82 0.71
CA THR G 27 39.08 -52.58 0.08
C THR G 27 37.72 -52.31 0.74
N ARG G 28 37.67 -52.17 2.06
CA ARG G 28 36.40 -51.96 2.76
C ARG G 28 36.33 -50.52 3.27
N PHE G 29 35.13 -49.92 3.22
CA PHE G 29 34.91 -48.59 3.79
C PHE G 29 33.77 -48.72 4.80
N ALA G 30 33.75 -47.81 5.78
CA ALA G 30 32.81 -47.92 6.89
C ALA G 30 31.46 -47.32 6.54
N SER G 31 30.42 -47.81 7.22
CA SER G 31 29.16 -47.08 7.19
C SER G 31 29.31 -45.77 7.94
N VAL G 32 28.64 -44.74 7.46
CA VAL G 32 28.91 -43.38 7.93
C VAL G 32 28.54 -43.21 9.41
N TYR G 33 27.50 -43.89 9.92
CA TYR G 33 27.18 -43.79 11.34
C TYR G 33 28.35 -44.26 12.17
N ALA G 34 29.11 -45.25 11.67
CA ALA G 34 30.30 -45.79 12.30
C ALA G 34 31.54 -45.40 11.52
N TRP G 35 31.68 -44.11 11.20
CA TRP G 35 32.76 -43.66 10.33
C TRP G 35 34.09 -44.06 10.93
N ASN G 36 35.02 -44.42 10.06
CA ASN G 36 36.29 -44.97 10.49
C ASN G 36 37.35 -43.88 10.47
N ARG G 37 38.25 -43.88 11.47
CA ARG G 37 39.31 -42.89 11.56
C ARG G 37 40.68 -43.55 11.61
N LYS G 38 41.63 -43.01 10.85
CA LYS G 38 43.04 -43.34 11.00
C LYS G 38 43.82 -42.07 11.28
N ARG G 39 44.56 -42.08 12.39
CA ARG G 39 45.49 -41.02 12.72
C ARG G 39 46.75 -41.20 11.88
N ILE G 40 47.38 -40.07 11.53
CA ILE G 40 48.61 -40.06 10.72
C ILE G 40 49.63 -39.14 11.37
N SER G 41 50.80 -39.69 11.72
CA SER G 41 51.83 -38.89 12.34
C SER G 41 53.16 -39.53 12.02
N ASN G 42 54.22 -38.76 12.23
CA ASN G 42 55.61 -39.21 12.06
C ASN G 42 55.80 -39.82 10.68
N CYS G 43 55.66 -38.96 9.68
CA CYS G 43 55.85 -39.34 8.30
C CYS G 43 55.76 -38.12 7.41
N VAL G 44 56.04 -38.34 6.14
CA VAL G 44 56.01 -37.30 5.13
C VAL G 44 54.83 -37.61 4.24
N ALA G 45 53.90 -36.65 4.15
CA ALA G 45 52.63 -36.86 3.51
C ALA G 45 52.76 -36.48 2.04
N ASP G 46 52.53 -37.45 1.14
CA ASP G 46 52.73 -37.25 -0.30
C ASP G 46 51.40 -36.96 -0.99
N TYR G 47 51.02 -35.68 -1.06
CA TYR G 47 49.75 -35.33 -1.69
C TYR G 47 49.77 -35.52 -3.19
N SER G 48 50.93 -35.67 -3.80
CA SER G 48 50.97 -35.85 -5.24
C SER G 48 50.16 -37.06 -5.71
N VAL G 49 50.09 -38.11 -4.90
CA VAL G 49 49.36 -39.29 -5.32
C VAL G 49 47.85 -39.03 -5.36
N LEU G 50 47.38 -38.02 -4.64
CA LEU G 50 45.98 -37.63 -4.70
C LEU G 50 45.67 -36.76 -5.93
N TYR G 51 46.51 -35.76 -6.21
CA TYR G 51 46.35 -34.91 -7.40
C TYR G 51 46.24 -35.75 -8.67
N ASN G 52 46.92 -36.89 -8.72
CA ASN G 52 47.04 -37.73 -9.90
C ASN G 52 45.75 -38.47 -10.27
N SER G 53 45.36 -39.51 -9.52
CA SER G 53 44.18 -40.27 -9.92
C SER G 53 43.00 -39.32 -9.93
N ALA G 54 42.68 -38.83 -11.13
CA ALA G 54 41.64 -37.85 -11.41
C ALA G 54 40.25 -38.45 -11.39
N SER G 55 40.04 -39.48 -10.56
CA SER G 55 38.70 -40.00 -10.38
C SER G 55 37.94 -39.31 -9.25
N PHE G 56 38.50 -38.29 -8.62
CA PHE G 56 37.84 -37.67 -7.49
C PHE G 56 36.88 -36.62 -8.03
N SER G 57 35.57 -36.78 -7.76
CA SER G 57 34.59 -35.82 -8.24
C SER G 57 34.45 -34.61 -7.31
N THR G 58 34.85 -34.74 -6.05
CA THR G 58 34.84 -33.66 -5.07
C THR G 58 36.27 -33.57 -4.53
N PHE G 59 36.76 -32.34 -4.32
CA PHE G 59 38.09 -32.17 -3.75
C PHE G 59 38.18 -30.74 -3.25
N LYS G 60 37.51 -30.41 -2.16
CA LYS G 60 37.52 -29.05 -1.62
C LYS G 60 38.44 -29.05 -0.41
N CYS G 61 39.11 -27.92 -0.18
CA CYS G 61 39.88 -27.72 1.05
C CYS G 61 39.42 -26.47 1.77
N TYR G 62 39.33 -26.56 3.09
CA TYR G 62 38.88 -25.45 3.91
C TYR G 62 40.06 -24.96 4.73
N GLY G 63 40.19 -23.65 4.87
CA GLY G 63 41.30 -23.08 5.60
C GLY G 63 42.63 -23.03 4.86
N VAL G 64 42.78 -23.76 3.76
CA VAL G 64 44.03 -23.81 3.03
C VAL G 64 43.73 -24.20 1.60
N SER G 65 44.64 -23.77 0.64
CA SER G 65 44.54 -24.00 -0.80
C SER G 65 45.14 -25.35 -1.17
N PRO G 66 44.40 -26.23 -1.86
CA PRO G 66 44.92 -27.56 -2.14
C PRO G 66 46.19 -27.54 -2.98
N THR G 67 46.53 -26.41 -3.60
CA THR G 67 47.77 -26.31 -4.34
C THR G 67 49.01 -26.19 -3.45
N LYS G 68 48.82 -25.74 -2.21
CA LYS G 68 49.88 -25.45 -1.26
C LYS G 68 50.11 -26.59 -0.27
N LEU G 69 49.64 -27.81 -0.57
CA LEU G 69 49.61 -28.85 0.45
C LEU G 69 51.00 -29.44 0.65
N ASN G 70 51.71 -29.73 -0.42
CA ASN G 70 53.05 -30.24 -0.32
C ASN G 70 54.04 -29.24 0.25
N ASP G 71 53.59 -28.09 0.75
CA ASP G 71 54.50 -27.03 1.19
C ASP G 71 54.22 -26.69 2.63
N LEU G 72 53.49 -27.53 3.35
CA LEU G 72 52.99 -27.18 4.67
C LEU G 72 53.27 -28.31 5.64
N CYS G 73 53.13 -27.98 6.93
CA CYS G 73 53.47 -28.86 8.04
C CYS G 73 52.39 -28.88 9.13
N PHE G 74 52.01 -30.10 9.53
CA PHE G 74 50.83 -30.41 10.33
C PHE G 74 51.23 -31.14 11.61
N THR G 75 50.42 -31.01 12.67
CA THR G 75 50.78 -31.65 13.95
C THR G 75 50.25 -33.09 13.95
N ASN G 76 48.93 -33.25 13.97
CA ASN G 76 48.35 -34.49 13.44
C ASN G 76 47.45 -34.22 12.25
N VAL G 77 47.33 -35.29 11.48
CA VAL G 77 46.39 -35.47 10.39
C VAL G 77 45.43 -36.59 10.80
N TYR G 78 44.16 -36.44 10.49
CA TYR G 78 43.26 -37.57 10.63
C TYR G 78 42.64 -37.85 9.28
N ALA G 79 42.34 -39.11 9.03
CA ALA G 79 41.79 -39.54 7.74
C ALA G 79 40.54 -40.35 8.04
N ASP G 80 39.40 -39.68 7.97
CA ASP G 80 38.10 -40.27 8.22
C ASP G 80 37.53 -40.75 6.89
N SER G 81 37.00 -41.96 6.85
CA SER G 81 36.49 -42.49 5.59
C SER G 81 35.18 -43.25 5.77
N PHE G 82 34.25 -43.10 4.82
CA PHE G 82 32.93 -43.73 4.92
C PHE G 82 32.19 -43.63 3.58
N VAL G 83 30.97 -44.19 3.56
CA VAL G 83 30.13 -44.27 2.37
C VAL G 83 28.78 -43.64 2.65
N ILE G 84 28.38 -42.77 1.75
CA ILE G 84 27.12 -42.03 1.67
C ILE G 84 26.66 -42.07 0.23
N ARG G 85 25.43 -41.63 -0.03
CA ARG G 85 24.93 -41.55 -1.40
C ARG G 85 25.19 -40.16 -1.97
N GLY G 86 25.34 -40.11 -3.29
CA GLY G 86 25.97 -38.97 -3.94
C GLY G 86 25.40 -37.64 -3.53
N ASP G 87 24.13 -37.47 -3.66
CA ASP G 87 23.67 -36.13 -3.38
C ASP G 87 23.67 -35.78 -1.88
N GLU G 88 24.34 -36.55 -1.00
CA GLU G 88 24.51 -36.15 0.39
C GLU G 88 25.88 -35.57 0.68
N VAL G 89 26.82 -35.71 -0.26
CA VAL G 89 28.20 -35.23 -0.09
C VAL G 89 28.24 -33.74 0.16
N ARG G 90 27.26 -32.99 -0.37
CA ARG G 90 27.27 -31.56 -0.17
C ARG G 90 27.19 -31.19 1.30
N GLN G 91 26.73 -32.12 2.16
CA GLN G 91 26.66 -31.99 3.62
C GLN G 91 28.00 -32.25 4.31
N ILE G 92 29.01 -32.74 3.60
CA ILE G 92 30.31 -32.89 4.22
C ILE G 92 31.12 -31.62 4.01
N ALA G 93 30.75 -30.59 4.75
CA ALA G 93 31.44 -29.32 4.74
C ALA G 93 31.10 -28.60 6.03
N PRO G 94 31.90 -27.62 6.44
CA PRO G 94 31.53 -26.83 7.61
C PRO G 94 30.14 -26.23 7.43
N GLY G 95 29.35 -26.26 8.50
CA GLY G 95 28.10 -25.49 8.46
C GLY G 95 26.95 -26.01 7.61
N GLN G 96 26.96 -27.27 7.18
CA GLN G 96 25.79 -27.86 6.55
C GLN G 96 24.81 -28.42 7.58
N THR G 97 23.65 -28.83 7.07
CA THR G 97 22.69 -29.63 7.84
C THR G 97 21.98 -30.61 6.91
N GLY G 98 21.35 -31.61 7.51
CA GLY G 98 20.80 -32.75 6.80
C GLY G 98 20.97 -33.97 7.68
N LYS G 99 20.46 -35.15 7.30
CA LYS G 99 20.58 -36.30 8.19
C LYS G 99 22.05 -36.60 8.49
N ILE G 100 22.91 -36.53 7.48
CA ILE G 100 24.32 -36.81 7.71
C ILE G 100 24.97 -35.74 8.55
N ALA G 101 24.83 -34.48 8.17
CA ALA G 101 25.56 -33.47 8.93
C ALA G 101 25.03 -33.30 10.35
N ASP G 102 23.88 -33.88 10.70
CA ASP G 102 23.35 -33.71 12.04
C ASP G 102 23.32 -34.99 12.84
N TYR G 103 23.11 -36.13 12.20
CA TYR G 103 22.95 -37.37 12.92
C TYR G 103 24.06 -38.39 12.65
N ASN G 104 25.03 -38.10 11.79
CA ASN G 104 26.04 -39.09 11.42
C ASN G 104 27.48 -38.60 11.48
N TYR G 105 27.80 -37.53 10.74
CA TYR G 105 29.18 -37.06 10.67
C TYR G 105 29.18 -35.55 10.50
N LYS G 106 29.68 -34.84 11.52
CA LYS G 106 29.57 -33.39 11.66
C LYS G 106 30.96 -32.76 11.76
N LEU G 107 31.38 -31.88 10.66
CA LEU G 107 32.65 -31.15 10.73
C LEU G 107 32.46 -29.83 11.47
N PRO G 108 33.44 -29.35 12.22
CA PRO G 108 33.28 -28.08 12.94
C PRO G 108 33.23 -26.91 11.97
N ASP G 109 32.94 -25.74 12.51
CA ASP G 109 32.76 -24.58 11.65
C ASP G 109 34.03 -23.80 11.37
N ASP G 110 35.10 -24.05 12.13
CA ASP G 110 36.40 -23.44 11.93
C ASP G 110 37.39 -24.46 11.38
N PHE G 111 36.85 -25.55 10.86
CA PHE G 111 37.53 -26.63 10.19
C PHE G 111 38.68 -26.18 9.30
N THR G 112 39.81 -26.86 9.43
CA THR G 112 40.92 -26.76 8.50
C THR G 112 41.12 -28.17 7.99
N GLY G 113 41.02 -28.38 6.69
CA GLY G 113 41.20 -29.70 6.14
C GLY G 113 40.62 -29.82 4.74
N CYS G 114 40.59 -31.05 4.24
CA CYS G 114 40.14 -31.31 2.88
C CYS G 114 39.12 -32.43 2.85
N VAL G 115 38.13 -32.29 1.97
CA VAL G 115 37.08 -33.28 1.77
C VAL G 115 37.24 -33.79 0.35
N ILE G 116 37.37 -35.10 0.20
CA ILE G 116 37.56 -35.73 -1.10
C ILE G 116 36.50 -36.80 -1.24
N ALA G 117 36.01 -37.00 -2.47
CA ALA G 117 35.01 -38.02 -2.69
C ALA G 117 35.21 -38.64 -4.06
N TRP G 118 34.71 -39.85 -4.21
CA TRP G 118 34.69 -40.48 -5.51
C TRP G 118 33.51 -41.43 -5.56
N ASN G 119 32.88 -41.47 -6.73
CA ASN G 119 31.80 -42.40 -7.01
C ASN G 119 32.28 -43.85 -6.87
N SER G 120 31.40 -44.73 -6.41
CA SER G 120 31.79 -46.14 -6.17
C SER G 120 30.70 -47.13 -6.56
N ASN G 121 29.84 -46.79 -7.51
CA ASN G 121 28.69 -47.65 -7.84
C ASN G 121 29.16 -48.98 -8.38
N ASN G 122 30.46 -49.17 -8.54
CA ASN G 122 30.90 -50.42 -9.21
C ASN G 122 31.41 -51.40 -8.18
N LEU G 123 31.39 -51.03 -6.91
CA LEU G 123 31.94 -51.91 -5.86
C LEU G 123 30.91 -52.02 -4.76
N ASP G 124 30.10 -51.00 -4.60
CA ASP G 124 29.17 -51.00 -3.47
C ASP G 124 27.75 -51.29 -3.94
N SER G 125 27.55 -51.49 -5.24
CA SER G 125 26.24 -51.81 -5.75
C SER G 125 26.19 -53.28 -6.09
N LYS G 126 25.13 -53.96 -5.67
CA LYS G 126 24.96 -55.36 -6.04
C LYS G 126 23.68 -55.45 -6.86
N VAL G 127 23.64 -56.37 -7.83
CA VAL G 127 22.40 -56.55 -8.56
C VAL G 127 21.37 -57.03 -7.56
N GLY G 128 20.27 -56.31 -7.46
CA GLY G 128 19.26 -56.56 -6.45
C GLY G 128 19.41 -55.61 -5.29
N GLY G 129 20.64 -55.33 -4.88
CA GLY G 129 20.84 -54.30 -3.88
C GLY G 129 21.74 -54.64 -2.71
N ASN G 130 22.75 -53.81 -2.49
CA ASN G 130 23.70 -54.02 -1.40
C ASN G 130 23.20 -53.19 -0.23
N TYR G 131 22.78 -53.87 0.82
CA TYR G 131 22.21 -53.24 2.00
C TYR G 131 23.17 -53.21 3.18
N ASN G 132 24.45 -53.50 2.92
CA ASN G 132 25.44 -53.52 4.00
C ASN G 132 25.71 -52.13 4.56
N TYR G 133 25.67 -51.10 3.73
CA TYR G 133 25.96 -49.75 4.17
C TYR G 133 24.71 -49.15 4.84
N LEU G 134 24.88 -48.55 6.02
CA LEU G 134 23.77 -48.04 6.83
C LEU G 134 24.00 -46.58 7.16
N TYR G 135 22.96 -45.96 7.74
CA TYR G 135 23.08 -44.62 8.30
C TYR G 135 22.09 -44.48 9.46
N ARG G 136 22.39 -43.55 10.35
CA ARG G 136 21.50 -43.18 11.44
C ARG G 136 20.49 -42.18 10.92
N LEU G 137 19.21 -42.42 11.24
CA LEU G 137 18.09 -41.59 10.81
C LEU G 137 17.47 -40.74 11.92
N PHE G 138 17.55 -41.19 13.19
CA PHE G 138 16.93 -40.50 14.32
C PHE G 138 17.93 -40.28 15.47
N ARG G 139 17.81 -39.13 16.15
CA ARG G 139 18.64 -38.89 17.32
C ARG G 139 17.97 -37.85 18.22
N LYS G 140 18.13 -38.05 19.55
CA LYS G 140 17.53 -37.15 20.53
C LYS G 140 18.09 -35.74 20.39
N SER G 141 19.32 -35.62 19.89
CA SER G 141 19.92 -34.32 19.60
C SER G 141 20.95 -34.50 18.49
N ASN G 142 21.49 -33.37 18.04
CA ASN G 142 22.50 -33.33 16.99
C ASN G 142 23.88 -33.66 17.54
N LEU G 143 24.70 -34.28 16.69
CA LEU G 143 26.07 -34.60 17.04
C LEU G 143 26.91 -33.35 17.27
N LYS G 144 27.88 -33.49 18.16
CA LYS G 144 28.97 -32.54 18.22
C LYS G 144 30.00 -32.85 17.14
N PRO G 145 30.85 -31.88 16.79
CA PRO G 145 31.84 -32.10 15.73
C PRO G 145 32.75 -33.28 16.03
N PHE G 146 32.88 -34.18 15.05
CA PHE G 146 33.71 -35.38 15.16
C PHE G 146 33.17 -36.35 16.22
N GLU G 147 31.86 -36.49 16.32
CA GLU G 147 31.29 -37.50 17.20
C GLU G 147 30.89 -38.73 16.38
N ARG G 148 31.19 -39.90 16.90
CA ARG G 148 30.80 -41.17 16.31
C ARG G 148 29.80 -41.79 17.27
N ASP G 149 28.60 -42.10 16.81
CA ASP G 149 27.58 -42.65 17.70
C ASP G 149 27.10 -43.96 17.12
N ILE G 150 27.45 -45.05 17.80
CA ILE G 150 27.10 -46.39 17.37
C ILE G 150 25.99 -47.01 18.21
N SER G 151 25.32 -46.25 19.08
CA SER G 151 24.25 -46.91 19.82
C SER G 151 23.08 -47.24 18.89
N THR G 152 22.43 -48.36 19.17
CA THR G 152 21.22 -48.75 18.47
C THR G 152 20.06 -48.84 19.45
N GLU G 153 20.12 -47.97 20.46
CA GLU G 153 19.01 -47.75 21.37
C GLU G 153 17.78 -47.48 20.53
N ILE G 154 16.69 -48.19 20.81
CA ILE G 154 15.48 -47.92 20.06
C ILE G 154 15.07 -46.48 20.31
N TYR G 155 14.75 -45.75 19.23
CA TYR G 155 14.49 -44.32 19.37
C TYR G 155 13.02 -44.13 19.65
N GLN G 156 12.75 -43.37 20.70
CA GLN G 156 11.40 -43.09 21.16
C GLN G 156 10.91 -41.83 20.46
N ALA G 157 10.17 -42.01 19.37
CA ALA G 157 9.57 -40.88 18.67
C ALA G 157 8.22 -40.46 19.25
N GLY G 158 7.74 -41.14 20.29
CA GLY G 158 6.48 -40.83 20.95
C GLY G 158 6.69 -40.57 22.44
N SER G 159 5.60 -40.58 23.21
CA SER G 159 5.68 -40.32 24.65
C SER G 159 5.69 -41.59 25.50
N THR G 160 5.25 -42.72 24.97
CA THR G 160 5.26 -43.99 25.67
C THR G 160 6.61 -44.71 25.51
N PRO G 161 7.36 -44.99 26.58
CA PRO G 161 8.67 -45.63 26.41
C PRO G 161 8.58 -46.99 25.72
N CYS G 162 9.71 -47.41 25.14
CA CYS G 162 9.69 -48.48 24.15
C CYS G 162 10.21 -49.80 24.68
N ASN G 163 11.05 -49.79 25.71
CA ASN G 163 11.51 -51.03 26.33
C ASN G 163 12.20 -51.96 25.32
N GLY G 164 12.95 -51.36 24.40
CA GLY G 164 13.73 -52.09 23.43
C GLY G 164 12.96 -52.85 22.38
N VAL G 165 11.74 -52.42 22.05
CA VAL G 165 10.93 -53.08 21.03
C VAL G 165 10.43 -52.08 20.00
N GLU G 166 10.42 -52.51 18.75
CA GLU G 166 9.85 -51.78 17.64
C GLU G 166 8.36 -51.59 17.88
N GLY G 167 7.75 -50.63 17.17
CA GLY G 167 6.31 -50.53 17.24
C GLY G 167 5.81 -49.24 16.64
N PHE G 168 4.59 -48.86 17.02
CA PHE G 168 4.06 -47.58 16.61
C PHE G 168 4.80 -46.48 17.36
N ASN G 169 5.43 -45.56 16.63
CA ASN G 169 6.21 -44.48 17.25
C ASN G 169 7.37 -45.01 18.08
N CYS G 170 7.95 -46.15 17.68
CA CYS G 170 9.15 -46.73 18.29
C CYS G 170 10.02 -47.30 17.17
N TYR G 171 11.07 -46.57 16.83
CA TYR G 171 11.78 -46.85 15.60
C TYR G 171 13.22 -47.26 15.88
N PHE G 172 13.68 -48.25 15.12
CA PHE G 172 15.11 -48.57 15.07
C PHE G 172 15.86 -47.37 14.49
N PRO G 173 16.92 -46.87 15.15
CA PRO G 173 17.49 -45.59 14.71
C PRO G 173 18.29 -45.73 13.43
N LEU G 174 18.80 -46.91 13.12
CA LEU G 174 19.63 -47.09 11.93
C LEU G 174 18.78 -47.62 10.78
N GLN G 175 19.02 -47.07 9.60
CA GLN G 175 18.26 -47.47 8.42
C GLN G 175 19.28 -47.81 7.34
N SER G 176 18.84 -48.53 6.33
CA SER G 176 19.76 -49.05 5.35
C SER G 176 19.70 -48.26 4.04
N TYR G 177 20.82 -48.27 3.33
CA TYR G 177 20.98 -47.76 1.97
C TYR G 177 20.70 -48.88 0.98
N GLY G 178 20.14 -48.51 -0.17
CA GLY G 178 19.82 -49.48 -1.21
C GLY G 178 20.98 -49.86 -2.11
N PHE G 179 21.46 -48.91 -2.91
CA PHE G 179 22.64 -49.11 -3.75
C PHE G 179 22.49 -50.30 -4.71
N GLN G 180 21.66 -50.09 -5.74
CA GLN G 180 21.67 -50.89 -6.95
C GLN G 180 22.50 -50.19 -8.01
N PRO G 181 23.03 -50.93 -9.00
CA PRO G 181 23.82 -50.26 -10.05
C PRO G 181 22.98 -49.38 -10.92
N THR G 182 21.68 -49.64 -10.96
CA THR G 182 20.68 -48.94 -11.75
C THR G 182 20.11 -47.72 -11.05
N ASN G 183 20.72 -47.24 -9.99
CA ASN G 183 20.09 -46.13 -9.28
C ASN G 183 20.43 -44.82 -9.99
N GLY G 184 19.67 -43.78 -9.65
CA GLY G 184 20.01 -42.45 -10.13
C GLY G 184 21.42 -42.07 -9.75
N VAL G 185 21.96 -41.07 -10.45
CA VAL G 185 23.36 -40.75 -10.22
C VAL G 185 23.55 -40.24 -8.78
N GLY G 186 22.58 -39.49 -8.27
CA GLY G 186 22.65 -38.92 -6.95
C GLY G 186 22.22 -39.84 -5.84
N TYR G 187 21.70 -41.02 -6.15
CA TYR G 187 21.42 -42.09 -5.18
C TYR G 187 22.41 -43.23 -5.27
N GLN G 188 23.61 -43.01 -5.87
CA GLN G 188 24.63 -44.04 -5.99
C GLN G 188 25.58 -43.94 -4.82
N PRO G 189 26.39 -44.97 -4.53
CA PRO G 189 27.32 -44.89 -3.40
C PRO G 189 28.58 -44.11 -3.75
N TYR G 190 28.96 -43.22 -2.84
CA TYR G 190 30.18 -42.44 -2.92
C TYR G 190 31.05 -42.72 -1.71
N ARG G 191 32.35 -42.93 -1.95
CA ARG G 191 33.34 -43.07 -0.90
C ARG G 191 34.01 -41.74 -0.64
N VAL G 192 33.99 -41.31 0.63
CA VAL G 192 34.46 -40.00 1.04
C VAL G 192 35.61 -40.16 2.04
N VAL G 193 36.61 -39.28 1.93
CA VAL G 193 37.73 -39.21 2.87
C VAL G 193 37.92 -37.77 3.29
N VAL G 194 37.95 -37.53 4.60
CA VAL G 194 38.03 -36.19 5.17
C VAL G 194 39.35 -36.08 5.93
N LEU G 195 40.26 -35.26 5.41
CA LEU G 195 41.58 -35.02 5.99
C LEU G 195 41.52 -33.87 6.96
N SER G 196 41.71 -34.19 8.24
CA SER G 196 41.68 -33.17 9.29
C SER G 196 43.11 -32.71 9.49
N PHE G 197 43.36 -31.45 9.22
CA PHE G 197 44.72 -30.90 9.32
C PHE G 197 44.77 -30.13 10.62
N GLU G 198 45.98 -29.83 11.07
CA GLU G 198 46.14 -29.14 12.35
C GLU G 198 47.44 -28.33 12.32
N LEU G 199 47.39 -27.10 11.80
CA LEU G 199 48.60 -26.24 11.85
C LEU G 199 48.74 -25.67 13.26
N PRO G 203 54.52 -28.88 17.93
CA PRO G 203 55.44 -29.84 17.28
C PRO G 203 55.03 -30.08 15.83
N ALA G 204 55.92 -30.36 14.89
CA ALA G 204 55.47 -30.61 13.52
C ALA G 204 55.84 -32.04 13.16
N THR G 205 54.83 -32.93 13.08
CA THR G 205 55.12 -34.34 12.91
C THR G 205 54.77 -34.88 11.51
N VAL G 206 54.08 -34.10 10.69
CA VAL G 206 53.66 -34.53 9.35
C VAL G 206 53.96 -33.39 8.40
N CYS G 207 54.78 -33.66 7.38
CA CYS G 207 55.13 -32.63 6.41
C CYS G 207 55.15 -33.20 5.01
N GLY G 208 54.90 -32.32 4.04
CA GLY G 208 55.08 -32.66 2.66
C GLY G 208 56.55 -32.58 2.30
N PRO G 209 56.87 -32.97 1.06
CA PRO G 209 58.25 -33.04 0.55
C PRO G 209 59.17 -31.80 0.73
N LEU H 17 -20.03 -1.55 -38.74
CA LEU H 17 -19.98 -2.36 -37.51
C LEU H 17 -18.70 -2.43 -36.77
N CYS H 18 -18.83 -2.83 -35.50
CA CYS H 18 -17.73 -3.25 -34.62
C CYS H 18 -17.42 -4.74 -34.84
N PRO H 19 -16.10 -5.10 -34.89
CA PRO H 19 -15.68 -6.42 -35.38
C PRO H 19 -15.70 -7.55 -34.35
N PHE H 20 -16.82 -7.72 -33.64
CA PHE H 20 -16.87 -8.82 -32.67
C PHE H 20 -16.62 -10.18 -33.34
N GLY H 21 -16.97 -10.33 -34.63
CA GLY H 21 -16.75 -11.61 -35.29
C GLY H 21 -15.31 -12.06 -35.25
N GLU H 22 -14.38 -11.12 -35.54
CA GLU H 22 -12.94 -11.38 -35.52
C GLU H 22 -12.44 -11.70 -34.12
N VAL H 23 -13.16 -11.27 -33.09
CA VAL H 23 -12.75 -11.51 -31.71
C VAL H 23 -13.15 -12.90 -31.24
N PHE H 24 -14.42 -13.26 -31.41
CA PHE H 24 -14.94 -14.49 -30.82
C PHE H 24 -14.72 -15.70 -31.73
N ASN H 25 -15.13 -15.60 -32.98
CA ASN H 25 -14.95 -16.70 -33.91
C ASN H 25 -13.51 -16.82 -34.41
N ALA H 26 -12.58 -16.00 -33.89
CA ALA H 26 -11.16 -16.10 -34.21
C ALA H 26 -10.66 -17.53 -34.05
N THR H 27 -9.90 -18.00 -35.04
CA THR H 27 -9.46 -19.40 -35.05
C THR H 27 -8.41 -19.72 -33.97
N ARG H 28 -7.44 -18.85 -33.72
CA ARG H 28 -6.52 -19.05 -32.59
C ARG H 28 -6.60 -17.97 -31.53
N PHE H 29 -6.38 -18.39 -30.27
CA PHE H 29 -6.30 -17.51 -29.12
C PHE H 29 -4.94 -17.58 -28.44
N ALA H 30 -4.71 -16.57 -27.60
CA ALA H 30 -3.45 -16.41 -26.89
C ALA H 30 -3.44 -17.28 -25.64
N SER H 31 -2.24 -17.66 -25.22
CA SER H 31 -2.09 -18.20 -23.88
C SER H 31 -2.34 -17.10 -22.87
N VAL H 32 -2.81 -17.48 -21.68
CA VAL H 32 -3.34 -16.45 -20.78
C VAL H 32 -2.25 -15.50 -20.33
N TYR H 33 -1.00 -15.98 -20.15
CA TYR H 33 0.11 -15.10 -19.79
C TYR H 33 0.37 -14.01 -20.84
N ALA H 34 0.13 -14.31 -22.13
CA ALA H 34 0.29 -13.36 -23.24
C ALA H 34 -1.03 -12.93 -23.83
N TRP H 35 -1.97 -12.55 -22.97
CA TRP H 35 -3.31 -12.22 -23.43
C TRP H 35 -3.27 -11.10 -24.43
N ASN H 36 -4.18 -11.18 -25.41
CA ASN H 36 -4.27 -10.30 -26.55
C ASN H 36 -5.33 -9.21 -26.33
N ARG H 37 -5.04 -7.99 -26.77
CA ARG H 37 -5.96 -6.86 -26.63
C ARG H 37 -6.27 -6.27 -28.00
N LYS H 38 -7.54 -5.94 -28.24
CA LYS H 38 -7.90 -5.16 -29.42
C LYS H 38 -8.70 -3.94 -29.05
N ARG H 39 -8.23 -2.77 -29.49
CA ARG H 39 -8.96 -1.53 -29.34
C ARG H 39 -10.20 -1.60 -30.24
N ILE H 40 -11.30 -0.99 -29.79
CA ILE H 40 -12.53 -0.89 -30.57
C ILE H 40 -13.04 0.54 -30.51
N SER H 41 -13.16 1.17 -31.68
CA SER H 41 -13.65 2.54 -31.74
C SER H 41 -14.23 2.79 -33.12
N ASN H 42 -15.09 3.81 -33.20
CA ASN H 42 -15.70 4.30 -34.44
C ASN H 42 -16.35 3.16 -35.21
N CYS H 43 -17.41 2.64 -34.61
CA CYS H 43 -18.26 1.59 -35.19
C CYS H 43 -19.46 1.36 -34.29
N VAL H 44 -20.34 0.48 -34.76
CA VAL H 44 -21.60 0.16 -34.09
C VAL H 44 -21.48 -1.23 -33.46
N ALA H 45 -21.69 -1.30 -32.14
CA ALA H 45 -21.47 -2.52 -31.37
C ALA H 45 -22.76 -3.31 -31.35
N ASP H 46 -22.78 -4.46 -32.03
CA ASP H 46 -24.00 -5.27 -32.14
C ASP H 46 -23.97 -6.52 -31.25
N TYR H 47 -24.46 -6.36 -30.02
CA TYR H 47 -24.46 -7.43 -29.04
C TYR H 47 -25.51 -8.49 -29.34
N SER H 48 -26.51 -8.17 -30.16
CA SER H 48 -27.53 -9.17 -30.44
C SER H 48 -26.92 -10.46 -30.98
N VAL H 49 -25.76 -10.36 -31.64
CA VAL H 49 -25.09 -11.54 -32.17
C VAL H 49 -24.50 -12.39 -31.05
N LEU H 50 -24.25 -11.75 -29.90
CA LEU H 50 -23.69 -12.50 -28.75
C LEU H 50 -24.87 -13.12 -28.03
N TYR H 51 -25.85 -12.29 -27.69
CA TYR H 51 -27.02 -12.78 -26.95
C TYR H 51 -27.50 -14.09 -27.58
N ASN H 52 -27.72 -14.09 -28.88
CA ASN H 52 -28.33 -15.28 -29.51
C ASN H 52 -27.56 -16.56 -29.21
N SER H 53 -26.24 -16.49 -29.07
CA SER H 53 -25.49 -17.76 -28.89
C SER H 53 -25.68 -18.28 -27.48
N ALA H 54 -26.48 -19.33 -27.32
CA ALA H 54 -26.61 -19.92 -25.98
C ALA H 54 -25.49 -20.92 -25.83
N SER H 55 -24.41 -20.69 -26.54
CA SER H 55 -23.22 -21.55 -26.38
C SER H 55 -22.26 -20.92 -25.37
N PHE H 56 -22.60 -19.78 -24.78
CA PHE H 56 -21.60 -19.15 -23.91
C PHE H 56 -21.87 -19.61 -22.48
N SER H 57 -20.85 -20.19 -21.82
CA SER H 57 -21.05 -20.67 -20.46
C SER H 57 -20.99 -19.56 -19.43
N THR H 58 -20.37 -18.42 -19.75
CA THR H 58 -20.28 -17.27 -18.85
C THR H 58 -20.72 -15.99 -19.56
N PHE H 59 -21.43 -15.09 -18.85
CA PHE H 59 -21.71 -13.82 -19.50
C PHE H 59 -22.12 -12.78 -18.44
N LYS H 60 -21.19 -12.30 -17.61
CA LYS H 60 -21.50 -11.34 -16.55
C LYS H 60 -21.06 -9.94 -16.96
N CYS H 61 -21.82 -8.92 -16.54
CA CYS H 61 -21.40 -7.54 -16.80
C CYS H 61 -21.31 -6.74 -15.51
N TYR H 62 -20.27 -5.93 -15.43
CA TYR H 62 -19.99 -5.12 -14.27
C TYR H 62 -20.23 -3.66 -14.61
N GLY H 63 -20.89 -2.93 -13.71
CA GLY H 63 -21.24 -1.55 -13.96
C GLY H 63 -22.47 -1.36 -14.83
N VAL H 64 -22.97 -2.41 -15.48
CA VAL H 64 -24.07 -2.26 -16.43
C VAL H 64 -24.77 -3.59 -16.57
N SER H 65 -26.02 -3.54 -16.81
CA SER H 65 -26.75 -4.78 -16.94
C SER H 65 -26.65 -5.27 -18.37
N PRO H 66 -26.30 -6.53 -18.60
CA PRO H 66 -26.07 -7.00 -19.96
C PRO H 66 -27.27 -6.85 -20.88
N THR H 67 -28.47 -6.62 -20.34
CA THR H 67 -29.66 -6.42 -21.16
C THR H 67 -29.71 -5.05 -21.80
N LYS H 68 -29.00 -4.08 -21.22
CA LYS H 68 -29.05 -2.69 -21.62
C LYS H 68 -27.88 -2.33 -22.56
N LEU H 69 -27.25 -3.33 -23.18
CA LEU H 69 -25.98 -3.12 -23.88
C LEU H 69 -26.18 -2.47 -25.24
N ASN H 70 -27.19 -2.95 -26.04
CA ASN H 70 -27.52 -2.40 -27.38
C ASN H 70 -28.11 -0.97 -27.34
N ASP H 71 -28.08 -0.37 -26.16
CA ASP H 71 -28.84 0.83 -25.84
C ASP H 71 -27.95 1.90 -25.24
N LEU H 72 -26.64 1.76 -25.42
CA LEU H 72 -25.65 2.46 -24.60
C LEU H 72 -24.55 3.05 -25.48
N CYS H 73 -23.73 3.90 -24.87
CA CYS H 73 -22.61 4.52 -25.57
C CYS H 73 -21.32 4.34 -24.77
N PHE H 74 -20.30 3.85 -25.46
CA PHE H 74 -19.13 3.30 -24.82
C PHE H 74 -17.94 4.14 -25.24
N THR H 75 -17.00 4.36 -24.33
CA THR H 75 -15.92 5.26 -24.69
C THR H 75 -14.69 4.53 -25.18
N ASN H 76 -14.04 3.85 -24.24
CA ASN H 76 -12.78 3.24 -24.48
C ASN H 76 -12.94 1.72 -24.51
N VAL H 77 -13.53 1.23 -25.59
CA VAL H 77 -13.75 -0.22 -25.68
C VAL H 77 -12.44 -0.93 -25.96
N TYR H 78 -12.19 -2.00 -25.20
CA TYR H 78 -11.12 -2.96 -25.46
C TYR H 78 -11.69 -4.36 -25.36
N ALA H 79 -11.13 -5.31 -26.11
CA ALA H 79 -11.59 -6.69 -26.06
C ALA H 79 -10.38 -7.60 -25.89
N ASP H 80 -10.17 -8.06 -24.65
CA ASP H 80 -9.06 -8.92 -24.26
C ASP H 80 -9.43 -10.38 -24.44
N SER H 81 -8.54 -11.19 -24.99
CA SER H 81 -8.91 -12.58 -25.18
C SER H 81 -7.72 -13.50 -24.86
N PHE H 82 -8.03 -14.68 -24.34
CA PHE H 82 -7.05 -15.68 -23.89
C PHE H 82 -7.75 -17.01 -23.62
N VAL H 83 -6.97 -18.03 -23.24
CA VAL H 83 -7.48 -19.37 -22.93
C VAL H 83 -6.94 -19.84 -21.58
N ILE H 84 -7.84 -20.33 -20.73
CA ILE H 84 -7.57 -20.91 -19.42
C ILE H 84 -8.39 -22.20 -19.32
N ARG H 85 -8.22 -22.94 -18.23
CA ARG H 85 -9.03 -24.13 -17.96
C ARG H 85 -10.23 -23.73 -17.10
N GLY H 86 -11.32 -24.51 -17.23
CA GLY H 86 -12.64 -24.09 -16.76
C GLY H 86 -12.70 -23.62 -15.31
N ASP H 87 -12.24 -24.47 -14.36
CA ASP H 87 -12.51 -24.05 -12.95
C ASP H 87 -11.59 -22.84 -12.44
N GLU H 88 -10.95 -22.19 -13.43
CA GLU H 88 -10.20 -20.95 -13.26
C GLU H 88 -10.95 -19.72 -13.77
N VAL H 89 -12.04 -19.91 -14.53
CA VAL H 89 -12.75 -18.76 -15.11
C VAL H 89 -13.24 -17.82 -14.03
N ARG H 90 -13.62 -18.37 -12.87
CA ARG H 90 -14.08 -17.54 -11.75
C ARG H 90 -13.02 -16.54 -11.30
N GLN H 91 -11.76 -16.68 -11.69
CA GLN H 91 -10.77 -15.66 -11.34
C GLN H 91 -10.82 -14.45 -12.28
N ILE H 92 -11.64 -14.51 -13.32
CA ILE H 92 -11.78 -13.37 -14.21
C ILE H 92 -12.88 -12.44 -13.74
N ALA H 93 -12.63 -11.71 -12.65
CA ALA H 93 -13.56 -10.74 -12.11
C ALA H 93 -12.79 -9.84 -11.17
N PRO H 94 -13.34 -8.68 -10.82
CA PRO H 94 -12.68 -7.84 -9.82
C PRO H 94 -12.46 -8.59 -8.50
N GLY H 95 -11.35 -8.25 -7.85
CA GLY H 95 -11.21 -8.68 -6.49
C GLY H 95 -10.97 -10.16 -6.27
N GLN H 96 -10.61 -10.91 -7.30
CA GLN H 96 -10.22 -12.30 -7.15
C GLN H 96 -8.73 -12.45 -6.84
N THR H 97 -8.35 -13.68 -6.45
CA THR H 97 -6.96 -14.08 -6.36
C THR H 97 -6.87 -15.55 -6.74
N GLY H 98 -5.65 -16.00 -7.01
CA GLY H 98 -5.40 -17.32 -7.60
C GLY H 98 -4.27 -17.18 -8.61
N LYS H 99 -3.83 -18.27 -9.24
CA LYS H 99 -2.74 -18.14 -10.21
C LYS H 99 -3.07 -17.18 -11.33
N ILE H 100 -4.29 -17.28 -11.89
CA ILE H 100 -4.66 -16.43 -13.02
C ILE H 100 -4.82 -14.99 -12.59
N ALA H 101 -5.62 -14.74 -11.58
CA ALA H 101 -5.85 -13.35 -11.23
C ALA H 101 -4.61 -12.68 -10.63
N ASP H 102 -3.55 -13.41 -10.31
CA ASP H 102 -2.39 -12.73 -9.75
C ASP H 102 -1.16 -12.77 -10.64
N TYR H 103 -1.00 -13.82 -11.43
CA TYR H 103 0.21 -13.94 -12.24
C TYR H 103 -0.07 -13.86 -13.74
N ASN H 104 -1.31 -13.70 -14.17
CA ASN H 104 -1.62 -13.70 -15.60
C ASN H 104 -2.48 -12.52 -16.09
N TYR H 105 -3.71 -12.35 -15.59
CA TYR H 105 -4.63 -11.31 -16.07
C TYR H 105 -5.47 -10.84 -14.86
N LYS H 106 -5.29 -9.59 -14.43
CA LYS H 106 -5.80 -9.06 -13.17
C LYS H 106 -6.72 -7.90 -13.48
N LEU H 107 -8.07 -8.07 -13.26
CA LEU H 107 -9.04 -7.00 -13.52
C LEU H 107 -9.05 -6.03 -12.35
N PRO H 108 -9.24 -4.76 -12.62
CA PRO H 108 -9.21 -3.76 -11.53
C PRO H 108 -10.38 -3.90 -10.57
N ASP H 109 -10.38 -3.09 -9.52
CA ASP H 109 -11.47 -3.24 -8.57
C ASP H 109 -12.70 -2.44 -8.95
N ASP H 110 -12.59 -1.52 -9.92
CA ASP H 110 -13.75 -0.77 -10.39
C ASP H 110 -14.15 -1.15 -11.81
N PHE H 111 -13.66 -2.28 -12.31
CA PHE H 111 -13.95 -2.79 -13.66
C PHE H 111 -15.38 -2.54 -14.10
N THR H 112 -15.51 -1.97 -15.29
CA THR H 112 -16.77 -1.79 -15.99
C THR H 112 -16.63 -2.50 -17.31
N GLY H 113 -17.45 -3.50 -17.56
CA GLY H 113 -17.35 -4.23 -18.81
C GLY H 113 -17.97 -5.60 -18.68
N CYS H 114 -17.72 -6.44 -19.67
CA CYS H 114 -18.37 -7.74 -19.67
C CYS H 114 -17.34 -8.85 -19.82
N VAL H 115 -17.56 -9.96 -19.12
CA VAL H 115 -16.70 -11.11 -19.19
C VAL H 115 -17.50 -12.25 -19.78
N ILE H 116 -17.05 -12.78 -20.91
CA ILE H 116 -17.71 -13.86 -21.61
C ILE H 116 -16.71 -14.98 -21.84
N ALA H 117 -17.15 -16.21 -21.61
CA ALA H 117 -16.29 -17.39 -21.74
C ALA H 117 -17.13 -18.55 -22.25
N TRP H 118 -16.49 -19.49 -22.93
CA TRP H 118 -17.20 -20.67 -23.39
C TRP H 118 -16.26 -21.85 -23.51
N ASN H 119 -16.79 -23.01 -23.13
CA ASN H 119 -16.04 -24.24 -23.26
C ASN H 119 -15.68 -24.45 -24.73
N SER H 120 -14.43 -24.89 -24.95
CA SER H 120 -13.86 -25.08 -26.31
C SER H 120 -12.95 -26.31 -26.37
N ASN H 121 -13.31 -27.40 -25.72
CA ASN H 121 -12.50 -28.64 -25.79
C ASN H 121 -12.63 -29.16 -27.21
N ASN H 122 -13.50 -28.54 -27.97
CA ASN H 122 -13.75 -29.02 -29.35
C ASN H 122 -12.65 -28.50 -30.25
N LEU H 123 -12.05 -27.36 -29.93
CA LEU H 123 -11.08 -26.76 -30.86
C LEU H 123 -9.70 -26.68 -30.24
N ASP H 124 -9.62 -26.63 -28.92
CA ASP H 124 -8.32 -26.43 -28.30
C ASP H 124 -7.83 -27.67 -27.58
N SER H 125 -8.59 -28.76 -27.64
CA SER H 125 -8.14 -30.04 -27.11
C SER H 125 -7.73 -30.93 -28.26
N LYS H 126 -6.56 -31.55 -28.13
CA LYS H 126 -6.01 -32.37 -29.19
C LYS H 126 -5.88 -33.80 -28.69
N VAL H 127 -5.94 -34.75 -29.64
CA VAL H 127 -5.84 -36.15 -29.29
C VAL H 127 -4.47 -36.37 -28.62
N GLY H 128 -4.50 -36.86 -27.37
CA GLY H 128 -3.24 -37.02 -26.64
C GLY H 128 -2.88 -35.88 -25.72
N GLY H 129 -3.13 -34.65 -26.17
CA GLY H 129 -2.90 -33.49 -25.31
C GLY H 129 -2.24 -32.31 -25.98
N ASN H 130 -2.89 -31.15 -25.87
CA ASN H 130 -2.44 -29.89 -26.46
C ASN H 130 -1.67 -29.05 -25.45
N TYR H 131 -0.38 -28.83 -25.71
CA TYR H 131 0.48 -28.10 -24.80
C TYR H 131 0.81 -26.68 -25.24
N ASN H 132 0.20 -26.18 -26.32
CA ASN H 132 0.54 -24.82 -26.74
C ASN H 132 0.13 -23.77 -25.73
N TYR H 133 -0.96 -24.02 -25.02
CA TYR H 133 -1.49 -23.03 -24.09
C TYR H 133 -0.74 -23.07 -22.74
N LEU H 134 -0.29 -21.91 -22.29
CA LEU H 134 0.62 -21.80 -21.17
C LEU H 134 0.01 -20.87 -20.14
N TYR H 135 0.63 -20.83 -18.97
CA TYR H 135 0.30 -19.85 -17.94
C TYR H 135 1.53 -19.66 -17.06
N ARG H 136 1.63 -18.49 -16.43
CA ARG H 136 2.71 -18.24 -15.50
C ARG H 136 2.37 -18.85 -14.15
N LEU H 137 3.30 -19.57 -13.56
CA LEU H 137 3.03 -20.20 -12.27
C LEU H 137 3.67 -19.45 -11.12
N PHE H 138 4.78 -18.75 -11.35
CA PHE H 138 5.50 -18.05 -10.30
C PHE H 138 5.70 -16.60 -10.70
N ARG H 139 5.67 -15.73 -9.70
CA ARG H 139 6.04 -14.36 -9.99
C ARG H 139 6.39 -13.70 -8.68
N LYS H 140 7.43 -12.89 -8.72
CA LYS H 140 7.98 -12.21 -7.55
C LYS H 140 6.98 -11.24 -6.95
N SER H 141 6.02 -10.74 -7.71
CA SER H 141 4.95 -9.94 -7.16
C SER H 141 3.72 -10.11 -8.02
N ASN H 142 2.63 -9.51 -7.54
CA ASN H 142 1.34 -9.58 -8.19
C ASN H 142 1.25 -8.61 -9.36
N LEU H 143 0.50 -9.00 -10.39
CA LEU H 143 0.28 -8.13 -11.54
C LEU H 143 -0.46 -6.88 -11.10
N LYS H 144 -0.15 -5.76 -11.74
CA LYS H 144 -1.04 -4.61 -11.60
C LYS H 144 -2.22 -4.75 -12.55
N PRO H 145 -3.29 -3.98 -12.32
CA PRO H 145 -4.48 -4.09 -13.18
C PRO H 145 -4.13 -3.93 -14.65
N PHE H 146 -4.52 -4.91 -15.47
CA PHE H 146 -4.32 -4.85 -16.91
C PHE H 146 -2.81 -4.82 -17.28
N GLU H 147 -2.00 -5.58 -16.55
CA GLU H 147 -0.60 -5.71 -16.90
C GLU H 147 -0.39 -7.02 -17.65
N ARG H 148 0.39 -6.94 -18.70
CA ARG H 148 0.76 -8.09 -19.50
C ARG H 148 2.25 -8.34 -19.30
N ASP H 149 2.60 -9.56 -18.91
CA ASP H 149 3.98 -9.87 -18.63
C ASP H 149 4.38 -11.14 -19.36
N ILE H 150 5.25 -11.03 -20.36
CA ILE H 150 5.69 -12.17 -21.16
C ILE H 150 7.14 -12.60 -20.86
N SER H 151 7.73 -12.10 -19.78
CA SER H 151 9.13 -12.42 -19.47
C SER H 151 9.33 -13.90 -19.13
N THR H 152 10.54 -14.38 -19.36
CA THR H 152 10.95 -15.73 -18.99
C THR H 152 12.15 -15.75 -18.06
N GLU H 153 12.28 -14.76 -17.18
CA GLU H 153 13.22 -14.82 -16.08
C GLU H 153 13.03 -16.11 -15.31
N ILE H 154 14.12 -16.84 -15.07
CA ILE H 154 13.98 -17.99 -14.18
C ILE H 154 13.56 -17.49 -12.80
N TYR H 155 12.64 -18.20 -12.16
CA TYR H 155 12.08 -17.71 -10.92
C TYR H 155 12.94 -18.15 -9.76
N GLN H 156 13.35 -17.18 -8.94
CA GLN H 156 14.17 -17.47 -7.77
C GLN H 156 13.25 -17.80 -6.61
N ALA H 157 12.93 -19.08 -6.50
CA ALA H 157 12.16 -19.60 -5.39
C ALA H 157 13.02 -19.98 -4.21
N GLY H 158 14.34 -19.76 -4.28
CA GLY H 158 15.19 -20.12 -3.18
C GLY H 158 15.94 -18.94 -2.60
N SER H 159 16.90 -19.22 -1.73
CA SER H 159 17.58 -18.13 -1.05
C SER H 159 18.90 -17.74 -1.72
N THR H 160 19.51 -18.65 -2.48
CA THR H 160 20.70 -18.61 -3.33
C THR H 160 20.30 -18.19 -4.75
N PRO H 161 21.00 -17.22 -5.38
CA PRO H 161 20.59 -16.75 -6.72
C PRO H 161 20.62 -17.86 -7.77
N CYS H 162 20.03 -17.56 -8.95
CA CYS H 162 19.88 -18.60 -9.97
C CYS H 162 20.81 -18.49 -11.16
N ASN H 163 21.31 -17.29 -11.50
CA ASN H 163 22.21 -17.13 -12.65
C ASN H 163 21.60 -17.64 -13.94
N GLY H 164 20.28 -17.56 -14.07
CA GLY H 164 19.66 -17.99 -15.30
C GLY H 164 19.80 -19.48 -15.60
N VAL H 165 19.96 -20.33 -14.58
CA VAL H 165 20.09 -21.76 -14.80
C VAL H 165 19.01 -22.48 -14.01
N GLU H 166 18.33 -23.41 -14.67
CA GLU H 166 17.19 -24.12 -14.10
C GLU H 166 17.67 -25.14 -13.07
N GLY H 167 16.84 -25.41 -12.06
CA GLY H 167 17.21 -26.42 -11.08
C GLY H 167 16.33 -26.37 -9.84
N PHE H 168 16.87 -26.89 -8.73
CA PHE H 168 16.18 -26.84 -7.44
C PHE H 168 16.13 -25.42 -6.89
N ASN H 169 14.91 -24.93 -6.60
CA ASN H 169 14.62 -23.54 -6.21
C ASN H 169 14.99 -22.54 -7.30
N CYS H 170 14.94 -22.99 -8.57
CA CYS H 170 15.13 -22.14 -9.76
C CYS H 170 14.23 -22.67 -10.86
N TYR H 171 13.08 -22.02 -11.06
CA TYR H 171 12.03 -22.61 -11.88
C TYR H 171 11.77 -21.77 -13.11
N PHE H 172 11.53 -22.44 -14.23
CA PHE H 172 10.98 -21.77 -15.39
C PHE H 172 9.58 -21.28 -15.04
N PRO H 173 9.27 -19.99 -15.20
CA PRO H 173 8.02 -19.47 -14.65
C PRO H 173 6.78 -19.92 -15.41
N LEU H 174 6.89 -20.29 -16.68
CA LEU H 174 5.70 -20.62 -17.45
C LEU H 174 5.52 -22.13 -17.51
N GLN H 175 4.27 -22.56 -17.44
CA GLN H 175 3.92 -23.97 -17.42
C GLN H 175 2.84 -24.24 -18.46
N SER H 176 2.66 -25.50 -18.84
CA SER H 176 1.74 -25.86 -19.90
C SER H 176 0.44 -26.45 -19.33
N TYR H 177 -0.66 -26.25 -20.05
CA TYR H 177 -1.93 -26.92 -19.74
C TYR H 177 -2.01 -28.23 -20.50
N GLY H 178 -2.40 -29.31 -19.82
CA GLY H 178 -2.52 -30.61 -20.50
C GLY H 178 -3.92 -30.85 -20.99
N PHE H 179 -4.22 -30.44 -22.22
CA PHE H 179 -5.62 -30.54 -22.68
C PHE H 179 -5.85 -31.78 -23.46
N GLN H 180 -6.15 -32.82 -22.71
CA GLN H 180 -6.53 -34.04 -23.39
C GLN H 180 -8.02 -33.89 -23.62
N PRO H 181 -8.56 -34.47 -24.69
CA PRO H 181 -10.01 -34.47 -24.97
C PRO H 181 -10.78 -35.19 -23.91
N THR H 182 -10.09 -36.06 -23.18
CA THR H 182 -10.61 -36.87 -22.12
C THR H 182 -10.61 -36.15 -20.77
N ASN H 183 -10.47 -34.82 -20.75
CA ASN H 183 -10.37 -34.13 -19.49
C ASN H 183 -11.76 -33.90 -18.84
N GLY H 184 -11.72 -33.66 -17.53
CA GLY H 184 -12.90 -33.35 -16.71
C GLY H 184 -13.71 -32.15 -17.14
N VAL H 185 -14.87 -32.01 -16.49
CA VAL H 185 -15.73 -30.87 -16.83
C VAL H 185 -14.97 -29.58 -16.51
N GLY H 186 -14.20 -29.58 -15.40
CA GLY H 186 -13.39 -28.46 -14.96
C GLY H 186 -11.94 -28.35 -15.44
N TYR H 187 -11.36 -29.37 -16.10
CA TYR H 187 -10.00 -29.29 -16.62
C TYR H 187 -9.94 -29.08 -18.14
N GLN H 188 -11.01 -28.61 -18.75
CA GLN H 188 -11.10 -28.42 -20.17
C GLN H 188 -10.74 -26.98 -20.53
N PRO H 189 -10.41 -26.72 -21.79
CA PRO H 189 -10.03 -25.37 -22.18
C PRO H 189 -11.24 -24.48 -22.35
N TYR H 190 -11.12 -23.25 -21.83
CA TYR H 190 -12.12 -22.21 -22.00
C TYR H 190 -11.53 -21.00 -22.69
N ARG H 191 -12.28 -20.47 -23.66
CA ARG H 191 -11.93 -19.22 -24.34
C ARG H 191 -12.67 -18.08 -23.66
N VAL H 192 -11.94 -17.05 -23.28
CA VAL H 192 -12.51 -15.93 -22.57
C VAL H 192 -12.26 -14.66 -23.38
N VAL H 193 -13.24 -13.77 -23.35
CA VAL H 193 -13.13 -12.44 -23.94
C VAL H 193 -13.63 -11.45 -22.90
N VAL H 194 -12.86 -10.38 -22.68
CA VAL H 194 -13.21 -9.40 -21.67
C VAL H 194 -13.40 -8.05 -22.37
N LEU H 195 -14.65 -7.55 -22.37
CA LEU H 195 -14.99 -6.27 -22.96
C LEU H 195 -14.84 -5.21 -21.88
N SER H 196 -13.87 -4.33 -22.03
CA SER H 196 -13.60 -3.25 -21.09
C SER H 196 -14.31 -1.98 -21.62
N PHE H 197 -15.09 -1.29 -20.77
CA PHE H 197 -15.79 -0.07 -21.22
C PHE H 197 -15.40 1.15 -20.41
N GLU H 198 -16.15 2.23 -20.67
CA GLU H 198 -16.13 3.49 -19.96
C GLU H 198 -17.51 4.10 -20.20
N LEU H 199 -18.08 4.77 -19.19
CA LEU H 199 -19.38 5.44 -19.41
C LEU H 199 -19.43 6.85 -18.84
N PRO H 203 -16.26 12.37 -25.69
CA PRO H 203 -16.82 11.80 -26.91
C PRO H 203 -16.88 10.26 -26.89
N ALA H 204 -17.88 9.72 -27.58
CA ALA H 204 -18.14 8.28 -27.63
C ALA H 204 -18.04 7.78 -29.06
N THR H 205 -17.24 6.74 -29.27
CA THR H 205 -17.05 6.21 -30.63
C THR H 205 -17.68 4.84 -30.84
N VAL H 206 -18.30 4.24 -29.83
CA VAL H 206 -18.90 2.93 -30.01
C VAL H 206 -20.29 2.95 -29.41
N CYS H 207 -21.29 2.72 -30.24
CA CYS H 207 -22.66 2.65 -29.75
C CYS H 207 -23.40 1.60 -30.55
N GLY H 208 -24.19 0.78 -29.87
CA GLY H 208 -25.10 -0.13 -30.53
C GLY H 208 -26.40 0.55 -30.88
N PRO H 209 -27.26 -0.17 -31.62
CA PRO H 209 -28.60 0.24 -32.10
C PRO H 209 -29.60 0.72 -31.00
N LEU I 17 41.48 39.74 3.51
CA LEU I 17 40.09 40.10 3.31
C LEU I 17 39.63 40.26 1.90
N CYS I 18 38.31 40.06 1.74
CA CYS I 18 37.36 40.37 0.70
C CYS I 18 36.77 41.75 0.93
N PRO I 19 36.64 42.55 -0.15
CA PRO I 19 36.34 43.98 -0.04
C PRO I 19 34.85 44.28 0.19
N PHE I 20 34.28 43.63 1.21
CA PHE I 20 32.92 43.94 1.62
C PHE I 20 32.76 45.39 2.06
N GLY I 21 33.81 45.99 2.61
CA GLY I 21 33.74 47.41 2.91
C GLY I 21 33.51 48.24 1.66
N GLU I 22 34.24 47.90 0.59
CA GLU I 22 34.16 48.67 -0.65
C GLU I 22 32.76 48.61 -1.26
N VAL I 23 32.08 47.47 -1.10
CA VAL I 23 30.78 47.24 -1.74
C VAL I 23 29.63 47.85 -0.92
N PHE I 24 29.58 47.57 0.39
CA PHE I 24 28.45 48.00 1.22
C PHE I 24 28.62 49.46 1.62
N ASN I 25 29.78 49.78 2.19
CA ASN I 25 30.10 51.12 2.62
C ASN I 25 30.48 52.03 1.45
N ALA I 26 30.29 51.55 0.21
CA ALA I 26 30.56 52.38 -0.96
C ALA I 26 29.92 53.75 -0.82
N THR I 27 30.71 54.77 -1.10
CA THR I 27 30.25 56.13 -0.89
C THR I 27 29.06 56.42 -1.78
N ARG I 28 29.07 55.92 -3.01
CA ARG I 28 27.99 56.13 -3.99
C ARG I 28 27.34 54.80 -4.37
N PHE I 29 26.06 54.85 -4.77
CA PHE I 29 25.39 53.65 -5.31
C PHE I 29 24.75 53.86 -6.69
N ALA I 30 24.61 52.72 -7.37
CA ALA I 30 24.17 52.67 -8.75
C ALA I 30 22.65 52.77 -8.87
N SER I 31 22.19 53.30 -9.99
CA SER I 31 20.79 53.20 -10.37
C SER I 31 20.43 51.76 -10.67
N VAL I 32 19.15 51.43 -10.45
CA VAL I 32 18.72 50.03 -10.48
C VAL I 32 18.75 49.43 -11.88
N TYR I 33 18.35 50.18 -12.92
CA TYR I 33 18.44 49.63 -14.28
C TYR I 33 19.88 49.35 -14.68
N ALA I 34 20.80 50.20 -14.18
CA ALA I 34 22.24 50.17 -14.41
C ALA I 34 22.96 49.67 -13.15
N TRP I 35 22.48 48.55 -12.63
CA TRP I 35 23.02 48.00 -11.41
C TRP I 35 24.50 47.69 -11.56
N ASN I 36 25.27 47.97 -10.53
CA ASN I 36 26.72 47.83 -10.61
C ASN I 36 27.10 46.47 -10.04
N ARG I 37 28.11 45.84 -10.64
CA ARG I 37 28.53 44.52 -10.19
C ARG I 37 29.99 44.52 -9.77
N LYS I 38 30.28 43.83 -8.66
CA LYS I 38 31.64 43.47 -8.29
C LYS I 38 31.80 41.96 -8.10
N ARG I 39 32.77 41.40 -8.82
CA ARG I 39 33.20 40.03 -8.63
C ARG I 39 34.03 39.96 -7.35
N ILE I 40 33.94 38.82 -6.66
CA ILE I 40 34.71 38.56 -5.46
C ILE I 40 35.32 37.18 -5.60
N SER I 41 36.65 37.12 -5.53
CA SER I 41 37.34 35.86 -5.65
C SER I 41 38.69 35.98 -4.97
N ASN I 42 39.24 34.81 -4.62
CA ASN I 42 40.56 34.65 -4.02
C ASN I 42 40.74 35.59 -2.83
N CYS I 43 39.98 35.28 -1.78
CA CYS I 43 40.06 35.99 -0.50
C CYS I 43 39.15 35.33 0.54
N VAL I 44 39.20 35.83 1.77
CA VAL I 44 38.45 35.30 2.91
C VAL I 44 37.37 36.27 3.34
N ALA I 45 36.13 35.77 3.36
CA ALA I 45 34.93 36.55 3.66
C ALA I 45 34.57 36.41 5.14
N ASP I 46 34.70 37.51 5.90
CA ASP I 46 34.34 37.49 7.31
C ASP I 46 32.97 38.14 7.39
N TYR I 47 31.92 37.32 7.33
CA TYR I 47 30.57 37.86 7.29
C TYR I 47 30.12 38.50 8.58
N SER I 48 30.76 38.18 9.71
CA SER I 48 30.37 38.78 10.97
C SER I 48 30.36 40.30 10.91
N VAL I 49 31.06 40.89 9.93
CA VAL I 49 31.06 42.35 9.80
C VAL I 49 29.67 42.81 9.40
N LEU I 50 28.93 41.91 8.73
CA LEU I 50 27.55 42.11 8.34
C LEU I 50 26.61 41.77 9.49
N TYR I 51 26.84 40.62 10.16
CA TYR I 51 26.01 40.24 11.29
C TYR I 51 25.96 41.36 12.32
N ASN I 52 27.10 41.98 12.59
CA ASN I 52 27.27 43.02 13.61
C ASN I 52 26.69 44.36 13.19
N SER I 53 26.29 44.53 11.92
CA SER I 53 25.79 45.82 11.49
C SER I 53 24.49 46.14 12.21
N ALA I 54 23.53 45.24 12.12
CA ALA I 54 22.22 45.42 12.74
C ALA I 54 21.58 46.74 12.34
N SER I 55 22.05 47.32 11.23
CA SER I 55 21.39 48.43 10.58
C SER I 55 20.57 47.98 9.38
N PHE I 56 20.54 46.66 9.11
CA PHE I 56 19.95 46.11 7.89
C PHE I 56 18.49 45.69 8.10
N SER I 57 17.58 46.23 7.29
CA SER I 57 16.18 45.85 7.40
C SER I 57 15.87 44.53 6.70
N THR I 58 16.68 44.12 5.72
CA THR I 58 16.46 42.85 5.05
C THR I 58 17.73 42.02 5.12
N PHE I 59 17.57 40.71 5.30
CA PHE I 59 18.76 39.91 5.24
C PHE I 59 18.31 38.50 4.98
N LYS I 60 17.89 38.17 3.76
CA LYS I 60 17.43 36.82 3.43
C LYS I 60 18.51 36.08 2.65
N CYS I 61 18.63 34.78 2.89
CA CYS I 61 19.51 33.92 2.09
C CYS I 61 18.73 32.77 1.50
N TYR I 62 19.04 32.44 0.27
CA TYR I 62 18.35 31.39 -0.47
C TYR I 62 19.32 30.25 -0.72
N GLY I 63 18.83 29.02 -0.66
CA GLY I 63 19.70 27.87 -0.87
C GLY I 63 20.58 27.50 0.29
N VAL I 64 20.76 28.40 1.26
CA VAL I 64 21.62 28.18 2.41
C VAL I 64 21.14 29.09 3.53
N SER I 65 21.42 28.70 4.80
CA SER I 65 21.03 29.44 6.00
C SER I 65 22.06 30.54 6.33
N PRO I 66 21.62 31.76 6.64
CA PRO I 66 22.57 32.85 6.88
C PRO I 66 23.47 32.63 8.08
N THR I 67 23.13 31.72 8.98
CA THR I 67 23.95 31.41 10.16
C THR I 67 25.17 30.58 9.79
N LYS I 68 25.12 29.90 8.66
CA LYS I 68 26.11 28.92 8.29
C LYS I 68 27.24 29.54 7.45
N LEU I 69 27.32 30.88 7.38
CA LEU I 69 28.11 31.53 6.34
C LEU I 69 29.60 31.52 6.63
N ASN I 70 30.00 31.86 7.87
CA ASN I 70 31.43 31.81 8.20
C ASN I 70 32.01 30.40 8.22
N ASP I 71 31.29 29.39 7.74
CA ASP I 71 31.66 28.01 7.97
C ASP I 71 31.75 27.22 6.66
N LEU I 72 31.73 27.92 5.51
CA LEU I 72 31.47 27.36 4.18
C LEU I 72 32.48 27.87 3.17
N CYS I 73 32.42 27.27 1.96
CA CYS I 73 33.32 27.63 0.85
C CYS I 73 32.58 27.81 -0.46
N PHE I 74 32.84 28.95 -1.13
CA PHE I 74 32.02 29.44 -2.24
C PHE I 74 32.84 29.47 -3.52
N THR I 75 32.17 29.21 -4.66
CA THR I 75 32.81 29.07 -5.97
C THR I 75 32.81 30.35 -6.83
N ASN I 76 31.61 30.77 -7.24
CA ASN I 76 31.38 32.03 -7.94
C ASN I 76 30.83 32.99 -6.91
N VAL I 77 31.47 34.13 -6.74
CA VAL I 77 30.94 35.14 -5.85
C VAL I 77 30.72 36.42 -6.66
N TYR I 78 29.52 36.98 -6.55
CA TYR I 78 29.27 38.31 -7.11
C TYR I 78 28.45 39.13 -6.13
N ALA I 79 28.73 40.43 -6.10
CA ALA I 79 28.08 41.38 -5.20
C ALA I 79 27.51 42.53 -6.02
N ASP I 80 26.21 42.45 -6.30
CA ASP I 80 25.46 43.42 -7.11
C ASP I 80 24.87 44.50 -6.23
N SER I 81 24.93 45.74 -6.64
CA SER I 81 24.44 46.78 -5.76
C SER I 81 23.69 47.87 -6.52
N PHE I 82 22.66 48.42 -5.89
CA PHE I 82 21.78 49.41 -6.54
C PHE I 82 20.86 50.02 -5.49
N VAL I 83 19.98 50.92 -5.96
CA VAL I 83 19.02 51.63 -5.12
C VAL I 83 17.61 51.48 -5.71
N ILE I 84 16.65 51.10 -4.87
CA ILE I 84 15.24 50.99 -5.23
C ILE I 84 14.41 51.64 -4.13
N ARG I 85 13.10 51.76 -4.34
CA ARG I 85 12.21 52.27 -3.29
C ARG I 85 11.64 51.11 -2.45
N GLY I 86 11.33 51.43 -1.18
CA GLY I 86 11.16 50.39 -0.15
C GLY I 86 10.22 49.26 -0.54
N ASP I 87 9.00 49.60 -0.92
CA ASP I 87 8.03 48.56 -1.20
C ASP I 87 8.30 47.84 -2.56
N GLU I 88 9.51 48.01 -3.07
CA GLU I 88 10.05 47.20 -4.16
C GLU I 88 11.05 46.16 -3.69
N VAL I 89 11.48 46.21 -2.41
CA VAL I 89 12.50 45.28 -1.94
C VAL I 89 12.02 43.85 -2.09
N ARG I 90 10.73 43.61 -1.96
CA ARG I 90 10.21 42.26 -2.14
C ARG I 90 10.46 41.67 -3.54
N GLN I 91 10.75 42.51 -4.54
CA GLN I 91 10.96 42.08 -5.92
C GLN I 91 12.37 41.57 -6.20
N ILE I 92 13.28 41.67 -5.23
CA ILE I 92 14.62 41.08 -5.35
C ILE I 92 14.60 39.67 -4.77
N ALA I 93 13.99 38.72 -5.47
CA ALA I 93 13.93 37.35 -4.97
C ALA I 93 13.74 36.43 -6.16
N PRO I 94 14.07 35.14 -6.00
CA PRO I 94 13.79 34.19 -7.08
C PRO I 94 12.31 34.23 -7.41
N GLY I 95 11.98 34.17 -8.70
CA GLY I 95 10.57 33.95 -8.97
C GLY I 95 9.64 35.10 -8.65
N GLN I 96 10.16 36.33 -8.48
CA GLN I 96 9.34 37.53 -8.37
C GLN I 96 9.05 38.14 -9.74
N THR I 97 8.06 39.04 -9.76
CA THR I 97 7.71 39.86 -10.93
C THR I 97 7.21 41.24 -10.46
N GLY I 98 7.16 42.18 -11.41
CA GLY I 98 6.95 43.58 -11.11
C GLY I 98 7.78 44.48 -12.01
N LYS I 99 7.76 45.80 -11.82
CA LYS I 99 8.61 46.67 -12.65
C LYS I 99 10.10 46.38 -12.45
N ILE I 100 10.56 46.22 -11.20
CA ILE I 100 11.98 45.97 -10.95
C ILE I 100 12.39 44.57 -11.37
N ALA I 101 11.65 43.56 -10.90
CA ALA I 101 12.06 42.19 -11.18
C ALA I 101 11.94 41.80 -12.65
N ASP I 102 11.31 42.63 -13.49
CA ASP I 102 11.13 42.31 -14.90
C ASP I 102 11.91 43.22 -15.83
N TYR I 103 12.07 44.48 -15.46
CA TYR I 103 12.66 45.44 -16.38
C TYR I 103 14.03 45.95 -15.92
N ASN I 104 14.51 45.50 -14.78
CA ASN I 104 15.73 46.04 -14.21
C ASN I 104 16.72 45.00 -13.72
N TYR I 105 16.28 44.12 -12.81
CA TYR I 105 17.15 43.18 -12.13
C TYR I 105 16.39 41.90 -11.81
N LYS I 106 16.77 40.78 -12.42
CA LYS I 106 16.00 39.53 -12.39
C LYS I 106 16.82 38.38 -11.82
N LEU I 107 16.36 37.80 -10.62
CA LEU I 107 17.09 36.63 -10.11
C LEU I 107 16.51 35.35 -10.70
N PRO I 108 17.35 34.31 -10.95
CA PRO I 108 16.83 33.05 -11.52
C PRO I 108 15.95 32.28 -10.55
N ASP I 109 15.37 31.16 -10.96
CA ASP I 109 14.40 30.52 -10.08
C ASP I 109 15.03 29.63 -9.02
N ASP I 110 16.33 29.29 -9.17
CA ASP I 110 17.08 28.55 -8.15
C ASP I 110 18.23 29.37 -7.53
N PHE I 111 18.17 30.69 -7.61
CA PHE I 111 19.18 31.55 -7.02
C PHE I 111 19.70 31.01 -5.70
N THR I 112 21.02 31.00 -5.58
CA THR I 112 21.72 30.64 -4.37
C THR I 112 22.54 31.84 -3.94
N GLY I 113 22.23 32.40 -2.79
CA GLY I 113 22.95 33.58 -2.33
C GLY I 113 22.11 34.36 -1.33
N CYS I 114 22.58 35.57 -1.04
CA CYS I 114 21.94 36.40 -0.03
C CYS I 114 21.60 37.76 -0.60
N VAL I 115 20.48 38.30 -0.12
CA VAL I 115 19.99 39.64 -0.46
C VAL I 115 19.94 40.44 0.82
N ILE I 116 20.55 41.61 0.82
CA ILE I 116 20.58 42.49 1.98
C ILE I 116 20.10 43.86 1.54
N ALA I 117 19.39 44.55 2.43
CA ALA I 117 18.93 45.88 2.10
C ALA I 117 18.90 46.72 3.35
N TRP I 118 18.94 48.03 3.14
CA TRP I 118 18.74 48.94 4.25
C TRP I 118 18.21 50.26 3.72
N ASN I 119 17.29 50.83 4.47
CA ASN I 119 16.82 52.18 4.20
C ASN I 119 18.00 53.14 4.34
N SER I 120 18.08 54.07 3.41
CA SER I 120 19.18 55.02 3.38
C SER I 120 18.66 56.43 3.10
N ASN I 121 17.47 56.74 3.60
CA ASN I 121 16.84 58.04 3.26
C ASN I 121 17.80 59.16 3.60
N ASN I 122 18.63 58.94 4.58
CA ASN I 122 19.50 60.05 5.04
C ASN I 122 20.44 60.42 3.92
N LEU I 123 20.85 59.45 3.10
CA LEU I 123 21.92 59.76 2.13
C LEU I 123 21.45 59.93 0.69
N ASP I 124 20.26 59.48 0.32
CA ASP I 124 19.91 59.50 -1.12
C ASP I 124 18.72 60.40 -1.41
N SER I 125 18.09 60.97 -0.39
CA SER I 125 17.03 61.94 -0.59
C SER I 125 17.56 63.30 -0.24
N LYS I 126 17.27 64.27 -1.11
CA LYS I 126 17.68 65.64 -0.92
C LYS I 126 16.41 66.48 -0.81
N VAL I 127 16.50 67.60 -0.08
CA VAL I 127 15.34 68.47 0.08
C VAL I 127 14.90 68.96 -1.29
N GLY I 128 13.62 68.73 -1.62
CA GLY I 128 13.07 69.02 -2.93
C GLY I 128 12.97 67.82 -3.85
N GLY I 129 13.96 66.92 -3.76
CA GLY I 129 13.92 65.66 -4.48
C GLY I 129 15.21 65.31 -5.20
N ASN I 130 15.75 64.11 -4.97
CA ASN I 130 16.94 63.66 -5.71
C ASN I 130 16.44 62.86 -6.89
N TYR I 131 16.65 63.37 -8.10
CA TYR I 131 16.14 62.72 -9.30
C TYR I 131 17.25 61.98 -10.06
N ASN I 132 18.43 61.81 -9.43
CA ASN I 132 19.55 61.07 -10.02
C ASN I 132 19.30 59.55 -10.09
N TYR I 133 18.53 58.99 -9.17
CA TYR I 133 18.26 57.56 -9.23
C TYR I 133 17.11 57.30 -10.19
N LEU I 134 17.30 56.34 -11.11
CA LEU I 134 16.32 56.01 -12.14
C LEU I 134 15.97 54.53 -12.07
N TYR I 135 14.96 54.16 -12.88
CA TYR I 135 14.59 52.76 -13.09
C TYR I 135 13.95 52.63 -14.47
N ARG I 136 14.04 51.45 -15.06
CA ARG I 136 13.40 51.22 -16.35
C ARG I 136 11.93 50.88 -16.16
N LEU I 137 11.07 51.54 -16.94
CA LEU I 137 9.62 51.39 -16.84
C LEU I 137 8.99 50.61 -17.99
N PHE I 138 9.56 50.64 -19.21
CA PHE I 138 8.98 49.96 -20.36
C PHE I 138 10.00 49.04 -21.00
N ARG I 139 9.55 47.88 -21.46
CA ARG I 139 10.48 47.04 -22.20
C ARG I 139 9.71 46.08 -23.08
N LYS I 140 10.25 45.84 -24.28
CA LYS I 140 9.58 44.99 -25.23
C LYS I 140 9.40 43.59 -24.68
N SER I 141 10.33 43.14 -23.84
CA SER I 141 10.25 41.84 -23.19
C SER I 141 11.05 41.87 -21.89
N ASN I 142 10.99 40.74 -21.16
CA ASN I 142 11.63 40.57 -19.85
C ASN I 142 13.14 40.36 -19.92
N LEU I 143 13.81 40.83 -18.88
CA LEU I 143 15.21 40.54 -18.73
C LEU I 143 15.40 39.04 -18.58
N LYS I 144 16.54 38.53 -19.05
CA LYS I 144 16.96 37.20 -18.64
C LYS I 144 17.66 37.33 -17.29
N PRO I 145 17.74 36.25 -16.51
CA PRO I 145 18.40 36.36 -15.19
C PRO I 145 19.84 36.87 -15.30
N PHE I 146 20.12 37.95 -14.52
CA PHE I 146 21.41 38.65 -14.46
C PHE I 146 21.71 39.42 -15.75
N GLU I 147 20.71 40.07 -16.33
CA GLU I 147 20.90 40.96 -17.47
C GLU I 147 20.91 42.40 -16.99
N ARG I 148 21.84 43.20 -17.56
CA ARG I 148 21.92 44.64 -17.34
C ARG I 148 21.61 45.32 -18.67
N ASP I 149 20.58 46.19 -18.68
CA ASP I 149 20.13 46.84 -19.90
C ASP I 149 20.09 48.35 -19.66
N ILE I 150 21.10 49.04 -20.20
CA ILE I 150 21.29 50.47 -20.00
C ILE I 150 20.92 51.28 -21.25
N SER I 151 20.26 50.67 -22.22
CA SER I 151 19.89 51.38 -23.44
C SER I 151 18.88 52.46 -23.12
N THR I 152 18.88 53.51 -23.94
CA THR I 152 17.86 54.55 -23.87
C THR I 152 17.07 54.55 -25.18
N GLU I 153 16.90 53.35 -25.74
CA GLU I 153 16.03 53.10 -26.87
C GLU I 153 14.64 53.66 -26.57
N ILE I 154 14.12 54.51 -27.46
CA ILE I 154 12.74 54.97 -27.29
C ILE I 154 11.80 53.79 -27.42
N TYR I 155 10.81 53.70 -26.52
CA TYR I 155 9.86 52.60 -26.52
C TYR I 155 8.60 52.97 -27.32
N GLN I 156 8.20 52.07 -28.21
CA GLN I 156 7.06 52.20 -29.11
C GLN I 156 5.78 51.63 -28.48
N ALA I 157 4.99 52.50 -27.86
CA ALA I 157 3.71 52.11 -27.26
C ALA I 157 2.57 52.06 -28.27
N GLY I 158 2.85 52.39 -29.54
CA GLY I 158 1.82 52.31 -30.56
C GLY I 158 2.24 51.39 -31.69
N SER I 159 1.47 51.44 -32.77
CA SER I 159 1.70 50.63 -33.97
C SER I 159 2.41 51.42 -35.07
N THR I 160 2.44 52.77 -34.96
CA THR I 160 3.12 53.79 -35.76
C THR I 160 4.53 54.05 -35.24
N PRO I 161 5.55 53.32 -35.72
CA PRO I 161 6.93 53.42 -35.16
C PRO I 161 7.60 54.79 -35.28
N CYS I 162 8.72 54.96 -34.53
CA CYS I 162 9.05 56.25 -33.92
C CYS I 162 10.21 57.08 -34.47
N ASN I 163 11.22 56.50 -35.14
CA ASN I 163 12.47 57.25 -35.46
C ASN I 163 13.12 57.85 -34.22
N GLY I 164 13.01 57.19 -33.06
CA GLY I 164 13.76 57.66 -31.91
C GLY I 164 13.39 59.04 -31.41
N VAL I 165 12.14 59.46 -31.60
CA VAL I 165 11.73 60.78 -31.14
C VAL I 165 10.59 60.61 -30.15
N GLU I 166 10.67 61.40 -29.08
CA GLU I 166 9.71 61.38 -27.99
C GLU I 166 8.38 61.93 -28.48
N GLY I 167 7.28 61.52 -27.84
CA GLY I 167 6.01 62.12 -28.26
C GLY I 167 4.82 61.29 -27.81
N PHE I 168 3.75 61.39 -28.60
CA PHE I 168 2.57 60.55 -28.42
C PHE I 168 2.86 59.08 -28.71
N ASN I 169 2.64 58.24 -27.68
CA ASN I 169 2.87 56.78 -27.69
C ASN I 169 4.32 56.43 -28.05
N CYS I 170 5.27 57.33 -27.70
CA CYS I 170 6.71 57.10 -27.88
C CYS I 170 7.40 57.70 -26.65
N TYR I 171 7.82 56.85 -25.75
CA TYR I 171 8.27 57.27 -24.44
C TYR I 171 9.74 56.96 -24.26
N PHE I 172 10.38 57.84 -23.51
CA PHE I 172 11.71 57.56 -22.99
C PHE I 172 11.67 56.37 -22.02
N PRO I 173 12.56 55.39 -22.18
CA PRO I 173 12.38 54.13 -21.42
C PRO I 173 12.68 54.23 -19.93
N LEU I 174 13.47 55.19 -19.49
CA LEU I 174 13.85 55.35 -18.09
C LEU I 174 13.03 56.42 -17.42
N GLN I 175 12.82 56.24 -16.11
CA GLN I 175 12.02 57.15 -15.29
C GLN I 175 12.82 57.52 -14.05
N SER I 176 12.39 58.58 -13.36
CA SER I 176 13.12 59.07 -12.20
C SER I 176 12.42 58.70 -10.89
N TYR I 177 13.21 58.52 -9.82
CA TYR I 177 12.68 58.37 -8.46
C TYR I 177 12.66 59.75 -7.80
N GLY I 178 11.62 60.06 -7.03
CA GLY I 178 11.53 61.38 -6.36
C GLY I 178 11.92 61.27 -4.92
N PHE I 179 13.21 61.19 -4.62
CA PHE I 179 13.63 60.92 -3.23
C PHE I 179 13.66 62.16 -2.36
N GLN I 180 12.48 62.55 -1.89
CA GLN I 180 12.42 63.67 -0.97
C GLN I 180 12.58 63.06 0.42
N PRO I 181 13.07 63.80 1.40
CA PRO I 181 13.09 63.32 2.80
C PRO I 181 11.69 63.25 3.40
N THR I 182 10.73 63.95 2.81
CA THR I 182 9.35 64.01 3.24
C THR I 182 8.52 62.86 2.68
N ASN I 183 9.16 61.85 2.08
CA ASN I 183 8.40 60.79 1.43
C ASN I 183 7.91 59.78 2.44
N GLY I 184 6.91 59.00 2.01
CA GLY I 184 6.44 57.89 2.79
C GLY I 184 7.55 56.92 3.16
N VAL I 185 7.28 56.06 4.15
CA VAL I 185 8.29 55.16 4.69
C VAL I 185 8.73 54.12 3.66
N GLY I 186 7.82 53.65 2.82
CA GLY I 186 8.17 52.70 1.77
C GLY I 186 8.64 53.30 0.45
N TYR I 187 8.58 54.62 0.31
CA TYR I 187 9.04 55.36 -0.86
C TYR I 187 10.40 56.00 -0.68
N GLN I 188 11.14 55.51 0.19
CA GLN I 188 12.46 55.98 0.52
C GLN I 188 13.50 55.16 -0.21
N PRO I 189 14.75 55.61 -0.27
CA PRO I 189 15.77 54.82 -0.96
C PRO I 189 16.25 53.67 -0.08
N TYR I 190 16.30 52.49 -0.67
CA TYR I 190 16.87 51.33 -0.01
C TYR I 190 18.06 50.90 -0.85
N ARG I 191 19.19 50.65 -0.20
CA ARG I 191 20.40 50.17 -0.84
C ARG I 191 20.46 48.67 -0.73
N VAL I 192 20.59 47.98 -1.85
CA VAL I 192 20.51 46.54 -1.87
C VAL I 192 21.83 45.98 -2.38
N VAL I 193 22.23 44.84 -1.81
CA VAL I 193 23.40 44.10 -2.28
C VAL I 193 23.01 42.63 -2.39
N VAL I 194 23.30 42.01 -3.53
CA VAL I 194 22.93 40.63 -3.82
C VAL I 194 24.20 39.79 -4.00
N LEU I 195 24.39 38.82 -3.12
CA LEU I 195 25.54 37.93 -3.19
C LEU I 195 25.21 36.68 -3.99
N SER I 196 25.94 36.42 -5.07
CA SER I 196 25.78 35.19 -5.87
C SER I 196 26.76 34.11 -5.41
N PHE I 197 26.30 32.87 -5.17
CA PHE I 197 27.24 31.79 -4.78
C PHE I 197 27.20 30.55 -5.67
N GLU I 198 27.89 29.53 -5.17
CA GLU I 198 27.83 28.11 -5.51
C GLU I 198 28.25 27.39 -4.22
N LEU I 199 27.93 26.08 -4.09
CA LEU I 199 28.28 25.33 -2.84
C LEU I 199 29.72 25.58 -2.34
N PRO I 203 36.37 23.94 -8.34
CA PRO I 203 37.27 24.56 -7.35
C PRO I 203 36.74 25.88 -6.73
N ALA I 204 37.01 26.11 -5.44
CA ALA I 204 36.43 27.21 -4.66
C ALA I 204 37.49 28.20 -4.18
N THR I 205 37.28 29.50 -4.47
CA THR I 205 38.27 30.54 -4.23
C THR I 205 37.98 31.45 -3.03
N VAL I 206 36.83 31.29 -2.36
CA VAL I 206 36.43 32.15 -1.25
C VAL I 206 35.93 31.29 -0.10
N CYS I 207 36.49 31.50 1.11
CA CYS I 207 36.01 30.82 2.32
C CYS I 207 36.05 31.79 3.48
N GLY I 208 35.06 31.69 4.36
CA GLY I 208 35.09 32.33 5.65
C GLY I 208 35.79 31.44 6.66
N PRO I 209 36.03 31.93 7.90
CA PRO I 209 36.69 31.23 9.03
C PRO I 209 36.08 29.86 9.45
#